data_1E4U
#
_entry.id   1E4U
#
_cell.length_a   1.000
_cell.length_b   1.000
_cell.length_c   1.000
_cell.angle_alpha   90.00
_cell.angle_beta   90.00
_cell.angle_gamma   90.00
#
_symmetry.space_group_name_H-M   'P 1'
#
loop_
_entity.id
_entity.type
_entity.pdbx_description
1 polymer 'TRANSCRIPTIONAL REPRESSOR NOT4'
2 non-polymer 'ZINC ION'
#
_entity_poly.entity_id   1
_entity_poly.type   'polypeptide(L)'
_entity_poly.pdbx_seq_one_letter_code
;MSRSPDAKEDPVECPLCMEPLEIDDINFFPCTCGYQICRFCWHRIRTDENGLCPACRKPYPEDPAVYKPLSQEELQRI
;
_entity_poly.pdbx_strand_id   A
#
loop_
_chem_comp.id
_chem_comp.type
_chem_comp.name
_chem_comp.formula
ZN non-polymer 'ZINC ION' 'Zn 2'
#
# COMPACT_ATOMS: atom_id res chain seq x y z
N MET A 1 -32.75 -7.61 17.26
CA MET A 1 -34.16 -7.27 16.98
C MET A 1 -34.43 -7.36 15.48
N SER A 2 -33.89 -8.35 14.82
CA SER A 2 -34.10 -8.49 13.36
C SER A 2 -34.20 -9.97 12.97
N ARG A 3 -34.56 -10.26 11.76
CA ARG A 3 -34.68 -11.68 11.33
C ARG A 3 -33.47 -12.05 10.45
N SER A 4 -32.63 -11.10 10.16
CA SER A 4 -31.44 -11.39 9.32
C SER A 4 -30.33 -12.00 10.18
N PRO A 5 -29.55 -12.87 9.58
CA PRO A 5 -28.44 -13.54 10.26
C PRO A 5 -27.23 -12.60 10.38
N ASP A 6 -27.20 -11.56 9.59
CA ASP A 6 -26.06 -10.61 9.66
C ASP A 6 -26.59 -9.17 9.62
N ALA A 7 -26.81 -8.58 10.75
CA ALA A 7 -27.32 -7.17 10.77
C ALA A 7 -26.24 -6.24 11.32
N LYS A 8 -25.03 -6.38 10.88
CA LYS A 8 -23.95 -5.49 11.38
C LYS A 8 -22.68 -5.69 10.55
N GLU A 9 -21.75 -4.78 10.65
CA GLU A 9 -20.50 -4.91 9.87
C GLU A 9 -19.37 -4.15 10.59
N ASP A 10 -18.19 -4.70 10.61
CA ASP A 10 -17.06 -4.03 11.31
C ASP A 10 -16.12 -3.39 10.28
N PRO A 11 -15.41 -2.37 10.72
CA PRO A 11 -14.45 -1.65 9.88
C PRO A 11 -13.14 -2.44 9.75
N VAL A 12 -12.32 -2.11 8.79
CA VAL A 12 -11.03 -2.83 8.63
C VAL A 12 -9.99 -2.24 9.58
N GLU A 13 -9.04 -3.01 10.00
CA GLU A 13 -8.01 -2.48 10.94
C GLU A 13 -6.62 -2.73 10.38
N CYS A 14 -5.83 -1.71 10.22
CA CYS A 14 -4.45 -1.90 9.69
C CYS A 14 -3.78 -3.03 10.49
N PRO A 15 -3.51 -4.14 9.82
CA PRO A 15 -2.87 -5.29 10.46
C PRO A 15 -1.35 -5.06 10.59
N LEU A 16 -0.91 -3.87 10.28
CA LEU A 16 0.55 -3.57 10.38
C LEU A 16 0.84 -2.76 11.64
N CYS A 17 0.00 -1.80 11.93
CA CYS A 17 0.22 -0.96 13.15
C CYS A 17 -1.00 -1.05 14.05
N MET A 18 -2.14 -1.38 13.48
CA MET A 18 -3.40 -1.49 14.27
C MET A 18 -4.05 -0.12 14.41
N GLU A 19 -4.96 0.20 13.52
CA GLU A 19 -5.65 1.52 13.59
C GLU A 19 -6.94 1.46 12.77
N PRO A 20 -7.72 2.51 12.85
CA PRO A 20 -8.99 2.62 12.12
C PRO A 20 -8.75 2.97 10.65
N LEU A 21 -9.00 2.05 9.76
CA LEU A 21 -8.79 2.33 8.31
C LEU A 21 -9.86 3.31 7.81
N GLU A 22 -9.45 4.37 7.18
CA GLU A 22 -10.45 5.35 6.66
C GLU A 22 -11.24 4.72 5.51
N ILE A 23 -12.08 5.49 4.88
CA ILE A 23 -12.88 4.93 3.75
C ILE A 23 -11.96 4.73 2.53
N ASP A 24 -11.24 5.74 2.16
CA ASP A 24 -10.33 5.61 0.98
C ASP A 24 -9.08 4.82 1.38
N ASP A 25 -9.00 4.39 2.61
CA ASP A 25 -7.81 3.62 3.06
C ASP A 25 -8.13 2.13 3.06
N ILE A 26 -9.37 1.78 2.93
CA ILE A 26 -9.76 0.34 2.92
C ILE A 26 -8.96 -0.40 1.85
N ASN A 27 -9.14 -0.02 0.61
CA ASN A 27 -8.40 -0.69 -0.49
C ASN A 27 -7.10 0.07 -0.76
N PHE A 28 -6.47 0.57 0.28
CA PHE A 28 -5.20 1.31 0.07
C PHE A 28 -4.02 0.41 0.43
N PHE A 29 -3.68 -0.50 -0.45
CA PHE A 29 -2.53 -1.40 -0.17
C PHE A 29 -1.38 -1.02 -1.10
N PRO A 30 -0.18 -1.13 -0.59
CA PRO A 30 1.03 -0.82 -1.36
C PRO A 30 1.34 -1.97 -2.30
N CYS A 31 0.56 -3.02 -2.25
CA CYS A 31 0.80 -4.18 -3.14
C CYS A 31 -0.54 -4.81 -3.53
N THR A 32 -0.60 -5.48 -4.64
CA THR A 32 -1.89 -6.10 -5.08
C THR A 32 -2.01 -7.53 -4.54
N CYS A 33 -1.14 -7.92 -3.65
CA CYS A 33 -1.24 -9.31 -3.10
C CYS A 33 -2.11 -9.31 -1.85
N GLY A 34 -2.68 -8.19 -1.50
CA GLY A 34 -3.55 -8.13 -0.29
C GLY A 34 -2.81 -7.42 0.85
N TYR A 35 -1.55 -7.68 1.01
CA TYR A 35 -0.78 -7.01 2.11
C TYR A 35 -1.12 -5.51 2.08
N GLN A 36 -2.09 -5.12 2.86
CA GLN A 36 -2.50 -3.68 2.86
C GLN A 36 -2.05 -3.02 4.16
N ILE A 37 -1.73 -1.76 4.10
CA ILE A 37 -1.30 -1.03 5.32
C ILE A 37 -2.02 0.32 5.37
N CYS A 38 -1.84 1.06 6.43
CA CYS A 38 -2.51 2.39 6.51
C CYS A 38 -1.58 3.44 5.92
N ARG A 39 -1.79 4.70 6.24
CA ARG A 39 -0.91 5.75 5.68
C ARG A 39 0.36 5.88 6.55
N PHE A 40 0.24 5.61 7.82
CA PHE A 40 1.44 5.71 8.70
C PHE A 40 2.33 4.49 8.48
N CYS A 41 1.79 3.44 7.91
CA CYS A 41 2.60 2.21 7.67
C CYS A 41 3.22 2.30 6.27
N TRP A 42 2.54 2.94 5.36
CA TRP A 42 3.09 3.06 3.97
C TRP A 42 4.01 4.28 3.89
N HIS A 43 3.83 5.24 4.75
CA HIS A 43 4.70 6.45 4.71
C HIS A 43 6.10 6.09 5.23
N ARG A 44 6.26 4.90 5.73
CA ARG A 44 7.60 4.50 6.24
C ARG A 44 8.21 3.44 5.31
N ILE A 45 7.39 2.58 4.77
CA ILE A 45 7.92 1.54 3.85
C ILE A 45 8.38 2.18 2.56
N ARG A 46 7.65 3.16 2.08
CA ARG A 46 8.04 3.84 0.81
C ARG A 46 8.95 5.02 1.14
N THR A 47 9.52 5.05 2.31
CA THR A 47 10.41 6.18 2.69
C THR A 47 11.76 5.64 3.15
N ASP A 48 11.82 5.11 4.33
CA ASP A 48 13.11 4.57 4.85
C ASP A 48 13.24 3.08 4.47
N GLU A 49 12.44 2.62 3.55
CA GLU A 49 12.52 1.19 3.13
C GLU A 49 12.63 1.11 1.61
N ASN A 50 12.61 -0.09 1.08
CA ASN A 50 12.71 -0.24 -0.39
C ASN A 50 11.30 -0.22 -1.00
N GLY A 51 10.35 0.31 -0.28
CA GLY A 51 8.96 0.37 -0.80
C GLY A 51 8.58 -1.00 -1.36
N LEU A 52 9.13 -2.06 -0.82
CA LEU A 52 8.80 -3.41 -1.33
C LEU A 52 7.71 -4.04 -0.46
N CYS A 53 7.22 -5.18 -0.86
CA CYS A 53 6.15 -5.86 -0.07
C CYS A 53 6.79 -6.83 0.94
N PRO A 54 6.51 -6.64 2.20
CA PRO A 54 7.05 -7.50 3.26
C PRO A 54 6.23 -8.80 3.34
N ALA A 55 5.20 -8.91 2.55
CA ALA A 55 4.37 -10.14 2.60
C ALA A 55 4.68 -11.04 1.39
N CYS A 56 4.73 -10.48 0.21
CA CYS A 56 5.02 -11.31 -0.99
C CYS A 56 6.36 -10.90 -1.60
N ARG A 57 6.95 -9.83 -1.11
CA ARG A 57 8.25 -9.38 -1.66
C ARG A 57 8.06 -8.87 -3.09
N LYS A 58 7.43 -7.73 -3.25
CA LYS A 58 7.19 -7.17 -4.61
C LYS A 58 7.17 -5.65 -4.52
N PRO A 59 7.54 -5.00 -5.60
CA PRO A 59 7.56 -3.53 -5.67
C PRO A 59 6.15 -2.97 -5.78
N TYR A 60 5.72 -2.21 -4.81
CA TYR A 60 4.34 -1.64 -4.84
C TYR A 60 4.03 -1.16 -6.26
N PRO A 61 2.77 -1.28 -6.64
CA PRO A 61 2.31 -0.86 -7.98
C PRO A 61 2.14 0.65 -8.04
N GLU A 62 3.14 1.36 -8.48
CA GLU A 62 3.02 2.84 -8.57
C GLU A 62 4.39 3.46 -8.85
N ASP A 63 5.19 2.82 -9.66
CA ASP A 63 6.54 3.37 -9.96
C ASP A 63 7.30 3.62 -8.66
N PRO A 64 7.74 2.54 -8.05
CA PRO A 64 8.49 2.60 -6.79
C PRO A 64 9.95 3.02 -7.04
N ALA A 65 10.67 2.23 -7.78
CA ALA A 65 12.09 2.57 -8.08
C ALA A 65 12.20 3.14 -9.48
N VAL A 66 11.94 2.33 -10.49
CA VAL A 66 12.04 2.83 -11.89
C VAL A 66 11.00 2.11 -12.76
N TYR A 67 10.83 0.83 -12.56
CA TYR A 67 9.84 0.07 -13.38
C TYR A 67 10.41 -0.17 -14.78
N LYS A 68 10.36 -1.38 -15.26
CA LYS A 68 10.91 -1.68 -16.61
C LYS A 68 10.09 -2.81 -17.26
N PRO A 69 9.55 -2.54 -18.43
CA PRO A 69 8.74 -3.53 -19.17
C PRO A 69 9.66 -4.52 -19.89
N LEU A 70 10.35 -4.08 -20.90
CA LEU A 70 11.26 -5.01 -21.64
C LEU A 70 12.11 -4.20 -22.62
N SER A 71 12.97 -3.36 -22.14
CA SER A 71 13.84 -2.54 -23.04
C SER A 71 14.83 -3.45 -23.76
N GLN A 72 15.91 -2.90 -24.26
CA GLN A 72 16.91 -3.73 -24.97
C GLN A 72 17.32 -4.91 -24.09
N GLU A 73 17.18 -6.11 -24.59
CA GLU A 73 17.54 -7.31 -23.78
C GLU A 73 19.00 -7.69 -24.05
N GLU A 74 19.44 -7.52 -25.27
CA GLU A 74 20.86 -7.88 -25.60
C GLU A 74 21.68 -6.61 -25.83
N LEU A 75 21.04 -5.47 -25.83
CA LEU A 75 21.79 -4.20 -26.06
C LEU A 75 22.48 -4.26 -27.41
N GLN A 76 21.72 -4.21 -28.47
CA GLN A 76 22.34 -4.27 -29.84
C GLN A 76 23.39 -3.17 -29.99
N ARG A 77 23.02 -1.95 -29.74
CA ARG A 77 24.00 -0.84 -29.88
C ARG A 77 24.59 -0.85 -31.29
N ILE A 78 25.63 -0.11 -31.52
CA ILE A 78 26.25 -0.10 -32.88
C ILE A 78 27.63 -0.76 -32.83
ZN ZN B . -0.78 0.97 9.83
ZN ZN C . 2.65 -8.10 -1.94
N MET A 1 -19.12 13.63 22.46
CA MET A 1 -18.05 12.59 22.49
C MET A 1 -18.37 11.51 21.45
N SER A 2 -17.37 10.83 20.97
CA SER A 2 -17.59 9.77 19.95
C SER A 2 -16.26 9.13 19.58
N ARG A 3 -16.25 7.86 19.28
CA ARG A 3 -14.98 7.18 18.91
C ARG A 3 -15.16 6.41 17.60
N SER A 4 -16.06 5.46 17.57
CA SER A 4 -16.28 4.68 16.33
C SER A 4 -17.72 4.90 15.82
N PRO A 5 -17.86 5.82 14.90
CA PRO A 5 -19.17 6.15 14.31
C PRO A 5 -19.56 5.10 13.26
N ASP A 6 -18.77 4.06 13.13
CA ASP A 6 -19.09 3.01 12.13
C ASP A 6 -20.58 2.66 12.21
N ALA A 7 -21.27 2.72 11.10
CA ALA A 7 -22.72 2.38 11.13
C ALA A 7 -22.96 1.08 10.38
N LYS A 8 -21.91 0.46 9.90
CA LYS A 8 -22.07 -0.82 9.16
C LYS A 8 -21.04 -1.84 9.66
N GLU A 9 -21.08 -3.03 9.15
CA GLU A 9 -20.09 -4.06 9.58
C GLU A 9 -18.83 -3.95 8.73
N ASP A 10 -17.82 -3.28 9.23
CA ASP A 10 -16.56 -3.13 8.45
C ASP A 10 -15.38 -3.00 9.41
N PRO A 11 -15.05 -4.10 10.06
CA PRO A 11 -13.94 -4.14 11.02
C PRO A 11 -12.59 -4.21 10.29
N VAL A 12 -12.21 -3.15 9.65
CA VAL A 12 -10.90 -3.15 8.91
C VAL A 12 -9.96 -2.14 9.56
N GLU A 13 -8.82 -2.56 10.00
CA GLU A 13 -7.86 -1.61 10.64
C GLU A 13 -6.43 -2.14 10.49
N CYS A 14 -5.50 -1.29 10.11
CA CYS A 14 -4.09 -1.73 9.95
C CYS A 14 -3.74 -2.74 11.03
N PRO A 15 -3.67 -3.99 10.66
CA PRO A 15 -3.34 -5.08 11.60
C PRO A 15 -1.83 -5.11 11.89
N LEU A 16 -1.11 -4.14 11.40
CA LEU A 16 0.36 -4.12 11.64
C LEU A 16 0.68 -2.99 12.62
N CYS A 17 -0.19 -2.04 12.77
CA CYS A 17 0.08 -0.92 13.72
C CYS A 17 -1.23 -0.52 14.42
N MET A 18 -2.25 -1.31 14.27
CA MET A 18 -3.55 -0.97 14.93
C MET A 18 -4.00 0.41 14.46
N GLU A 19 -4.75 0.47 13.39
CA GLU A 19 -5.22 1.80 12.88
C GLU A 19 -6.56 1.60 12.15
N PRO A 20 -7.46 2.53 12.36
CA PRO A 20 -8.80 2.47 11.73
C PRO A 20 -8.71 2.85 10.25
N LEU A 21 -9.05 1.94 9.38
CA LEU A 21 -8.99 2.24 7.91
C LEU A 21 -10.33 2.82 7.45
N GLU A 22 -10.31 4.01 6.91
CA GLU A 22 -11.59 4.62 6.45
C GLU A 22 -12.13 3.81 5.27
N ILE A 23 -12.99 4.40 4.47
CA ILE A 23 -13.55 3.65 3.31
C ILE A 23 -12.53 3.64 2.17
N ASP A 24 -11.96 4.77 1.84
CA ASP A 24 -10.96 4.82 0.75
C ASP A 24 -9.60 4.31 1.24
N ASP A 25 -9.47 4.14 2.53
CA ASP A 25 -8.16 3.65 3.07
C ASP A 25 -8.15 2.13 3.09
N ILE A 26 -9.25 1.51 2.75
CA ILE A 26 -9.29 0.02 2.76
C ILE A 26 -8.70 -0.52 1.45
N ASN A 27 -8.97 0.13 0.34
CA ASN A 27 -8.42 -0.36 -0.95
C ASN A 27 -7.07 0.30 -1.21
N PHE A 28 -6.42 0.80 -0.19
CA PHE A 28 -5.09 1.43 -0.40
C PHE A 28 -3.99 0.50 0.11
N PHE A 29 -3.42 -0.29 -0.76
CA PHE A 29 -2.32 -1.20 -0.34
C PHE A 29 -1.06 -0.84 -1.12
N PRO A 30 0.06 -1.05 -0.50
CA PRO A 30 1.35 -0.77 -1.14
C PRO A 30 1.67 -1.88 -2.13
N CYS A 31 0.93 -2.96 -2.08
CA CYS A 31 1.18 -4.08 -3.03
C CYS A 31 -0.18 -4.66 -3.47
N THR A 32 -0.24 -5.22 -4.65
CA THR A 32 -1.54 -5.79 -5.12
C THR A 32 -1.65 -7.26 -4.72
N CYS A 33 -1.46 -7.56 -3.46
CA CYS A 33 -1.57 -8.98 -3.01
C CYS A 33 -2.48 -9.05 -1.78
N GLY A 34 -3.32 -8.07 -1.59
CA GLY A 34 -4.24 -8.08 -0.41
C GLY A 34 -3.56 -7.38 0.77
N TYR A 35 -2.40 -7.83 1.16
CA TYR A 35 -1.69 -7.20 2.31
C TYR A 35 -1.79 -5.67 2.19
N GLN A 36 -2.76 -5.09 2.84
CA GLN A 36 -2.91 -3.60 2.78
C GLN A 36 -2.46 -2.99 4.11
N ILE A 37 -1.99 -1.78 4.09
CA ILE A 37 -1.54 -1.14 5.35
C ILE A 37 -2.13 0.28 5.45
N CYS A 38 -1.84 0.98 6.50
CA CYS A 38 -2.39 2.36 6.66
C CYS A 38 -1.42 3.38 6.05
N ARG A 39 -1.65 4.64 6.26
CA ARG A 39 -0.75 5.67 5.69
C ARG A 39 0.46 5.85 6.60
N PHE A 40 0.25 5.80 7.89
CA PHE A 40 1.39 5.96 8.85
C PHE A 40 2.38 4.81 8.65
N CYS A 41 1.95 3.74 8.05
CA CYS A 41 2.86 2.58 7.82
C CYS A 41 3.54 2.74 6.47
N TRP A 42 2.82 3.19 5.48
CA TRP A 42 3.42 3.36 4.12
C TRP A 42 4.34 4.58 4.12
N HIS A 43 4.32 5.34 5.18
CA HIS A 43 5.20 6.55 5.25
C HIS A 43 6.60 6.14 5.72
N ARG A 44 6.81 4.88 5.99
CA ARG A 44 8.14 4.43 6.46
C ARG A 44 8.71 3.39 5.50
N ILE A 45 7.91 2.46 5.06
CA ILE A 45 8.41 1.42 4.13
C ILE A 45 8.84 2.06 2.81
N ARG A 46 8.03 2.93 2.26
CA ARG A 46 8.39 3.59 0.98
C ARG A 46 9.20 4.86 1.26
N THR A 47 9.80 4.95 2.42
CA THR A 47 10.61 6.16 2.74
C THR A 47 12.06 5.74 3.02
N ASP A 48 12.28 4.98 4.06
CA ASP A 48 13.66 4.54 4.38
C ASP A 48 13.92 3.19 3.73
N GLU A 49 12.94 2.33 3.70
CA GLU A 49 13.14 0.99 3.07
C GLU A 49 13.27 1.15 1.56
N ASN A 50 12.83 0.17 0.81
CA ASN A 50 12.93 0.26 -0.67
C ASN A 50 11.54 0.46 -1.27
N GLY A 51 10.53 -0.02 -0.61
CA GLY A 51 9.13 0.14 -1.14
C GLY A 51 8.64 -1.20 -1.68
N LEU A 52 9.23 -2.28 -1.25
CA LEU A 52 8.79 -3.61 -1.75
C LEU A 52 7.72 -4.18 -0.83
N CYS A 53 7.17 -5.31 -1.17
CA CYS A 53 6.13 -5.93 -0.31
C CYS A 53 6.78 -6.83 0.74
N PRO A 54 6.60 -6.49 1.99
CA PRO A 54 7.16 -7.27 3.11
C PRO A 54 6.32 -8.51 3.41
N ALA A 55 5.42 -8.85 2.52
CA ALA A 55 4.57 -10.04 2.76
C ALA A 55 4.67 -11.02 1.58
N CYS A 56 4.72 -10.52 0.38
CA CYS A 56 4.81 -11.44 -0.80
C CYS A 56 6.02 -11.08 -1.66
N ARG A 57 6.72 -10.04 -1.34
CA ARG A 57 7.90 -9.65 -2.16
C ARG A 57 7.41 -9.14 -3.51
N LYS A 58 6.97 -7.92 -3.57
CA LYS A 58 6.48 -7.35 -4.85
C LYS A 58 6.71 -5.84 -4.84
N PRO A 59 6.92 -5.29 -6.00
CA PRO A 59 7.17 -3.85 -6.14
C PRO A 59 5.87 -3.05 -6.00
N TYR A 60 5.86 -2.08 -5.13
CA TYR A 60 4.63 -1.26 -4.94
C TYR A 60 4.18 -0.69 -6.28
N PRO A 61 2.89 -0.48 -6.42
CA PRO A 61 2.30 0.07 -7.65
C PRO A 61 2.51 1.59 -7.71
N GLU A 62 1.98 2.22 -8.73
CA GLU A 62 2.13 3.71 -8.87
C GLU A 62 3.49 4.04 -9.48
N ASP A 63 4.55 3.96 -8.72
CA ASP A 63 5.89 4.28 -9.28
C ASP A 63 6.96 3.49 -8.52
N PRO A 64 7.27 2.33 -9.02
CA PRO A 64 8.29 1.44 -8.42
C PRO A 64 9.70 1.92 -8.79
N ALA A 65 9.82 2.84 -9.69
CA ALA A 65 11.16 3.35 -10.10
C ALA A 65 11.87 2.27 -10.93
N VAL A 66 12.49 1.33 -10.28
CA VAL A 66 13.20 0.25 -11.02
C VAL A 66 14.25 0.86 -11.95
N TYR A 67 14.59 2.10 -11.74
CA TYR A 67 15.60 2.76 -12.62
C TYR A 67 15.28 2.46 -14.09
N LYS A 68 14.23 3.05 -14.60
CA LYS A 68 13.85 2.82 -16.02
C LYS A 68 12.81 3.87 -16.43
N PRO A 69 13.30 5.00 -16.85
CA PRO A 69 12.44 6.12 -17.28
C PRO A 69 11.87 5.87 -18.67
N LEU A 70 10.58 5.72 -18.77
CA LEU A 70 9.96 5.47 -20.10
C LEU A 70 8.43 5.45 -19.94
N SER A 71 7.71 5.97 -20.90
CA SER A 71 6.23 5.99 -20.81
C SER A 71 5.62 5.73 -22.19
N GLN A 72 6.12 4.73 -22.88
CA GLN A 72 5.58 4.42 -24.23
C GLN A 72 6.51 3.41 -24.92
N GLU A 73 6.08 2.18 -25.01
CA GLU A 73 6.95 1.15 -25.67
C GLU A 73 6.29 0.69 -26.97
N GLU A 74 5.62 -0.44 -26.96
CA GLU A 74 4.96 -0.92 -28.21
C GLU A 74 5.94 -0.81 -29.38
N LEU A 75 6.92 -1.68 -29.44
CA LEU A 75 7.91 -1.61 -30.55
C LEU A 75 8.14 -3.01 -31.12
N GLN A 76 8.42 -3.10 -32.39
CA GLN A 76 8.66 -4.45 -33.01
C GLN A 76 10.11 -4.54 -33.46
N ARG A 77 10.99 -4.98 -32.59
CA ARG A 77 12.42 -5.09 -32.98
C ARG A 77 12.73 -6.54 -33.37
N ILE A 78 11.73 -7.35 -33.55
CA ILE A 78 11.95 -8.76 -33.92
C ILE A 78 13.06 -9.36 -33.05
ZN ZN B . -0.36 0.99 9.93
ZN ZN C . 2.49 -8.20 -1.87
N MET A 1 -13.70 3.44 26.07
CA MET A 1 -14.89 2.56 25.96
C MET A 1 -15.00 2.03 24.53
N SER A 2 -15.51 0.83 24.37
CA SER A 2 -15.64 0.26 23.00
C SER A 2 -16.24 -1.14 23.09
N ARG A 3 -15.93 -1.86 24.14
CA ARG A 3 -16.48 -3.25 24.29
C ARG A 3 -15.66 -4.23 23.45
N SER A 4 -15.80 -4.18 22.16
CA SER A 4 -15.03 -5.11 21.30
C SER A 4 -15.47 -4.95 19.84
N PRO A 5 -16.74 -5.12 19.59
CA PRO A 5 -17.31 -4.98 18.23
C PRO A 5 -17.46 -3.50 17.87
N ASP A 6 -18.15 -3.19 16.81
CA ASP A 6 -18.31 -1.76 16.43
C ASP A 6 -19.27 -1.65 15.25
N ALA A 7 -20.23 -0.76 15.35
CA ALA A 7 -21.21 -0.60 14.23
C ALA A 7 -20.95 0.75 13.55
N LYS A 8 -21.90 1.24 12.79
CA LYS A 8 -21.71 2.54 12.11
C LYS A 8 -20.39 2.51 11.32
N GLU A 9 -20.35 1.78 10.24
CA GLU A 9 -19.10 1.70 9.44
C GLU A 9 -18.11 0.77 10.15
N ASP A 10 -17.30 0.06 9.40
CA ASP A 10 -16.32 -0.85 10.04
C ASP A 10 -15.00 -0.82 9.26
N PRO A 11 -14.10 0.02 9.70
CA PRO A 11 -12.77 0.17 9.06
C PRO A 11 -11.85 -0.98 9.48
N VAL A 12 -11.37 -1.74 8.53
CA VAL A 12 -10.47 -2.87 8.87
C VAL A 12 -9.28 -2.34 9.68
N GLU A 13 -8.78 -3.12 10.60
CA GLU A 13 -7.63 -2.67 11.43
C GLU A 13 -6.32 -2.85 10.64
N CYS A 14 -5.60 -1.78 10.41
CA CYS A 14 -4.32 -1.90 9.66
C CYS A 14 -3.55 -3.13 10.15
N PRO A 15 -3.31 -4.07 9.27
CA PRO A 15 -2.57 -5.30 9.59
C PRO A 15 -1.06 -5.04 9.63
N LEU A 16 -0.64 -3.85 9.95
CA LEU A 16 0.81 -3.54 10.00
C LEU A 16 1.12 -2.75 11.27
N CYS A 17 0.26 -1.82 11.62
CA CYS A 17 0.50 -1.01 12.86
C CYS A 17 -0.73 -1.10 13.77
N MET A 18 -1.79 -1.70 13.27
CA MET A 18 -3.03 -1.87 14.09
C MET A 18 -3.93 -0.62 14.00
N GLU A 19 -3.36 0.54 13.80
CA GLU A 19 -4.19 1.78 13.73
C GLU A 19 -5.49 1.49 12.95
N PRO A 20 -6.47 2.34 13.16
CA PRO A 20 -7.77 2.21 12.49
C PRO A 20 -7.69 2.71 11.05
N LEU A 21 -7.93 1.85 10.10
CA LEU A 21 -7.85 2.27 8.67
C LEU A 21 -8.97 3.26 8.37
N GLU A 22 -9.01 3.78 7.17
CA GLU A 22 -10.07 4.74 6.80
C GLU A 22 -10.91 4.15 5.67
N ILE A 23 -11.60 4.96 4.92
CA ILE A 23 -12.43 4.41 3.82
C ILE A 23 -11.60 4.33 2.54
N ASP A 24 -11.05 5.43 2.10
CA ASP A 24 -10.23 5.42 0.87
C ASP A 24 -8.84 4.84 1.17
N ASP A 25 -8.61 4.41 2.37
CA ASP A 25 -7.29 3.84 2.72
C ASP A 25 -7.36 2.31 2.67
N ILE A 26 -8.54 1.77 2.71
CA ILE A 26 -8.67 0.29 2.67
C ILE A 26 -8.21 -0.23 1.30
N ASN A 27 -9.08 -0.22 0.33
CA ASN A 27 -8.68 -0.70 -1.03
C ASN A 27 -7.29 -0.17 -1.38
N PHE A 28 -6.94 0.98 -0.87
CA PHE A 28 -5.60 1.54 -1.18
C PHE A 28 -4.52 0.71 -0.47
N PHE A 29 -3.84 -0.13 -1.19
CA PHE A 29 -2.77 -0.96 -0.57
C PHE A 29 -1.46 -0.75 -1.33
N PRO A 30 -0.38 -1.00 -0.65
CA PRO A 30 0.96 -0.86 -1.24
C PRO A 30 1.27 -2.10 -2.10
N CYS A 31 0.39 -3.06 -2.12
CA CYS A 31 0.64 -4.28 -2.94
C CYS A 31 -0.68 -4.84 -3.44
N THR A 32 -0.68 -5.48 -4.58
CA THR A 32 -1.94 -6.05 -5.12
C THR A 32 -2.21 -7.42 -4.49
N CYS A 33 -1.19 -8.06 -3.98
CA CYS A 33 -1.40 -9.40 -3.35
C CYS A 33 -2.53 -9.31 -2.32
N GLY A 34 -2.81 -8.13 -1.83
CA GLY A 34 -3.92 -7.98 -0.84
C GLY A 34 -3.39 -7.36 0.45
N TYR A 35 -2.26 -7.78 0.94
CA TYR A 35 -1.72 -7.21 2.19
C TYR A 35 -1.85 -5.69 2.14
N GLN A 36 -2.90 -5.14 2.68
CA GLN A 36 -3.11 -3.67 2.63
C GLN A 36 -2.72 -3.05 3.98
N ILE A 37 -2.07 -1.92 3.96
CA ILE A 37 -1.68 -1.26 5.24
C ILE A 37 -2.32 0.12 5.28
N CYS A 38 -2.07 0.87 6.32
CA CYS A 38 -2.67 2.22 6.42
C CYS A 38 -1.72 3.25 5.78
N ARG A 39 -2.17 4.45 5.58
CA ARG A 39 -1.27 5.47 4.96
C ARG A 39 -0.14 5.81 5.93
N PHE A 40 -0.36 5.63 7.20
CA PHE A 40 0.72 5.93 8.18
C PHE A 40 1.79 4.86 8.09
N CYS A 41 1.47 3.72 7.53
CA CYS A 41 2.47 2.64 7.40
C CYS A 41 3.20 2.76 6.05
N TRP A 42 2.48 3.10 5.01
CA TRP A 42 3.12 3.24 3.67
C TRP A 42 3.99 4.50 3.64
N HIS A 43 3.83 5.37 4.61
CA HIS A 43 4.64 6.62 4.62
C HIS A 43 5.98 6.36 5.32
N ARG A 44 6.22 5.14 5.71
CA ARG A 44 7.51 4.82 6.40
C ARG A 44 8.22 3.67 5.70
N ILE A 45 7.50 2.88 4.94
CA ILE A 45 8.14 1.74 4.23
C ILE A 45 8.58 2.18 2.84
N ARG A 46 7.69 2.77 2.07
CA ARG A 46 8.06 3.21 0.70
C ARG A 46 8.95 4.46 0.79
N THR A 47 9.20 4.95 1.96
CA THR A 47 10.06 6.16 2.10
C THR A 47 11.18 5.88 3.10
N ASP A 48 10.85 5.48 4.29
CA ASP A 48 11.90 5.19 5.31
C ASP A 48 12.50 3.81 5.03
N GLU A 49 11.85 3.01 4.24
CA GLU A 49 12.38 1.65 3.93
C GLU A 49 12.48 1.47 2.41
N ASN A 50 12.87 0.30 1.97
CA ASN A 50 12.98 0.06 0.51
C ASN A 50 11.64 0.36 -0.17
N GLY A 51 10.58 -0.26 0.28
CA GLY A 51 9.25 -0.01 -0.33
C GLY A 51 8.73 -1.30 -0.98
N LEU A 52 8.99 -2.43 -0.39
CA LEU A 52 8.52 -3.71 -0.98
C LEU A 52 7.40 -4.30 -0.12
N CYS A 53 6.86 -5.41 -0.52
CA CYS A 53 5.76 -6.04 0.27
C CYS A 53 6.37 -7.02 1.28
N PRO A 54 6.12 -6.78 2.55
CA PRO A 54 6.64 -7.64 3.63
C PRO A 54 5.77 -8.90 3.77
N ALA A 55 4.89 -9.14 2.84
CA ALA A 55 4.01 -10.35 2.95
C ALA A 55 4.22 -11.25 1.71
N CYS A 56 4.44 -10.68 0.56
CA CYS A 56 4.62 -11.53 -0.65
C CYS A 56 5.93 -11.16 -1.37
N ARG A 57 6.54 -10.07 -1.01
CA ARG A 57 7.81 -9.66 -1.67
C ARG A 57 7.51 -9.07 -3.05
N LYS A 58 7.00 -7.87 -3.08
CA LYS A 58 6.68 -7.22 -4.38
C LYS A 58 6.76 -5.70 -4.21
N PRO A 59 7.20 -5.04 -5.25
CA PRO A 59 7.35 -3.57 -5.24
C PRO A 59 6.00 -2.88 -5.35
N TYR A 60 5.70 -1.99 -4.43
CA TYR A 60 4.38 -1.28 -4.47
C TYR A 60 4.23 -0.56 -5.82
N PRO A 61 2.99 -0.38 -6.22
CA PRO A 61 2.66 0.30 -7.48
C PRO A 61 2.78 1.83 -7.32
N GLU A 62 3.62 2.46 -8.08
CA GLU A 62 3.77 3.94 -7.95
C GLU A 62 3.49 4.59 -9.32
N ASP A 63 3.89 3.98 -10.38
CA ASP A 63 3.63 4.56 -11.73
C ASP A 63 3.47 3.43 -12.75
N PRO A 64 2.29 2.88 -12.78
CA PRO A 64 1.96 1.78 -13.70
C PRO A 64 1.72 2.29 -15.12
N ALA A 65 1.78 3.58 -15.32
CA ALA A 65 1.57 4.13 -16.68
C ALA A 65 1.44 5.65 -16.63
N VAL A 66 2.40 6.35 -17.14
CA VAL A 66 2.34 7.85 -17.11
C VAL A 66 2.71 8.39 -18.50
N TYR A 67 3.62 7.74 -19.18
CA TYR A 67 4.02 8.22 -20.53
C TYR A 67 4.89 7.16 -21.21
N LYS A 68 4.43 6.63 -22.32
CA LYS A 68 5.22 5.59 -23.02
C LYS A 68 6.20 6.26 -24.00
N PRO A 69 7.27 5.58 -24.30
CA PRO A 69 8.31 6.08 -25.21
C PRO A 69 7.86 5.91 -26.67
N LEU A 70 8.19 6.86 -27.52
CA LEU A 70 7.79 6.76 -28.95
C LEU A 70 8.82 5.94 -29.71
N SER A 71 8.66 4.65 -29.73
CA SER A 71 9.64 3.78 -30.46
C SER A 71 9.14 3.54 -31.89
N GLN A 72 8.52 4.52 -32.49
CA GLN A 72 8.01 4.33 -33.87
C GLN A 72 8.01 5.69 -34.60
N GLU A 73 9.17 6.22 -34.85
CA GLU A 73 9.25 7.54 -35.55
C GLU A 73 10.69 7.79 -36.02
N GLU A 74 11.11 7.13 -37.06
CA GLU A 74 12.49 7.32 -37.57
C GLU A 74 12.79 8.82 -37.68
N LEU A 75 14.03 9.19 -37.55
CA LEU A 75 14.39 10.64 -37.64
C LEU A 75 15.91 10.79 -37.75
N GLN A 76 16.59 10.83 -36.64
CA GLN A 76 18.07 10.97 -36.67
C GLN A 76 18.71 9.59 -36.63
N ARG A 77 18.66 8.93 -35.50
CA ARG A 77 19.27 7.57 -35.40
C ARG A 77 18.20 6.55 -35.02
N ILE A 78 18.11 6.20 -33.76
CA ILE A 78 17.09 5.20 -33.33
C ILE A 78 16.57 5.57 -31.94
ZN ZN B . -0.63 0.99 9.65
ZN ZN C . 2.35 -8.24 -1.64
N MET A 1 -25.29 -6.16 32.13
CA MET A 1 -24.32 -5.03 32.06
C MET A 1 -23.50 -5.15 30.77
N SER A 2 -22.73 -6.19 30.65
CA SER A 2 -21.91 -6.38 29.42
C SER A 2 -21.45 -7.83 29.32
N ARG A 3 -20.42 -8.19 30.03
CA ARG A 3 -19.92 -9.59 29.97
C ARG A 3 -19.24 -9.83 28.63
N SER A 4 -18.36 -8.95 28.24
CA SER A 4 -17.66 -9.14 26.93
C SER A 4 -18.67 -9.01 25.79
N PRO A 5 -18.43 -8.10 24.88
CA PRO A 5 -19.31 -7.85 23.73
C PRO A 5 -19.08 -8.92 22.66
N ASP A 6 -19.99 -9.03 21.72
CA ASP A 6 -19.83 -10.05 20.64
C ASP A 6 -20.61 -9.62 19.41
N ALA A 7 -20.63 -8.35 19.11
CA ALA A 7 -21.39 -7.87 17.93
C ALA A 7 -20.41 -7.45 16.83
N LYS A 8 -19.15 -7.30 17.16
CA LYS A 8 -18.15 -6.89 16.13
C LYS A 8 -18.41 -5.44 15.74
N GLU A 9 -17.37 -4.65 15.63
CA GLU A 9 -17.57 -3.22 15.24
C GLU A 9 -16.29 -2.69 14.61
N ASP A 10 -16.32 -1.49 14.09
CA ASP A 10 -15.10 -0.92 13.46
C ASP A 10 -14.73 -1.75 12.23
N PRO A 11 -14.25 -1.08 11.21
CA PRO A 11 -13.83 -1.72 9.95
C PRO A 11 -12.44 -2.36 10.12
N VAL A 12 -11.86 -2.81 9.04
CA VAL A 12 -10.51 -3.43 9.13
C VAL A 12 -9.56 -2.48 9.84
N GLU A 13 -8.58 -2.99 10.53
CA GLU A 13 -7.61 -2.10 11.23
C GLU A 13 -6.19 -2.41 10.76
N CYS A 14 -5.43 -1.40 10.46
CA CYS A 14 -4.03 -1.63 9.99
C CYS A 14 -3.37 -2.71 10.87
N PRO A 15 -3.01 -3.81 10.25
CA PRO A 15 -2.36 -4.93 10.97
C PRO A 15 -0.87 -4.64 11.13
N LEU A 16 -0.44 -3.45 10.78
CA LEU A 16 1.00 -3.10 10.89
C LEU A 16 1.22 -2.14 12.07
N CYS A 17 0.29 -1.27 12.31
CA CYS A 17 0.44 -0.31 13.44
C CYS A 17 -0.85 -0.30 14.27
N MET A 18 -1.79 -1.13 13.91
CA MET A 18 -3.07 -1.17 14.66
C MET A 18 -3.75 0.19 14.60
N GLU A 19 -4.84 0.29 13.88
CA GLU A 19 -5.56 1.59 13.79
C GLU A 19 -6.80 1.45 12.91
N PRO A 20 -7.64 2.44 12.95
CA PRO A 20 -8.89 2.45 12.16
C PRO A 20 -8.61 2.82 10.71
N LEU A 21 -9.04 2.00 9.79
CA LEU A 21 -8.81 2.30 8.35
C LEU A 21 -10.03 3.01 7.77
N GLU A 22 -9.83 3.93 6.86
CA GLU A 22 -10.98 4.67 6.27
C GLU A 22 -11.60 3.82 5.15
N ILE A 23 -12.19 4.44 4.16
CA ILE A 23 -12.81 3.67 3.06
C ILE A 23 -11.77 3.40 1.97
N ASP A 24 -11.50 4.37 1.14
CA ASP A 24 -10.49 4.17 0.06
C ASP A 24 -9.16 3.73 0.66
N ASP A 25 -8.95 4.01 1.93
CA ASP A 25 -7.68 3.61 2.58
C ASP A 25 -7.61 2.09 2.69
N ILE A 26 -8.68 1.47 3.10
CA ILE A 26 -8.68 -0.02 3.24
C ILE A 26 -8.20 -0.64 1.92
N ASN A 27 -9.03 -0.62 0.91
CA ASN A 27 -8.63 -1.21 -0.40
C ASN A 27 -7.32 -0.57 -0.87
N PHE A 28 -6.98 0.56 -0.33
CA PHE A 28 -5.70 1.21 -0.74
C PHE A 28 -4.52 0.48 -0.09
N PHE A 29 -3.66 -0.10 -0.89
CA PHE A 29 -2.50 -0.83 -0.31
C PHE A 29 -1.26 -0.57 -1.16
N PRO A 30 -0.12 -0.74 -0.56
CA PRO A 30 1.18 -0.55 -1.24
C PRO A 30 1.49 -1.77 -2.12
N CYS A 31 0.58 -2.70 -2.21
CA CYS A 31 0.82 -3.91 -3.03
C CYS A 31 -0.53 -4.50 -3.46
N THR A 32 -0.59 -5.08 -4.62
CA THR A 32 -1.88 -5.67 -5.09
C THR A 32 -1.98 -7.14 -4.68
N CYS A 33 -1.38 -7.52 -3.58
CA CYS A 33 -1.46 -8.94 -3.15
C CYS A 33 -2.43 -9.07 -1.97
N GLY A 34 -2.94 -7.96 -1.49
CA GLY A 34 -3.90 -8.02 -0.35
C GLY A 34 -3.28 -7.32 0.87
N TYR A 35 -2.08 -7.68 1.23
CA TYR A 35 -1.43 -7.03 2.41
C TYR A 35 -1.67 -5.52 2.32
N GLN A 36 -2.68 -5.05 3.00
CA GLN A 36 -2.99 -3.58 2.95
C GLN A 36 -2.61 -2.94 4.29
N ILE A 37 -2.08 -1.75 4.24
CA ILE A 37 -1.70 -1.07 5.51
C ILE A 37 -2.33 0.33 5.54
N CYS A 38 -2.04 1.09 6.54
CA CYS A 38 -2.61 2.46 6.62
C CYS A 38 -1.66 3.44 5.93
N ARG A 39 -2.13 4.61 5.59
CA ARG A 39 -1.23 5.60 4.92
C ARG A 39 -0.10 5.99 5.87
N PHE A 40 -0.28 5.74 7.13
CA PHE A 40 0.78 6.10 8.13
C PHE A 40 1.89 5.04 8.08
N CYS A 41 1.60 3.86 7.62
CA CYS A 41 2.64 2.80 7.56
C CYS A 41 3.34 2.85 6.20
N TRP A 42 2.64 3.31 5.19
CA TRP A 42 3.27 3.39 3.84
C TRP A 42 4.23 4.58 3.80
N HIS A 43 4.06 5.52 4.70
CA HIS A 43 4.96 6.71 4.72
C HIS A 43 6.29 6.33 5.37
N ARG A 44 6.44 5.10 5.77
CA ARG A 44 7.72 4.68 6.42
C ARG A 44 8.31 3.50 5.67
N ILE A 45 7.51 2.81 4.88
CA ILE A 45 8.05 1.64 4.13
C ILE A 45 8.83 2.13 2.90
N ARG A 46 8.24 2.99 2.11
CA ARG A 46 8.95 3.50 0.90
C ARG A 46 10.15 4.34 1.33
N THR A 47 10.26 4.64 2.60
CA THR A 47 11.40 5.47 3.06
C THR A 47 12.33 4.63 3.93
N ASP A 48 11.91 4.28 5.11
CA ASP A 48 12.77 3.45 6.01
C ASP A 48 12.98 2.07 5.38
N GLU A 49 12.14 1.68 4.47
CA GLU A 49 12.31 0.33 3.83
C GLU A 49 12.85 0.51 2.42
N ASN A 50 12.50 -0.37 1.51
CA ASN A 50 13.00 -0.26 0.12
C ASN A 50 11.83 0.06 -0.82
N GLY A 51 10.63 -0.07 -0.33
CA GLY A 51 9.45 0.23 -1.19
C GLY A 51 8.87 -1.08 -1.73
N LEU A 52 9.31 -2.20 -1.21
CA LEU A 52 8.80 -3.50 -1.68
C LEU A 52 7.75 -4.03 -0.70
N CYS A 53 7.01 -5.02 -1.09
CA CYS A 53 5.98 -5.60 -0.18
C CYS A 53 6.63 -6.68 0.70
N PRO A 54 6.51 -6.53 1.99
CA PRO A 54 7.09 -7.48 2.96
C PRO A 54 6.21 -8.73 3.07
N ALA A 55 5.06 -8.70 2.47
CA ALA A 55 4.14 -9.88 2.54
C ALA A 55 4.41 -10.82 1.36
N CYS A 56 4.58 -10.27 0.19
CA CYS A 56 4.82 -11.14 -1.01
C CYS A 56 6.12 -10.72 -1.71
N ARG A 57 6.52 -9.48 -1.55
CA ARG A 57 7.80 -8.99 -2.18
C ARG A 57 7.53 -8.36 -3.56
N LYS A 58 6.35 -7.89 -3.82
CA LYS A 58 6.08 -7.26 -5.14
C LYS A 58 6.41 -5.76 -5.03
N PRO A 59 6.62 -5.14 -6.16
CA PRO A 59 6.95 -3.70 -6.22
C PRO A 59 5.69 -2.86 -6.01
N TYR A 60 5.74 -1.93 -5.08
CA TYR A 60 4.54 -1.07 -4.82
C TYR A 60 4.05 -0.47 -6.14
N PRO A 61 2.78 -0.67 -6.44
CA PRO A 61 2.17 -0.14 -7.68
C PRO A 61 1.87 1.36 -7.54
N GLU A 62 2.81 2.20 -7.85
CA GLU A 62 2.56 3.66 -7.73
C GLU A 62 3.42 4.41 -8.76
N ASP A 63 4.70 4.20 -8.74
CA ASP A 63 5.59 4.90 -9.72
C ASP A 63 5.63 6.40 -9.40
N PRO A 64 6.25 6.72 -8.30
CA PRO A 64 6.38 8.12 -7.85
C PRO A 64 7.50 8.83 -8.63
N ALA A 65 8.71 8.39 -8.46
CA ALA A 65 9.83 9.05 -9.19
C ALA A 65 10.50 8.02 -10.12
N VAL A 66 10.12 8.00 -11.37
CA VAL A 66 10.73 7.03 -12.32
C VAL A 66 10.70 7.62 -13.72
N TYR A 67 10.60 8.91 -13.83
CA TYR A 67 10.57 9.56 -15.17
C TYR A 67 11.99 9.94 -15.58
N LYS A 68 12.92 9.04 -15.43
CA LYS A 68 14.32 9.35 -15.80
C LYS A 68 15.21 8.14 -15.48
N PRO A 69 15.05 7.10 -16.25
CA PRO A 69 15.81 5.85 -16.08
C PRO A 69 17.22 6.00 -16.64
N LEU A 70 18.19 5.44 -15.96
CA LEU A 70 19.60 5.56 -16.46
C LEU A 70 20.03 7.02 -16.45
N SER A 71 20.76 7.43 -15.45
CA SER A 71 21.22 8.85 -15.37
C SER A 71 22.37 8.97 -14.38
N GLN A 72 23.50 8.39 -14.69
CA GLN A 72 24.66 8.47 -13.76
C GLN A 72 25.81 7.64 -14.31
N GLU A 73 25.55 6.45 -14.78
CA GLU A 73 26.64 5.60 -15.32
C GLU A 73 26.06 4.55 -16.27
N GLU A 74 26.78 4.18 -17.28
CA GLU A 74 26.28 3.15 -18.24
C GLU A 74 26.47 1.76 -17.63
N LEU A 75 26.09 0.73 -18.33
CA LEU A 75 26.26 -0.64 -17.78
C LEU A 75 27.07 -1.50 -18.77
N GLN A 76 27.77 -2.47 -18.27
CA GLN A 76 28.58 -3.34 -19.18
C GLN A 76 28.89 -4.65 -18.46
N ARG A 77 28.06 -5.04 -17.53
CA ARG A 77 28.30 -6.31 -16.79
C ARG A 77 27.05 -6.66 -15.98
N ILE A 78 25.94 -6.85 -16.63
CA ILE A 78 24.68 -7.19 -15.90
C ILE A 78 23.52 -7.26 -16.90
ZN ZN B . -0.47 1.36 9.92
ZN ZN C . 2.46 -7.94 -1.76
N MET A 1 -33.67 3.36 16.77
CA MET A 1 -33.31 2.48 15.63
C MET A 1 -34.18 2.84 14.42
N SER A 2 -33.68 3.63 13.52
CA SER A 2 -34.48 4.00 12.32
C SER A 2 -33.57 4.68 11.28
N ARG A 3 -33.74 4.33 10.03
CA ARG A 3 -32.88 4.94 8.97
C ARG A 3 -31.48 4.33 9.01
N SER A 4 -30.76 4.39 7.93
CA SER A 4 -29.40 3.80 7.91
C SER A 4 -29.42 2.41 8.55
N PRO A 5 -29.70 1.42 7.74
CA PRO A 5 -29.77 0.02 8.20
C PRO A 5 -28.35 -0.55 8.38
N ASP A 6 -28.24 -1.84 8.52
CA ASP A 6 -26.90 -2.46 8.71
C ASP A 6 -26.54 -3.28 7.47
N ALA A 7 -25.30 -3.20 7.05
CA ALA A 7 -24.88 -3.97 5.84
C ALA A 7 -23.68 -4.86 6.19
N LYS A 8 -23.53 -5.97 5.51
CA LYS A 8 -22.38 -6.88 5.80
C LYS A 8 -21.07 -6.15 5.52
N GLU A 9 -20.37 -5.75 6.54
CA GLU A 9 -19.08 -5.04 6.34
C GLU A 9 -18.20 -5.23 7.57
N ASP A 10 -17.02 -5.76 7.40
CA ASP A 10 -16.13 -5.97 8.58
C ASP A 10 -15.15 -4.81 8.71
N PRO A 11 -14.80 -4.49 9.94
CA PRO A 11 -13.87 -3.40 10.26
C PRO A 11 -12.42 -3.85 10.07
N VAL A 12 -11.73 -3.28 9.11
CA VAL A 12 -10.31 -3.67 8.89
C VAL A 12 -9.39 -2.79 9.74
N GLU A 13 -8.17 -3.21 9.97
CA GLU A 13 -7.25 -2.38 10.79
C GLU A 13 -5.80 -2.71 10.42
N CYS A 14 -5.01 -1.70 10.18
CA CYS A 14 -3.58 -1.94 9.82
C CYS A 14 -2.90 -2.76 10.92
N PRO A 15 -2.52 -3.97 10.60
CA PRO A 15 -1.85 -4.87 11.55
C PRO A 15 -0.36 -4.55 11.62
N LEU A 16 0.15 -3.80 10.67
CA LEU A 16 1.59 -3.46 10.67
C LEU A 16 1.90 -2.41 11.75
N CYS A 17 0.97 -1.55 12.05
CA CYS A 17 1.22 -0.51 13.10
C CYS A 17 0.08 -0.51 14.11
N MET A 18 -0.97 -1.24 13.83
CA MET A 18 -2.12 -1.29 14.76
C MET A 18 -2.94 0.00 14.64
N GLU A 19 -3.95 -0.01 13.81
CA GLU A 19 -4.80 1.21 13.65
C GLU A 19 -6.06 0.85 12.86
N PRO A 20 -7.11 1.60 13.10
CA PRO A 20 -8.40 1.38 12.42
C PRO A 20 -8.38 1.95 11.00
N LEU A 21 -8.79 1.17 10.03
CA LEU A 21 -8.80 1.67 8.63
C LEU A 21 -10.03 2.57 8.43
N GLU A 22 -10.34 2.89 7.20
CA GLU A 22 -11.52 3.76 6.96
C GLU A 22 -12.06 3.52 5.55
N ILE A 23 -13.04 4.29 5.14
CA ILE A 23 -13.62 4.11 3.78
C ILE A 23 -12.57 4.44 2.72
N ASP A 24 -12.11 5.66 2.70
CA ASP A 24 -11.08 6.06 1.69
C ASP A 24 -9.74 5.38 2.00
N ASP A 25 -9.67 4.67 3.09
CA ASP A 25 -8.39 4.00 3.44
C ASP A 25 -8.50 2.49 3.16
N ILE A 26 -9.68 2.01 2.96
CA ILE A 26 -9.86 0.54 2.68
C ILE A 26 -9.78 0.28 1.17
N ASN A 27 -8.63 0.48 0.59
CA ASN A 27 -8.50 0.24 -0.88
C ASN A 27 -7.10 0.63 -1.34
N PHE A 28 -6.50 1.59 -0.71
CA PHE A 28 -5.13 2.02 -1.12
C PHE A 28 -4.10 1.05 -0.56
N PHE A 29 -3.64 0.13 -1.36
CA PHE A 29 -2.62 -0.85 -0.86
C PHE A 29 -1.27 -0.52 -1.50
N PRO A 30 -0.23 -0.80 -0.78
CA PRO A 30 1.15 -0.56 -1.25
C PRO A 30 1.56 -1.67 -2.23
N CYS A 31 0.89 -2.79 -2.19
CA CYS A 31 1.23 -3.90 -3.10
C CYS A 31 -0.04 -4.41 -3.80
N THR A 32 0.10 -5.12 -4.88
CA THR A 32 -1.09 -5.64 -5.61
C THR A 32 -1.60 -6.93 -4.96
N CYS A 33 -0.72 -7.74 -4.42
CA CYS A 33 -1.18 -9.01 -3.79
C CYS A 33 -2.40 -8.74 -2.92
N GLY A 34 -2.39 -7.67 -2.15
CA GLY A 34 -3.57 -7.36 -1.29
C GLY A 34 -3.14 -7.12 0.16
N TYR A 35 -1.91 -6.75 0.39
CA TYR A 35 -1.47 -6.49 1.79
C TYR A 35 -1.79 -5.04 2.13
N GLN A 36 -2.99 -4.60 1.84
CA GLN A 36 -3.38 -3.19 2.13
C GLN A 36 -2.82 -2.76 3.49
N ILE A 37 -2.52 -1.50 3.63
CA ILE A 37 -1.97 -1.02 4.93
C ILE A 37 -2.42 0.44 5.14
N CYS A 38 -2.33 0.93 6.34
CA CYS A 38 -2.75 2.33 6.60
C CYS A 38 -1.88 3.28 5.76
N ARG A 39 -2.31 4.48 5.54
CA ARG A 39 -1.52 5.42 4.71
C ARG A 39 -0.30 5.94 5.48
N PHE A 40 -0.20 5.59 6.74
CA PHE A 40 0.97 6.06 7.54
C PHE A 40 2.07 4.99 7.53
N CYS A 41 1.74 3.80 7.12
CA CYS A 41 2.78 2.71 7.08
C CYS A 41 3.45 2.70 5.71
N TRP A 42 2.74 3.09 4.69
CA TRP A 42 3.33 3.09 3.32
C TRP A 42 4.21 4.33 3.15
N HIS A 43 3.86 5.41 3.78
CA HIS A 43 4.67 6.66 3.65
C HIS A 43 6.03 6.47 4.34
N ARG A 44 6.14 5.46 5.17
CA ARG A 44 7.44 5.24 5.88
C ARG A 44 8.24 4.15 5.15
N ILE A 45 7.56 3.22 4.55
CA ILE A 45 8.28 2.12 3.84
C ILE A 45 8.92 2.67 2.55
N ARG A 46 8.25 3.57 1.88
CA ARG A 46 8.83 4.13 0.62
C ARG A 46 9.80 5.26 0.96
N THR A 47 10.13 5.42 2.21
CA THR A 47 11.08 6.50 2.60
C THR A 47 11.91 6.05 3.79
N ASP A 48 11.91 4.77 4.08
CA ASP A 48 12.71 4.27 5.22
C ASP A 48 12.79 2.74 5.17
N GLU A 49 11.67 2.07 5.28
CA GLU A 49 11.68 0.59 5.22
C GLU A 49 11.93 0.12 3.79
N ASN A 50 11.37 -1.01 3.41
CA ASN A 50 11.58 -1.51 2.03
C ASN A 50 10.29 -1.34 1.22
N GLY A 51 10.32 -0.52 0.20
CA GLY A 51 9.10 -0.32 -0.63
C GLY A 51 8.52 -1.67 -1.07
N LEU A 52 9.30 -2.71 -1.01
CA LEU A 52 8.78 -4.05 -1.43
C LEU A 52 7.61 -4.44 -0.53
N CYS A 53 7.03 -5.59 -0.79
CA CYS A 53 5.88 -6.05 0.04
C CYS A 53 6.37 -6.90 1.21
N PRO A 54 5.96 -6.53 2.40
CA PRO A 54 6.33 -7.27 3.61
C PRO A 54 5.44 -8.50 3.78
N ALA A 55 4.63 -8.80 2.79
CA ALA A 55 3.72 -9.98 2.89
C ALA A 55 3.97 -10.95 1.73
N CYS A 56 4.26 -10.45 0.56
CA CYS A 56 4.47 -11.38 -0.60
C CYS A 56 5.83 -11.11 -1.25
N ARG A 57 6.49 -10.04 -0.89
CA ARG A 57 7.81 -9.73 -1.50
C ARG A 57 7.63 -9.21 -2.93
N LYS A 58 6.98 -8.08 -3.07
CA LYS A 58 6.75 -7.50 -4.41
C LYS A 58 6.92 -5.97 -4.32
N PRO A 59 7.40 -5.38 -5.38
CA PRO A 59 7.61 -3.93 -5.43
C PRO A 59 6.27 -3.21 -5.57
N TYR A 60 5.92 -2.37 -4.62
CA TYR A 60 4.63 -1.65 -4.70
C TYR A 60 4.37 -1.19 -6.14
N PRO A 61 3.20 -1.51 -6.65
CA PRO A 61 2.82 -1.13 -8.03
C PRO A 61 2.40 0.34 -8.08
N GLU A 62 1.95 0.87 -6.98
CA GLU A 62 1.52 2.29 -6.97
C GLU A 62 0.50 2.53 -8.09
N ASP A 63 0.28 3.77 -8.45
CA ASP A 63 -0.70 4.07 -9.53
C ASP A 63 -0.49 3.09 -10.70
N PRO A 64 -1.39 2.15 -10.83
CA PRO A 64 -1.32 1.15 -11.91
C PRO A 64 -1.79 1.75 -13.23
N ALA A 65 -2.95 2.33 -13.24
CA ALA A 65 -3.48 2.94 -14.50
C ALA A 65 -4.91 3.43 -14.27
N VAL A 66 -5.19 3.92 -13.09
CA VAL A 66 -6.57 4.41 -12.80
C VAL A 66 -6.57 5.94 -12.81
N TYR A 67 -5.48 6.54 -12.43
CA TYR A 67 -5.43 8.03 -12.41
C TYR A 67 -4.87 8.55 -13.74
N LYS A 68 -5.14 9.78 -14.06
CA LYS A 68 -4.63 10.35 -15.35
C LYS A 68 -4.25 11.81 -15.13
N PRO A 69 -2.98 12.04 -14.87
CA PRO A 69 -2.45 13.40 -14.63
C PRO A 69 -2.30 14.17 -15.94
N LEU A 70 -1.51 13.68 -16.85
CA LEU A 70 -1.31 14.40 -18.14
C LEU A 70 -1.61 13.47 -19.32
N SER A 71 -1.46 13.96 -20.51
CA SER A 71 -1.75 13.12 -21.72
C SER A 71 -0.59 12.15 -21.94
N GLN A 72 -0.61 11.44 -23.04
CA GLN A 72 0.49 10.47 -23.33
C GLN A 72 1.74 11.24 -23.76
N GLU A 73 2.82 11.09 -23.04
CA GLU A 73 4.07 11.81 -23.41
C GLU A 73 4.60 11.25 -24.73
N GLU A 74 4.92 12.11 -25.66
CA GLU A 74 5.44 11.63 -26.97
C GLU A 74 5.36 12.76 -28.00
N LEU A 75 5.82 13.92 -27.65
CA LEU A 75 5.76 15.06 -28.61
C LEU A 75 6.64 16.21 -28.09
N GLN A 76 7.55 16.69 -28.90
CA GLN A 76 8.43 17.80 -28.44
C GLN A 76 9.22 18.35 -29.64
N ARG A 77 8.64 19.23 -30.40
CA ARG A 77 9.36 19.79 -31.58
C ARG A 77 9.98 21.14 -31.19
N ILE A 78 9.61 21.68 -30.06
CA ILE A 78 10.18 22.98 -29.64
C ILE A 78 10.98 22.80 -28.34
ZN ZN B . -0.10 1.09 9.63
ZN ZN C . 2.36 -8.05 -1.84
N MET A 1 -14.80 11.16 18.71
CA MET A 1 -15.51 12.28 19.38
C MET A 1 -16.78 12.63 18.60
N SER A 2 -16.70 12.72 17.31
CA SER A 2 -17.90 13.05 16.50
C SER A 2 -17.56 12.95 15.00
N ARG A 3 -16.61 13.73 14.55
CA ARG A 3 -16.24 13.67 13.10
C ARG A 3 -16.08 12.22 12.66
N SER A 4 -15.24 11.48 13.32
CA SER A 4 -15.03 10.04 12.93
C SER A 4 -15.30 9.14 14.14
N PRO A 5 -15.37 7.87 13.88
CA PRO A 5 -15.62 6.85 14.92
C PRO A 5 -14.34 6.55 15.70
N ASP A 6 -14.39 5.59 16.58
CA ASP A 6 -13.17 5.24 17.38
C ASP A 6 -12.98 3.73 17.38
N ALA A 7 -14.04 2.99 17.56
CA ALA A 7 -13.92 1.50 17.57
C ALA A 7 -14.76 0.92 16.43
N LYS A 8 -14.20 0.08 15.62
CA LYS A 8 -14.98 -0.51 14.49
C LYS A 8 -14.22 -1.70 13.91
N GLU A 9 -14.65 -2.90 14.21
CA GLU A 9 -13.95 -4.10 13.65
C GLU A 9 -14.67 -4.55 12.38
N ASP A 10 -15.42 -3.68 11.78
CA ASP A 10 -16.16 -4.06 10.54
C ASP A 10 -15.19 -4.03 9.35
N PRO A 11 -14.50 -2.93 9.19
CA PRO A 11 -13.53 -2.76 8.09
C PRO A 11 -12.22 -3.47 8.44
N VAL A 12 -11.22 -3.33 7.61
CA VAL A 12 -9.92 -4.00 7.90
C VAL A 12 -9.13 -3.15 8.90
N GLU A 13 -8.12 -3.72 9.50
CA GLU A 13 -7.31 -2.94 10.50
C GLU A 13 -5.82 -3.13 10.20
N CYS A 14 -5.13 -2.05 9.92
CA CYS A 14 -3.67 -2.16 9.64
C CYS A 14 -3.01 -3.17 10.57
N PRO A 15 -2.60 -4.30 10.02
CA PRO A 15 -1.95 -5.37 10.80
C PRO A 15 -0.47 -5.03 11.03
N LEU A 16 -0.02 -3.92 10.52
CA LEU A 16 1.42 -3.54 10.70
C LEU A 16 1.55 -2.54 11.85
N CYS A 17 0.51 -1.81 12.14
CA CYS A 17 0.59 -0.81 13.25
C CYS A 17 -0.70 -0.85 14.06
N MET A 18 -1.55 -1.79 13.79
CA MET A 18 -2.83 -1.87 14.55
C MET A 18 -3.57 -0.54 14.44
N GLU A 19 -4.34 -0.35 13.40
CA GLU A 19 -5.10 0.92 13.24
C GLU A 19 -6.34 0.68 12.38
N PRO A 20 -7.34 1.51 12.57
CA PRO A 20 -8.60 1.41 11.83
C PRO A 20 -8.44 2.03 10.44
N LEU A 21 -8.55 1.23 9.41
CA LEU A 21 -8.40 1.76 8.02
C LEU A 21 -9.62 2.61 7.69
N GLU A 22 -9.42 3.81 7.22
CA GLU A 22 -10.58 4.68 6.87
C GLU A 22 -11.27 4.15 5.61
N ILE A 23 -12.33 4.78 5.20
CA ILE A 23 -13.05 4.32 3.97
C ILE A 23 -12.12 4.44 2.76
N ASP A 24 -11.44 5.55 2.64
CA ASP A 24 -10.51 5.73 1.48
C ASP A 24 -9.17 5.06 1.78
N ASP A 25 -9.10 4.28 2.83
CA ASP A 25 -7.82 3.60 3.17
C ASP A 25 -7.96 2.10 2.90
N ILE A 26 -9.15 1.57 2.99
CA ILE A 26 -9.35 0.12 2.73
C ILE A 26 -8.93 -0.21 1.30
N ASN A 27 -9.16 0.69 0.38
CA ASN A 27 -8.77 0.43 -1.03
C ASN A 27 -7.41 1.08 -1.31
N PHE A 28 -6.59 1.20 -0.31
CA PHE A 28 -5.25 1.82 -0.50
C PHE A 28 -4.16 0.80 -0.13
N PHE A 29 -3.75 -0.01 -1.07
CA PHE A 29 -2.69 -1.01 -0.75
C PHE A 29 -1.43 -0.72 -1.57
N PRO A 30 -0.30 -0.87 -0.93
CA PRO A 30 1.00 -0.65 -1.58
C PRO A 30 1.38 -1.88 -2.41
N CYS A 31 0.59 -2.92 -2.30
CA CYS A 31 0.90 -4.17 -3.08
C CYS A 31 -0.39 -4.72 -3.68
N THR A 32 -0.28 -5.60 -4.64
CA THR A 32 -1.51 -6.17 -5.27
C THR A 32 -1.94 -7.45 -4.54
N CYS A 33 -1.13 -7.94 -3.64
CA CYS A 33 -1.52 -9.19 -2.91
C CYS A 33 -2.71 -8.89 -1.99
N GLY A 34 -2.88 -7.67 -1.59
CA GLY A 34 -4.02 -7.32 -0.69
C GLY A 34 -3.52 -7.00 0.71
N TYR A 35 -2.26 -6.69 0.86
CA TYR A 35 -1.74 -6.35 2.21
C TYR A 35 -1.91 -4.85 2.46
N GLN A 36 -3.03 -4.31 2.07
CA GLN A 36 -3.27 -2.85 2.27
C GLN A 36 -2.86 -2.43 3.69
N ILE A 37 -2.44 -1.20 3.85
CA ILE A 37 -2.05 -0.72 5.20
C ILE A 37 -2.56 0.71 5.39
N CYS A 38 -2.13 1.37 6.42
CA CYS A 38 -2.60 2.77 6.66
C CYS A 38 -1.63 3.74 5.99
N ARG A 39 -2.05 4.96 5.78
CA ARG A 39 -1.16 5.96 5.13
C ARG A 39 0.04 6.25 6.04
N PHE A 40 -0.02 5.87 7.27
CA PHE A 40 1.12 6.13 8.20
C PHE A 40 2.13 5.00 8.09
N CYS A 41 1.73 3.87 7.57
CA CYS A 41 2.67 2.73 7.43
C CYS A 41 3.37 2.80 6.07
N TRP A 42 2.65 3.19 5.06
CA TRP A 42 3.25 3.28 3.70
C TRP A 42 4.19 4.50 3.64
N HIS A 43 3.89 5.53 4.38
CA HIS A 43 4.75 6.74 4.37
C HIS A 43 6.12 6.40 4.96
N ARG A 44 6.17 5.48 5.88
CA ARG A 44 7.47 5.10 6.49
C ARG A 44 8.06 3.90 5.75
N ILE A 45 7.30 3.28 4.90
CA ILE A 45 7.82 2.10 4.15
C ILE A 45 8.53 2.58 2.88
N ARG A 46 8.03 3.62 2.25
CA ARG A 46 8.69 4.13 1.02
C ARG A 46 9.76 5.16 1.39
N THR A 47 9.95 5.40 2.66
CA THR A 47 10.97 6.38 3.09
C THR A 47 12.12 5.66 3.79
N ASP A 48 11.80 4.78 4.70
CA ASP A 48 12.87 4.04 5.43
C ASP A 48 13.08 2.68 4.77
N GLU A 49 12.03 2.02 4.37
CA GLU A 49 12.17 0.69 3.73
C GLU A 49 12.60 0.88 2.27
N ASN A 50 12.23 -0.03 1.41
CA ASN A 50 12.62 0.10 -0.02
C ASN A 50 11.36 0.23 -0.88
N GLY A 51 10.22 -0.09 -0.33
CA GLY A 51 8.95 0.01 -1.11
C GLY A 51 8.46 -1.40 -1.48
N LEU A 52 9.12 -2.41 -1.00
CA LEU A 52 8.69 -3.80 -1.31
C LEU A 52 7.54 -4.21 -0.39
N CYS A 53 6.92 -5.31 -0.68
CA CYS A 53 5.79 -5.78 0.18
C CYS A 53 6.34 -6.70 1.28
N PRO A 54 6.14 -6.30 2.52
CA PRO A 54 6.62 -7.07 3.68
C PRO A 54 5.68 -8.25 3.97
N ALA A 55 4.75 -8.51 3.11
CA ALA A 55 3.80 -9.64 3.33
C ALA A 55 3.97 -10.67 2.21
N CYS A 56 4.36 -10.25 1.05
CA CYS A 56 4.52 -11.23 -0.08
C CYS A 56 5.73 -10.82 -0.93
N ARG A 57 6.62 -10.03 -0.38
CA ARG A 57 7.83 -9.58 -1.13
C ARG A 57 7.47 -9.29 -2.59
N LYS A 58 6.99 -8.10 -2.84
CA LYS A 58 6.62 -7.70 -4.23
C LYS A 58 6.75 -6.18 -4.33
N PRO A 59 7.14 -5.72 -5.48
CA PRO A 59 7.33 -4.28 -5.71
C PRO A 59 5.99 -3.56 -5.86
N TYR A 60 5.69 -2.66 -4.95
CA TYR A 60 4.39 -1.92 -5.03
C TYR A 60 4.09 -1.56 -6.48
N PRO A 61 2.84 -1.72 -6.87
CA PRO A 61 2.38 -1.41 -8.23
C PRO A 61 2.18 0.10 -8.38
N GLU A 62 3.23 0.86 -8.48
CA GLU A 62 3.07 2.34 -8.61
C GLU A 62 4.04 2.88 -9.66
N ASP A 63 5.31 2.95 -9.36
CA ASP A 63 6.28 3.47 -10.36
C ASP A 63 6.78 2.33 -11.24
N PRO A 64 7.56 2.69 -12.23
CA PRO A 64 8.14 1.72 -13.18
C PRO A 64 9.34 1.01 -12.55
N ALA A 65 10.47 1.67 -12.50
CA ALA A 65 11.67 1.04 -11.89
C ALA A 65 12.93 1.79 -12.33
N VAL A 66 12.86 3.08 -12.47
CA VAL A 66 14.05 3.88 -12.89
C VAL A 66 14.83 3.12 -13.97
N TYR A 67 14.57 3.41 -15.21
CA TYR A 67 15.29 2.71 -16.31
C TYR A 67 16.61 3.44 -16.61
N LYS A 68 17.18 4.07 -15.63
CA LYS A 68 18.48 4.78 -15.88
C LYS A 68 19.21 4.99 -14.55
N PRO A 69 19.52 3.90 -13.89
CA PRO A 69 20.24 3.92 -12.60
C PRO A 69 21.73 4.16 -12.84
N LEU A 70 22.10 5.35 -13.25
CA LEU A 70 23.54 5.63 -13.50
C LEU A 70 24.12 4.57 -14.42
N SER A 71 25.41 4.36 -14.39
CA SER A 71 26.03 3.33 -15.27
C SER A 71 26.01 1.97 -14.55
N GLN A 72 26.37 0.93 -15.24
CA GLN A 72 26.39 -0.42 -14.60
C GLN A 72 27.02 -1.44 -15.56
N GLU A 73 27.71 -2.41 -15.02
CA GLU A 73 28.34 -3.43 -15.90
C GLU A 73 27.58 -4.75 -15.77
N GLU A 74 26.32 -4.76 -16.12
CA GLU A 74 25.52 -6.01 -16.02
C GLU A 74 25.87 -6.94 -17.19
N LEU A 75 26.68 -6.49 -18.11
CA LEU A 75 27.04 -7.35 -19.26
C LEU A 75 28.56 -7.57 -19.28
N GLN A 76 29.31 -6.50 -19.41
CA GLN A 76 30.80 -6.66 -19.44
C GLN A 76 31.44 -5.29 -19.66
N ARG A 77 30.89 -4.49 -20.53
CA ARG A 77 31.48 -3.15 -20.79
C ARG A 77 30.37 -2.10 -20.85
N ILE A 78 30.36 -1.18 -19.92
CA ILE A 78 29.31 -0.13 -19.93
C ILE A 78 27.93 -0.79 -19.91
ZN ZN B . -0.40 1.14 9.72
ZN ZN C . 2.22 -8.12 -1.40
N MET A 1 -34.60 -12.78 11.61
CA MET A 1 -34.85 -11.81 10.50
C MET A 1 -34.92 -10.39 11.07
N SER A 2 -34.97 -9.41 10.21
CA SER A 2 -35.05 -8.00 10.71
C SER A 2 -34.68 -7.05 9.57
N ARG A 3 -34.67 -5.77 9.84
CA ARG A 3 -34.32 -4.78 8.78
C ARG A 3 -32.88 -5.00 8.33
N SER A 4 -32.67 -5.78 7.30
CA SER A 4 -31.29 -6.03 6.83
C SER A 4 -30.51 -4.71 6.76
N PRO A 5 -29.23 -4.79 6.98
CA PRO A 5 -28.34 -3.61 6.95
C PRO A 5 -28.02 -3.23 5.50
N ASP A 6 -27.61 -2.01 5.28
CA ASP A 6 -27.29 -1.57 3.90
C ASP A 6 -26.17 -2.44 3.33
N ALA A 7 -25.05 -2.52 4.00
CA ALA A 7 -23.94 -3.36 3.49
C ALA A 7 -23.29 -4.12 4.66
N LYS A 8 -22.46 -5.08 4.37
CA LYS A 8 -21.81 -5.85 5.46
C LYS A 8 -20.68 -5.02 6.07
N GLU A 9 -20.48 -5.12 7.36
CA GLU A 9 -19.40 -4.32 8.01
C GLU A 9 -18.09 -5.12 7.96
N ASP A 10 -16.98 -4.46 8.18
CA ASP A 10 -15.68 -5.18 8.16
C ASP A 10 -14.64 -4.36 8.93
N PRO A 11 -14.36 -4.78 10.14
CA PRO A 11 -13.39 -4.09 11.02
C PRO A 11 -11.96 -4.43 10.60
N VAL A 12 -11.45 -3.75 9.59
CA VAL A 12 -10.05 -4.03 9.14
C VAL A 12 -9.09 -3.05 9.83
N GLU A 13 -7.87 -3.47 10.07
CA GLU A 13 -6.90 -2.56 10.73
C GLU A 13 -5.52 -2.75 10.10
N CYS A 14 -4.69 -1.74 10.16
CA CYS A 14 -3.33 -1.85 9.56
C CYS A 14 -2.50 -2.88 10.34
N PRO A 15 -2.00 -3.87 9.66
CA PRO A 15 -1.17 -4.93 10.27
C PRO A 15 0.27 -4.44 10.44
N LEU A 16 0.60 -3.34 9.84
CA LEU A 16 2.00 -2.81 9.94
C LEU A 16 2.16 -1.96 11.21
N CYS A 17 1.18 -1.16 11.54
CA CYS A 17 1.29 -0.31 12.76
C CYS A 17 0.10 -0.55 13.68
N MET A 18 -0.94 -1.15 13.17
CA MET A 18 -2.13 -1.43 14.00
C MET A 18 -2.94 -0.14 14.16
N GLU A 19 -4.03 -0.03 13.44
CA GLU A 19 -4.87 1.19 13.54
C GLU A 19 -6.24 0.92 12.91
N PRO A 20 -7.17 1.81 13.16
CA PRO A 20 -8.53 1.70 12.62
C PRO A 20 -8.55 2.10 11.14
N LEU A 21 -8.76 1.16 10.27
CA LEU A 21 -8.79 1.48 8.82
C LEU A 21 -10.13 2.14 8.46
N GLU A 22 -10.36 2.39 7.22
CA GLU A 22 -11.64 3.04 6.81
C GLU A 22 -12.04 2.56 5.41
N ILE A 23 -13.20 2.93 4.95
CA ILE A 23 -13.64 2.49 3.59
C ILE A 23 -12.61 2.94 2.55
N ASP A 24 -12.21 4.17 2.61
CA ASP A 24 -11.21 4.67 1.62
C ASP A 24 -9.82 4.09 1.93
N ASP A 25 -9.45 4.05 3.17
CA ASP A 25 -8.12 3.50 3.53
C ASP A 25 -8.11 1.98 3.31
N ILE A 26 -9.25 1.40 3.04
CA ILE A 26 -9.30 -0.07 2.82
C ILE A 26 -9.02 -0.37 1.34
N ASN A 27 -9.02 0.63 0.51
CA ASN A 27 -8.75 0.40 -0.94
C ASN A 27 -7.40 1.02 -1.31
N PHE A 28 -6.60 1.34 -0.33
CA PHE A 28 -5.26 1.94 -0.61
C PHE A 28 -4.17 0.97 -0.19
N PHE A 29 -3.57 0.28 -1.12
CA PHE A 29 -2.49 -0.68 -0.75
C PHE A 29 -1.17 -0.28 -1.41
N PRO A 30 -0.10 -0.51 -0.71
CA PRO A 30 1.25 -0.20 -1.23
C PRO A 30 1.64 -1.31 -2.21
N CYS A 31 1.01 -2.45 -2.11
CA CYS A 31 1.33 -3.58 -3.03
C CYS A 31 0.05 -4.01 -3.77
N THR A 32 0.19 -4.53 -4.96
CA THR A 32 -1.02 -4.96 -5.72
C THR A 32 -1.36 -6.42 -5.41
N CYS A 33 -1.43 -6.79 -4.17
CA CYS A 33 -1.78 -8.20 -3.84
C CYS A 33 -2.99 -8.24 -2.91
N GLY A 34 -3.21 -7.18 -2.16
CA GLY A 34 -4.40 -7.16 -1.25
C GLY A 34 -3.96 -6.86 0.18
N TYR A 35 -2.69 -6.66 0.42
CA TYR A 35 -2.22 -6.36 1.80
C TYR A 35 -2.27 -4.85 2.02
N GLN A 36 -3.35 -4.22 1.66
CA GLN A 36 -3.45 -2.75 1.84
C GLN A 36 -3.27 -2.38 3.32
N ILE A 37 -2.50 -1.37 3.60
CA ILE A 37 -2.29 -0.97 5.02
C ILE A 37 -2.74 0.49 5.19
N CYS A 38 -2.30 1.13 6.24
CA CYS A 38 -2.70 2.55 6.46
C CYS A 38 -1.82 3.45 5.57
N ARG A 39 -2.22 4.67 5.36
CA ARG A 39 -1.41 5.58 4.49
C ARG A 39 -0.19 6.11 5.25
N PHE A 40 -0.09 5.84 6.52
CA PHE A 40 1.09 6.34 7.28
C PHE A 40 2.17 5.26 7.32
N CYS A 41 1.85 4.06 6.95
CA CYS A 41 2.88 2.98 6.95
C CYS A 41 3.56 2.93 5.58
N TRP A 42 2.92 3.48 4.58
CA TRP A 42 3.53 3.48 3.22
C TRP A 42 4.44 4.70 3.07
N HIS A 43 4.10 5.78 3.71
CA HIS A 43 4.96 7.01 3.60
C HIS A 43 6.27 6.77 4.36
N ARG A 44 6.39 5.67 5.03
CA ARG A 44 7.65 5.40 5.79
C ARG A 44 8.34 4.17 5.20
N ILE A 45 7.59 3.21 4.73
CA ILE A 45 8.22 1.99 4.14
C ILE A 45 8.87 2.34 2.81
N ARG A 46 8.41 3.37 2.16
CA ARG A 46 9.01 3.75 0.85
C ARG A 46 10.27 4.61 1.08
N THR A 47 10.29 5.36 2.14
CA THR A 47 11.49 6.21 2.42
C THR A 47 12.22 5.68 3.65
N ASP A 48 11.96 4.47 4.05
CA ASP A 48 12.66 3.91 5.24
C ASP A 48 12.94 2.42 5.02
N GLU A 49 11.92 1.62 4.84
CA GLU A 49 12.14 0.17 4.62
C GLU A 49 12.50 -0.07 3.16
N ASN A 50 12.31 -1.27 2.68
CA ASN A 50 12.65 -1.57 1.26
C ASN A 50 11.44 -1.25 0.36
N GLY A 51 10.49 -0.52 0.89
CA GLY A 51 9.28 -0.18 0.07
C GLY A 51 8.72 -1.46 -0.56
N LEU A 52 8.85 -2.55 0.12
CA LEU A 52 8.34 -3.84 -0.44
C LEU A 52 7.09 -4.28 0.32
N CYS A 53 6.48 -5.35 -0.12
CA CYS A 53 5.25 -5.86 0.54
C CYS A 53 5.64 -6.87 1.63
N PRO A 54 5.22 -6.60 2.85
CA PRO A 54 5.52 -7.48 4.00
C PRO A 54 4.59 -8.69 4.01
N ALA A 55 3.79 -8.85 2.99
CA ALA A 55 2.84 -10.01 2.95
C ALA A 55 3.16 -10.91 1.76
N CYS A 56 3.65 -10.34 0.68
CA CYS A 56 3.96 -11.19 -0.51
C CYS A 56 5.32 -10.77 -1.10
N ARG A 57 6.11 -10.06 -0.34
CA ARG A 57 7.45 -9.61 -0.85
C ARG A 57 7.33 -9.13 -2.30
N LYS A 58 6.81 -7.95 -2.49
CA LYS A 58 6.67 -7.40 -3.87
C LYS A 58 6.86 -5.88 -3.81
N PRO A 59 7.43 -5.33 -4.83
CA PRO A 59 7.68 -3.88 -4.91
C PRO A 59 6.39 -3.12 -5.19
N TYR A 60 6.04 -2.21 -4.31
CA TYR A 60 4.77 -1.43 -4.51
C TYR A 60 4.66 -1.00 -5.98
N PRO A 61 3.50 -1.25 -6.56
CA PRO A 61 3.23 -0.90 -7.96
C PRO A 61 2.86 0.58 -8.08
N GLU A 62 3.84 1.43 -8.32
CA GLU A 62 3.54 2.88 -8.44
C GLU A 62 4.60 3.55 -9.33
N ASP A 63 5.84 3.15 -9.17
CA ASP A 63 6.91 3.77 -10.00
C ASP A 63 6.46 3.82 -11.46
N PRO A 64 6.99 4.77 -12.17
CA PRO A 64 6.66 4.97 -13.60
C PRO A 64 7.43 3.95 -14.47
N ALA A 65 8.73 3.99 -14.43
CA ALA A 65 9.52 3.04 -15.27
C ALA A 65 10.47 2.24 -14.37
N VAL A 66 10.03 1.09 -13.91
CA VAL A 66 10.90 0.26 -13.03
C VAL A 66 11.92 -0.49 -13.89
N TYR A 67 11.51 -0.94 -15.05
CA TYR A 67 12.46 -1.69 -15.93
C TYR A 67 13.42 -0.69 -16.58
N LYS A 68 14.60 -0.56 -16.05
CA LYS A 68 15.59 0.38 -16.65
C LYS A 68 16.92 -0.35 -16.90
N PRO A 69 16.89 -1.24 -17.84
CA PRO A 69 18.08 -2.03 -18.22
C PRO A 69 19.03 -1.20 -19.08
N LEU A 70 20.11 -0.73 -18.51
CA LEU A 70 21.09 0.08 -19.29
C LEU A 70 22.50 -0.15 -18.75
N SER A 71 22.73 -1.29 -18.15
CA SER A 71 24.09 -1.57 -17.61
C SER A 71 24.64 -2.83 -18.26
N GLN A 72 24.20 -3.98 -17.81
CA GLN A 72 24.71 -5.26 -18.41
C GLN A 72 23.98 -6.44 -17.77
N GLU A 73 22.68 -6.43 -17.76
CA GLU A 73 21.92 -7.56 -17.16
C GLU A 73 21.45 -8.50 -18.27
N GLU A 74 20.72 -8.00 -19.22
CA GLU A 74 20.24 -8.87 -20.32
C GLU A 74 21.14 -8.68 -21.54
N LEU A 75 21.31 -7.47 -21.98
CA LEU A 75 22.19 -7.22 -23.16
C LEU A 75 23.66 -7.29 -22.72
N GLN A 76 24.55 -7.52 -23.64
CA GLN A 76 26.00 -7.60 -23.27
C GLN A 76 26.78 -6.53 -24.01
N ARG A 77 26.55 -6.38 -25.29
CA ARG A 77 27.29 -5.35 -26.07
C ARG A 77 26.66 -5.21 -27.46
N ILE A 78 26.23 -6.30 -28.04
CA ILE A 78 25.61 -6.23 -29.39
C ILE A 78 24.30 -7.04 -29.39
ZN ZN B . -0.03 1.39 9.50
ZN ZN C . 1.89 -7.83 -1.71
N MET A 1 -28.93 -8.40 15.76
CA MET A 1 -29.21 -7.12 15.04
C MET A 1 -29.42 -6.00 16.05
N SER A 2 -29.33 -4.77 15.61
CA SER A 2 -29.51 -3.63 16.56
C SER A 2 -28.61 -3.83 17.78
N ARG A 3 -28.78 -3.02 18.78
CA ARG A 3 -27.93 -3.17 20.01
C ARG A 3 -26.49 -2.78 19.67
N SER A 4 -26.00 -1.73 20.29
CA SER A 4 -24.60 -1.30 20.01
C SER A 4 -24.26 -0.08 20.86
N PRO A 5 -23.49 -0.28 21.89
CA PRO A 5 -23.06 0.81 22.79
C PRO A 5 -21.96 1.64 22.14
N ASP A 6 -21.21 1.06 21.26
CA ASP A 6 -20.13 1.81 20.58
C ASP A 6 -20.41 1.89 19.08
N ALA A 7 -19.45 2.27 18.30
CA ALA A 7 -19.67 2.37 16.83
C ALA A 7 -18.44 1.84 16.08
N LYS A 8 -17.52 1.26 16.79
CA LYS A 8 -16.30 0.71 16.13
C LYS A 8 -16.50 -0.77 15.83
N GLU A 9 -15.47 -1.44 15.40
CA GLU A 9 -15.60 -2.89 15.09
C GLU A 9 -16.41 -3.06 13.80
N ASP A 10 -15.76 -3.17 12.68
CA ASP A 10 -16.49 -3.34 11.40
C ASP A 10 -15.54 -3.01 10.24
N PRO A 11 -14.95 -1.84 10.28
CA PRO A 11 -14.02 -1.39 9.24
C PRO A 11 -12.64 -2.03 9.46
N VAL A 12 -11.96 -2.36 8.40
CA VAL A 12 -10.63 -3.00 8.55
C VAL A 12 -9.71 -2.08 9.37
N GLU A 13 -8.62 -2.61 9.88
CA GLU A 13 -7.68 -1.77 10.67
C GLU A 13 -6.25 -2.21 10.40
N CYS A 14 -5.35 -1.29 10.21
CA CYS A 14 -3.93 -1.67 9.95
C CYS A 14 -3.53 -2.80 10.91
N PRO A 15 -3.42 -3.99 10.38
CA PRO A 15 -3.05 -5.18 11.18
C PRO A 15 -1.53 -5.22 11.41
N LEU A 16 -0.84 -4.16 11.13
CA LEU A 16 0.64 -4.16 11.33
C LEU A 16 1.01 -3.07 12.34
N CYS A 17 0.17 -2.08 12.52
CA CYS A 17 0.49 -1.00 13.50
C CYS A 17 -0.78 -0.66 14.30
N MET A 18 -1.84 -1.40 14.08
CA MET A 18 -3.11 -1.13 14.81
C MET A 18 -3.60 0.28 14.48
N GLU A 19 -4.67 0.37 13.71
CA GLU A 19 -5.22 1.71 13.35
C GLU A 19 -6.52 1.52 12.56
N PRO A 20 -7.46 2.41 12.78
CA PRO A 20 -8.77 2.36 12.10
C PRO A 20 -8.67 2.91 10.68
N LEU A 21 -9.04 2.12 9.70
CA LEU A 21 -8.98 2.59 8.29
C LEU A 21 -10.33 3.20 7.90
N GLU A 22 -10.32 4.36 7.30
CA GLU A 22 -11.60 4.98 6.88
C GLU A 22 -12.22 4.16 5.75
N ILE A 23 -13.09 4.73 4.98
CA ILE A 23 -13.72 3.97 3.87
C ILE A 23 -12.78 3.98 2.66
N ASP A 24 -12.27 5.14 2.30
CA ASP A 24 -11.34 5.21 1.13
C ASP A 24 -9.96 4.72 1.54
N ASP A 25 -9.74 4.48 2.81
CA ASP A 25 -8.40 4.00 3.25
C ASP A 25 -8.34 2.47 3.16
N ILE A 26 -9.46 1.80 3.33
CA ILE A 26 -9.45 0.32 3.27
C ILE A 26 -8.69 -0.14 2.01
N ASN A 27 -8.88 0.54 0.91
CA ASN A 27 -8.16 0.14 -0.34
C ASN A 27 -6.82 0.85 -0.39
N PHE A 28 -5.97 0.63 0.58
CA PHE A 28 -4.64 1.30 0.58
C PHE A 28 -3.53 0.25 0.70
N PHE A 29 -3.27 -0.48 -0.35
CA PHE A 29 -2.20 -1.50 -0.29
C PHE A 29 -1.02 -1.06 -1.16
N PRO A 30 0.16 -1.19 -0.64
CA PRO A 30 1.37 -0.82 -1.37
C PRO A 30 1.73 -1.94 -2.35
N CYS A 31 0.98 -3.01 -2.33
CA CYS A 31 1.28 -4.14 -3.26
C CYS A 31 -0.04 -4.72 -3.78
N THR A 32 -0.01 -5.35 -4.93
CA THR A 32 -1.26 -5.92 -5.49
C THR A 32 -1.44 -7.37 -5.02
N CYS A 33 -1.31 -7.60 -3.74
CA CYS A 33 -1.47 -8.99 -3.23
C CYS A 33 -2.40 -8.98 -2.01
N GLY A 34 -3.03 -7.87 -1.75
CA GLY A 34 -3.95 -7.79 -0.57
C GLY A 34 -3.23 -7.15 0.62
N TYR A 35 -2.16 -7.74 1.08
CA TYR A 35 -1.43 -7.15 2.24
C TYR A 35 -1.35 -5.63 2.07
N GLN A 36 -2.13 -4.89 2.82
CA GLN A 36 -2.09 -3.41 2.71
C GLN A 36 -1.59 -2.80 4.02
N ILE A 37 -1.50 -1.51 4.08
CA ILE A 37 -1.04 -0.85 5.33
C ILE A 37 -1.73 0.50 5.45
N CYS A 38 -1.59 1.16 6.57
CA CYS A 38 -2.26 2.48 6.75
C CYS A 38 -1.38 3.56 6.11
N ARG A 39 -1.88 4.76 6.03
CA ARG A 39 -1.08 5.85 5.40
C ARG A 39 0.22 6.08 6.19
N PHE A 40 0.19 5.82 7.47
CA PHE A 40 1.43 6.02 8.29
C PHE A 40 2.39 4.84 8.06
N CYS A 41 1.89 3.74 7.59
CA CYS A 41 2.76 2.56 7.36
C CYS A 41 3.32 2.59 5.93
N TRP A 42 2.60 3.21 5.01
CA TRP A 42 3.07 3.27 3.61
C TRP A 42 4.06 4.43 3.44
N HIS A 43 3.67 5.61 3.83
CA HIS A 43 4.58 6.78 3.69
C HIS A 43 5.93 6.46 4.35
N ARG A 44 5.98 5.47 5.20
CA ARG A 44 7.24 5.13 5.89
C ARG A 44 8.09 4.21 5.00
N ILE A 45 7.54 3.09 4.59
CA ILE A 45 8.31 2.15 3.74
C ILE A 45 8.87 2.88 2.52
N ARG A 46 8.01 3.48 1.73
CA ARG A 46 8.49 4.19 0.51
C ARG A 46 9.55 5.23 0.90
N THR A 47 9.51 5.71 2.11
CA THR A 47 10.51 6.73 2.54
C THR A 47 11.23 6.25 3.80
N ASP A 48 11.49 4.98 3.91
CA ASP A 48 12.20 4.46 5.11
C ASP A 48 12.43 2.95 4.96
N GLU A 49 11.40 2.17 5.08
CA GLU A 49 11.56 0.69 4.96
C GLU A 49 11.84 0.33 3.49
N ASN A 50 11.43 -0.83 3.07
CA ASN A 50 11.67 -1.24 1.66
C ASN A 50 10.37 -1.17 0.86
N GLY A 51 10.34 -0.38 -0.18
CA GLY A 51 9.10 -0.25 -1.01
C GLY A 51 8.65 -1.63 -1.50
N LEU A 52 9.47 -2.63 -1.39
CA LEU A 52 9.06 -3.98 -1.86
C LEU A 52 8.00 -4.53 -0.91
N CYS A 53 7.40 -5.63 -1.28
CA CYS A 53 6.34 -6.25 -0.43
C CYS A 53 6.99 -7.26 0.53
N PRO A 54 6.88 -7.01 1.81
CA PRO A 54 7.44 -7.89 2.84
C PRO A 54 6.54 -9.11 3.06
N ALA A 55 5.55 -9.28 2.24
CA ALA A 55 4.64 -10.45 2.42
C ALA A 55 4.64 -11.35 1.18
N CYS A 56 4.79 -10.78 0.02
CA CYS A 56 4.79 -11.63 -1.21
C CYS A 56 6.01 -11.30 -2.09
N ARG A 57 6.83 -10.37 -1.67
CA ARG A 57 8.02 -10.01 -2.48
C ARG A 57 7.57 -9.42 -3.82
N LYS A 58 7.46 -8.13 -3.89
CA LYS A 58 7.01 -7.48 -5.17
C LYS A 58 7.11 -5.96 -5.00
N PRO A 59 7.48 -5.29 -6.06
CA PRO A 59 7.63 -3.82 -6.05
C PRO A 59 6.26 -3.13 -6.07
N TYR A 60 5.96 -2.37 -5.05
CA TYR A 60 4.64 -1.68 -5.00
C TYR A 60 4.32 -1.09 -6.39
N PRO A 61 3.04 -0.89 -6.62
CA PRO A 61 2.56 -0.32 -7.90
C PRO A 61 2.81 1.19 -7.93
N GLU A 62 2.67 1.80 -9.08
CA GLU A 62 2.89 3.27 -9.18
C GLU A 62 1.57 3.97 -9.46
N ASP A 63 1.63 5.22 -9.86
CA ASP A 63 0.37 5.96 -10.16
C ASP A 63 -0.50 5.13 -11.10
N PRO A 64 -1.77 5.46 -11.11
CA PRO A 64 -2.76 4.77 -11.97
C PRO A 64 -2.71 5.31 -13.40
N ALA A 65 -1.67 6.02 -13.75
CA ALA A 65 -1.56 6.58 -15.13
C ALA A 65 -1.35 5.44 -16.13
N VAL A 66 -2.41 4.82 -16.56
CA VAL A 66 -2.30 3.71 -17.54
C VAL A 66 -1.06 2.85 -17.24
N TYR A 67 -1.21 1.88 -16.39
CA TYR A 67 -0.06 1.00 -16.04
C TYR A 67 0.64 0.54 -17.33
N LYS A 68 1.90 0.22 -17.24
CA LYS A 68 2.63 -0.25 -18.46
C LYS A 68 2.32 0.69 -19.62
N PRO A 69 3.14 1.69 -19.77
CA PRO A 69 3.00 2.69 -20.85
C PRO A 69 3.51 2.13 -22.17
N LEU A 70 3.17 2.75 -23.26
CA LEU A 70 3.62 2.25 -24.59
C LEU A 70 3.43 3.34 -25.64
N SER A 71 4.50 3.84 -26.20
CA SER A 71 4.38 4.90 -27.23
C SER A 71 5.40 4.66 -28.34
N GLN A 72 4.99 4.07 -29.43
CA GLN A 72 5.94 3.81 -30.54
C GLN A 72 7.04 2.86 -30.06
N GLU A 73 8.09 2.71 -30.82
CA GLU A 73 9.18 1.79 -30.39
C GLU A 73 10.42 2.62 -30.03
N GLU A 74 10.57 2.95 -28.78
CA GLU A 74 11.76 3.76 -28.35
C GLU A 74 11.99 3.58 -26.85
N LEU A 75 12.51 2.45 -26.45
CA LEU A 75 12.76 2.22 -25.00
C LEU A 75 14.11 1.51 -24.83
N GLN A 76 14.95 1.57 -25.83
CA GLN A 76 16.28 0.92 -25.72
C GLN A 76 16.10 -0.55 -25.32
N ARG A 77 15.12 -1.21 -25.89
CA ARG A 77 14.89 -2.63 -25.53
C ARG A 77 14.48 -3.41 -26.78
N ILE A 78 15.34 -3.48 -27.76
CA ILE A 78 15.00 -4.21 -29.01
C ILE A 78 15.54 -5.64 -28.92
ZN ZN B . -0.20 1.11 9.90
ZN ZN C . 2.62 -8.25 -2.08
N MET A 1 -23.01 11.32 16.38
CA MET A 1 -22.61 10.50 17.55
C MET A 1 -21.77 9.31 17.10
N SER A 2 -21.03 8.72 18.00
CA SER A 2 -20.18 7.55 17.61
C SER A 2 -20.89 6.26 18.05
N ARG A 3 -21.43 6.25 19.23
CA ARG A 3 -22.13 5.02 19.72
C ARG A 3 -21.12 3.90 19.91
N SER A 4 -21.53 2.80 20.49
CA SER A 4 -20.60 1.66 20.70
C SER A 4 -21.39 0.35 20.76
N PRO A 5 -21.79 -0.13 19.61
CA PRO A 5 -22.56 -1.37 19.50
C PRO A 5 -21.64 -2.59 19.67
N ASP A 6 -21.03 -3.02 18.59
CA ASP A 6 -20.13 -4.21 18.70
C ASP A 6 -19.36 -4.39 17.39
N ALA A 7 -20.05 -4.73 16.33
CA ALA A 7 -19.35 -4.93 15.02
C ALA A 7 -18.32 -6.04 15.17
N LYS A 8 -18.76 -7.26 15.27
CA LYS A 8 -17.81 -8.40 15.43
C LYS A 8 -16.88 -8.47 14.21
N GLU A 9 -17.36 -8.13 13.05
CA GLU A 9 -16.50 -8.21 11.84
C GLU A 9 -17.06 -7.29 10.76
N ASP A 10 -16.21 -6.51 10.13
CA ASP A 10 -16.69 -5.59 9.06
C ASP A 10 -15.62 -4.52 8.80
N PRO A 11 -15.20 -3.86 9.85
CA PRO A 11 -14.17 -2.81 9.76
C PRO A 11 -12.78 -3.42 9.66
N VAL A 12 -11.94 -2.87 8.83
CA VAL A 12 -10.57 -3.43 8.69
C VAL A 12 -9.60 -2.65 9.58
N GLU A 13 -8.44 -3.19 9.82
CA GLU A 13 -7.46 -2.47 10.68
C GLU A 13 -6.05 -2.69 10.13
N CYS A 14 -5.31 -1.63 9.94
CA CYS A 14 -3.92 -1.77 9.41
C CYS A 14 -3.20 -2.90 10.15
N PRO A 15 -2.82 -3.93 9.43
CA PRO A 15 -2.12 -5.09 10.01
C PRO A 15 -0.65 -4.73 10.26
N LEU A 16 -0.28 -3.51 9.96
CA LEU A 16 1.13 -3.08 10.17
C LEU A 16 1.24 -2.31 11.49
N CYS A 17 0.27 -1.48 11.77
CA CYS A 17 0.29 -0.71 13.04
C CYS A 17 -1.08 -0.84 13.73
N MET A 18 -1.81 -1.85 13.37
CA MET A 18 -3.15 -2.10 13.97
C MET A 18 -3.96 -0.81 14.08
N GLU A 19 -3.75 0.13 13.21
CA GLU A 19 -4.53 1.39 13.27
C GLU A 19 -5.90 1.17 12.63
N PRO A 20 -6.80 2.09 12.87
CA PRO A 20 -8.17 2.02 12.33
C PRO A 20 -8.18 2.44 10.86
N LEU A 21 -8.50 1.54 9.98
CA LEU A 21 -8.54 1.88 8.53
C LEU A 21 -9.77 2.75 8.25
N GLU A 22 -10.05 3.01 7.00
CA GLU A 22 -11.23 3.85 6.65
C GLU A 22 -11.85 3.37 5.34
N ILE A 23 -13.06 3.76 5.07
CA ILE A 23 -13.73 3.32 3.81
C ILE A 23 -12.83 3.65 2.62
N ASP A 24 -12.47 4.89 2.45
CA ASP A 24 -11.61 5.28 1.30
C ASP A 24 -10.16 4.89 1.60
N ASP A 25 -9.88 4.41 2.78
CA ASP A 25 -8.49 4.02 3.12
C ASP A 25 -8.33 2.50 3.04
N ILE A 26 -9.36 1.81 2.62
CA ILE A 26 -9.28 0.32 2.53
C ILE A 26 -8.74 -0.06 1.16
N ASN A 27 -9.04 0.69 0.14
CA ASN A 27 -8.55 0.36 -1.22
C ASN A 27 -7.11 0.86 -1.38
N PHE A 28 -6.52 1.38 -0.34
CA PHE A 28 -5.12 1.89 -0.44
C PHE A 28 -4.15 0.84 0.11
N PHE A 29 -3.50 0.12 -0.76
CA PHE A 29 -2.53 -0.91 -0.30
C PHE A 29 -1.18 -0.69 -0.98
N PRO A 30 -0.13 -1.09 -0.33
CA PRO A 30 1.23 -0.95 -0.86
C PRO A 30 1.49 -2.04 -1.89
N CYS A 31 0.78 -3.13 -1.80
CA CYS A 31 0.96 -4.24 -2.77
C CYS A 31 -0.40 -4.67 -3.31
N THR A 32 -0.42 -5.30 -4.47
CA THR A 32 -1.72 -5.73 -5.05
C THR A 32 -2.06 -7.15 -4.60
N CYS A 33 -1.35 -7.69 -3.63
CA CYS A 33 -1.66 -9.07 -3.18
C CYS A 33 -2.72 -9.03 -2.07
N GLY A 34 -2.74 -7.96 -1.30
CA GLY A 34 -3.76 -7.87 -0.22
C GLY A 34 -3.10 -7.44 1.09
N TYR A 35 -1.84 -7.09 1.07
CA TYR A 35 -1.18 -6.64 2.34
C TYR A 35 -1.42 -5.14 2.51
N GLN A 36 -2.64 -4.72 2.34
CA GLN A 36 -2.98 -3.28 2.47
C GLN A 36 -2.51 -2.74 3.83
N ILE A 37 -2.18 -1.48 3.88
CA ILE A 37 -1.73 -0.87 5.15
C ILE A 37 -2.37 0.52 5.29
N CYS A 38 -2.01 1.26 6.30
CA CYS A 38 -2.60 2.62 6.46
C CYS A 38 -1.73 3.65 5.75
N ARG A 39 -2.22 4.84 5.55
CA ARG A 39 -1.40 5.87 4.83
C ARG A 39 -0.23 6.32 5.70
N PHE A 40 -0.20 5.92 6.94
CA PHE A 40 0.94 6.33 7.82
C PHE A 40 1.99 5.22 7.84
N CYS A 41 1.65 4.05 7.40
CA CYS A 41 2.64 2.93 7.39
C CYS A 41 3.37 2.94 6.05
N TRP A 42 2.71 3.38 5.01
CA TRP A 42 3.35 3.42 3.67
C TRP A 42 4.18 4.69 3.53
N HIS A 43 4.08 5.58 4.49
CA HIS A 43 4.86 6.84 4.41
C HIS A 43 6.28 6.60 4.93
N ARG A 44 6.41 5.78 5.94
CA ARG A 44 7.77 5.50 6.49
C ARG A 44 8.39 4.32 5.75
N ILE A 45 7.58 3.48 5.16
CA ILE A 45 8.12 2.31 4.41
C ILE A 45 8.83 2.80 3.14
N ARG A 46 8.33 3.86 2.55
CA ARG A 46 8.98 4.37 1.30
C ARG A 46 10.07 5.38 1.67
N THR A 47 10.57 5.33 2.87
CA THR A 47 11.63 6.29 3.28
C THR A 47 12.89 5.53 3.67
N ASP A 48 12.81 4.72 4.70
CA ASP A 48 14.02 3.96 5.13
C ASP A 48 13.97 2.54 4.54
N GLU A 49 12.79 2.01 4.37
CA GLU A 49 12.68 0.63 3.80
C GLU A 49 12.90 0.68 2.28
N ASN A 50 12.32 -0.23 1.55
CA ASN A 50 12.49 -0.24 0.08
C ASN A 50 11.13 -0.11 -0.60
N GLY A 51 10.06 -0.18 0.16
CA GLY A 51 8.71 -0.05 -0.45
C GLY A 51 8.28 -1.40 -1.00
N LEU A 52 8.91 -2.46 -0.58
CA LEU A 52 8.55 -3.81 -1.09
C LEU A 52 7.42 -4.39 -0.23
N CYS A 53 6.82 -5.45 -0.69
CA CYS A 53 5.71 -6.09 0.09
C CYS A 53 6.31 -7.17 1.01
N PRO A 54 6.25 -6.93 2.29
CA PRO A 54 6.77 -7.88 3.29
C PRO A 54 5.82 -9.07 3.46
N ALA A 55 4.78 -9.12 2.68
CA ALA A 55 3.81 -10.24 2.79
C ALA A 55 3.95 -11.16 1.57
N CYS A 56 4.44 -10.66 0.47
CA CYS A 56 4.59 -11.53 -0.73
C CYS A 56 5.78 -11.07 -1.59
N ARG A 57 6.71 -10.38 -1.01
CA ARG A 57 7.89 -9.91 -1.80
C ARG A 57 7.43 -9.36 -3.15
N LYS A 58 6.94 -8.15 -3.18
CA LYS A 58 6.48 -7.56 -4.46
C LYS A 58 6.60 -6.03 -4.38
N PRO A 59 7.08 -5.43 -5.43
CA PRO A 59 7.27 -3.97 -5.49
C PRO A 59 5.92 -3.25 -5.62
N TYR A 60 5.61 -2.39 -4.68
CA TYR A 60 4.31 -1.66 -4.74
C TYR A 60 4.04 -1.21 -6.18
N PRO A 61 2.79 -1.24 -6.56
CA PRO A 61 2.37 -0.83 -7.92
C PRO A 61 2.32 0.69 -8.04
N GLU A 62 3.45 1.33 -8.17
CA GLU A 62 3.46 2.81 -8.30
C GLU A 62 4.43 3.22 -9.40
N ASP A 63 3.95 3.37 -10.61
CA ASP A 63 4.85 3.76 -11.73
C ASP A 63 6.08 2.83 -11.75
N PRO A 64 5.93 1.73 -12.45
CA PRO A 64 7.00 0.73 -12.56
C PRO A 64 8.08 1.19 -13.55
N ALA A 65 7.96 2.39 -14.06
CA ALA A 65 8.97 2.90 -15.02
C ALA A 65 8.96 2.01 -16.27
N VAL A 66 7.79 1.67 -16.74
CA VAL A 66 7.69 0.81 -17.97
C VAL A 66 7.86 -0.66 -17.58
N TYR A 67 9.03 -1.04 -17.15
CA TYR A 67 9.26 -2.46 -16.77
C TYR A 67 8.80 -3.37 -17.91
N LYS A 68 9.62 -3.51 -18.92
CA LYS A 68 9.23 -4.38 -20.07
C LYS A 68 10.47 -5.08 -20.62
N PRO A 69 10.76 -6.24 -20.08
CA PRO A 69 11.92 -7.05 -20.49
C PRO A 69 11.62 -7.80 -21.78
N LEU A 70 10.88 -8.88 -21.71
CA LEU A 70 10.57 -9.66 -22.94
C LEU A 70 11.87 -10.04 -23.63
N SER A 71 12.94 -10.12 -22.88
CA SER A 71 14.26 -10.48 -23.49
C SER A 71 15.21 -10.91 -22.38
N GLN A 72 15.18 -10.24 -21.26
CA GLN A 72 16.09 -10.61 -20.14
C GLN A 72 17.54 -10.39 -20.55
N GLU A 73 18.29 -11.42 -20.78
CA GLU A 73 19.72 -11.24 -21.18
C GLU A 73 19.78 -10.35 -22.42
N GLU A 74 20.80 -9.55 -22.54
CA GLU A 74 20.91 -8.65 -23.73
C GLU A 74 21.72 -9.35 -24.83
N LEU A 75 21.22 -9.35 -26.03
CA LEU A 75 21.96 -10.01 -27.14
C LEU A 75 21.91 -9.11 -28.38
N GLN A 76 22.99 -8.42 -28.67
CA GLN A 76 23.00 -7.53 -29.86
C GLN A 76 23.70 -8.24 -31.03
N ARG A 77 23.27 -9.43 -31.34
CA ARG A 77 23.91 -10.17 -32.48
C ARG A 77 25.42 -10.19 -32.28
N ILE A 78 25.88 -10.14 -31.06
CA ILE A 78 27.35 -10.15 -30.82
C ILE A 78 27.65 -10.91 -29.52
ZN ZN B . -0.45 1.32 9.69
ZN ZN C . 2.21 -8.40 -1.74
N MET A 1 -25.58 3.45 25.56
CA MET A 1 -24.44 3.99 24.76
C MET A 1 -23.22 4.15 25.67
N SER A 2 -22.07 4.38 25.09
CA SER A 2 -20.84 4.54 25.92
C SER A 2 -19.66 4.91 25.01
N ARG A 3 -19.88 5.81 24.08
CA ARG A 3 -18.76 6.21 23.17
C ARG A 3 -18.20 4.96 22.47
N SER A 4 -18.93 4.41 21.55
CA SER A 4 -18.45 3.20 20.83
C SER A 4 -19.02 3.19 19.41
N PRO A 5 -18.30 2.53 18.52
CA PRO A 5 -18.71 2.42 17.11
C PRO A 5 -19.78 1.36 16.95
N ASP A 6 -20.69 1.53 16.03
CA ASP A 6 -21.76 0.52 15.83
C ASP A 6 -21.15 -0.88 15.79
N ALA A 7 -20.00 -1.01 15.19
CA ALA A 7 -19.35 -2.35 15.12
C ALA A 7 -20.25 -3.32 14.36
N LYS A 8 -19.69 -4.07 13.44
CA LYS A 8 -20.53 -5.04 12.67
C LYS A 8 -19.75 -6.35 12.52
N GLU A 9 -19.04 -6.50 11.44
CA GLU A 9 -18.25 -7.76 11.24
C GLU A 9 -16.76 -7.45 11.35
N ASP A 10 -16.36 -6.78 12.40
CA ASP A 10 -14.92 -6.45 12.56
C ASP A 10 -14.46 -5.57 11.38
N PRO A 11 -14.15 -4.34 11.66
CA PRO A 11 -13.69 -3.39 10.62
C PRO A 11 -12.22 -3.65 10.27
N VAL A 12 -11.79 -3.18 9.13
CA VAL A 12 -10.37 -3.40 8.73
C VAL A 12 -9.45 -2.42 9.45
N GLU A 13 -8.27 -2.85 9.80
CA GLU A 13 -7.33 -1.94 10.51
C GLU A 13 -5.89 -2.33 10.17
N CYS A 14 -5.05 -1.38 9.88
CA CYS A 14 -3.63 -1.70 9.53
C CYS A 14 -3.10 -2.74 10.51
N PRO A 15 -2.84 -3.92 10.01
CA PRO A 15 -2.30 -5.02 10.83
C PRO A 15 -0.79 -4.86 11.02
N LEU A 16 -0.20 -3.88 10.39
CA LEU A 16 1.27 -3.67 10.53
C LEU A 16 1.55 -2.68 11.66
N CYS A 17 0.63 -1.80 11.94
CA CYS A 17 0.86 -0.81 13.03
C CYS A 17 -0.43 -0.66 13.85
N MET A 18 -1.40 -1.50 13.60
CA MET A 18 -2.68 -1.41 14.34
C MET A 18 -3.30 -0.03 14.16
N GLU A 19 -4.08 0.16 13.13
CA GLU A 19 -4.72 1.48 12.90
C GLU A 19 -6.11 1.28 12.32
N PRO A 20 -6.99 2.22 12.59
CA PRO A 20 -8.38 2.17 12.12
C PRO A 20 -8.47 2.56 10.64
N LEU A 21 -9.08 1.74 9.84
CA LEU A 21 -9.20 2.05 8.39
C LEU A 21 -10.63 2.51 8.07
N GLU A 22 -10.79 3.51 7.25
CA GLU A 22 -12.15 3.99 6.90
C GLU A 22 -12.60 3.34 5.59
N ILE A 23 -13.60 3.89 4.95
CA ILE A 23 -14.08 3.29 3.68
C ILE A 23 -13.10 3.63 2.56
N ASP A 24 -12.63 4.85 2.50
CA ASP A 24 -11.68 5.24 1.42
C ASP A 24 -10.24 4.85 1.82
N ASP A 25 -10.09 3.98 2.78
CA ASP A 25 -8.71 3.58 3.20
C ASP A 25 -8.64 2.06 3.35
N ILE A 26 -9.72 1.37 3.12
CA ILE A 26 -9.71 -0.12 3.26
C ILE A 26 -9.14 -0.73 1.98
N ASN A 27 -9.05 0.03 0.93
CA ASN A 27 -8.52 -0.52 -0.35
C ASN A 27 -7.25 0.24 -0.73
N PHE A 28 -6.82 1.17 0.09
CA PHE A 28 -5.59 1.94 -0.24
C PHE A 28 -4.36 1.14 0.20
N PHE A 29 -3.63 0.60 -0.73
CA PHE A 29 -2.41 -0.17 -0.36
C PHE A 29 -1.42 -0.13 -1.51
N PRO A 30 -0.18 -0.38 -1.20
CA PRO A 30 0.90 -0.40 -2.18
C PRO A 30 0.87 -1.71 -2.98
N CYS A 31 1.55 -2.72 -2.51
CA CYS A 31 1.55 -4.02 -3.25
C CYS A 31 0.12 -4.36 -3.69
N THR A 32 -0.03 -4.87 -4.88
CA THR A 32 -1.41 -5.22 -5.37
C THR A 32 -1.75 -6.66 -5.01
N CYS A 33 -1.24 -7.15 -3.91
CA CYS A 33 -1.57 -8.56 -3.52
C CYS A 33 -2.72 -8.56 -2.51
N GLY A 34 -3.07 -7.40 -2.00
CA GLY A 34 -4.19 -7.34 -1.01
C GLY A 34 -3.67 -6.92 0.36
N TYR A 35 -2.43 -7.20 0.67
CA TYR A 35 -1.90 -6.80 2.00
C TYR A 35 -2.22 -5.32 2.22
N GLN A 36 -3.33 -5.04 2.84
CA GLN A 36 -3.71 -3.62 3.06
C GLN A 36 -2.91 -3.00 4.20
N ILE A 37 -2.50 -1.78 4.04
CA ILE A 37 -1.72 -1.09 5.11
C ILE A 37 -2.24 0.34 5.25
N CYS A 38 -1.78 1.07 6.23
CA CYS A 38 -2.25 2.46 6.40
C CYS A 38 -1.30 3.40 5.64
N ARG A 39 -1.74 4.60 5.37
CA ARG A 39 -0.85 5.56 4.64
C ARG A 39 0.35 5.92 5.50
N PHE A 40 0.30 5.61 6.77
CA PHE A 40 1.44 5.94 7.67
C PHE A 40 2.47 4.82 7.61
N CYS A 41 2.10 3.67 7.12
CA CYS A 41 3.06 2.54 7.04
C CYS A 41 3.78 2.57 5.69
N TRP A 42 3.13 3.02 4.67
CA TRP A 42 3.77 3.08 3.32
C TRP A 42 4.70 4.30 3.26
N HIS A 43 4.31 5.39 3.86
CA HIS A 43 5.18 6.60 3.82
C HIS A 43 6.40 6.37 4.71
N ARG A 44 6.45 5.27 5.41
CA ARG A 44 7.62 4.99 6.29
C ARG A 44 8.38 3.77 5.77
N ILE A 45 7.74 2.96 4.97
CA ILE A 45 8.42 1.75 4.43
C ILE A 45 9.13 2.11 3.11
N ARG A 46 8.51 2.91 2.29
CA ARG A 46 9.16 3.29 1.00
C ARG A 46 10.10 4.48 1.21
N THR A 47 9.92 5.22 2.27
CA THR A 47 10.81 6.39 2.51
C THR A 47 12.02 5.95 3.32
N ASP A 48 11.81 5.19 4.37
CA ASP A 48 12.95 4.72 5.21
C ASP A 48 13.38 3.33 4.74
N GLU A 49 12.45 2.48 4.46
CA GLU A 49 12.80 1.10 4.01
C GLU A 49 13.01 1.11 2.50
N ASN A 50 12.80 -0.01 1.86
CA ASN A 50 12.99 -0.07 0.38
C ASN A 50 11.64 0.08 -0.32
N GLY A 51 10.57 -0.31 0.34
CA GLY A 51 9.22 -0.17 -0.28
C GLY A 51 8.79 -1.52 -0.86
N LEU A 52 9.19 -2.61 -0.24
CA LEU A 52 8.79 -3.94 -0.77
C LEU A 52 7.60 -4.48 0.03
N CYS A 53 7.00 -5.54 -0.44
CA CYS A 53 5.83 -6.12 0.26
C CYS A 53 6.31 -7.18 1.27
N PRO A 54 6.08 -6.93 2.53
CA PRO A 54 6.47 -7.86 3.61
C PRO A 54 5.46 -9.00 3.72
N ALA A 55 4.53 -9.07 2.79
CA ALA A 55 3.49 -10.13 2.85
C ALA A 55 3.63 -11.08 1.66
N CYS A 56 4.19 -10.63 0.56
CA CYS A 56 4.32 -11.53 -0.62
C CYS A 56 5.58 -11.17 -1.45
N ARG A 57 6.44 -10.35 -0.90
CA ARG A 57 7.66 -9.98 -1.67
C ARG A 57 7.25 -9.34 -3.00
N LYS A 58 7.00 -8.07 -3.00
CA LYS A 58 6.60 -7.38 -4.26
C LYS A 58 6.86 -5.88 -4.12
N PRO A 59 7.35 -5.27 -5.18
CA PRO A 59 7.65 -3.83 -5.19
C PRO A 59 6.36 -3.02 -5.33
N TYR A 60 6.06 -2.23 -4.34
CA TYR A 60 4.81 -1.39 -4.39
C TYR A 60 4.62 -0.84 -5.82
N PRO A 61 3.41 -0.89 -6.31
CA PRO A 61 3.07 -0.40 -7.65
C PRO A 61 2.85 1.12 -7.62
N GLU A 62 3.34 1.82 -8.61
CA GLU A 62 3.14 3.30 -8.63
C GLU A 62 1.88 3.63 -9.41
N ASP A 63 1.98 3.74 -10.71
CA ASP A 63 0.77 4.05 -11.52
C ASP A 63 -0.04 5.16 -10.84
N PRO A 64 0.51 6.35 -10.82
CA PRO A 64 -0.13 7.52 -10.21
C PRO A 64 -1.20 8.08 -11.14
N ALA A 65 -1.20 7.67 -12.39
CA ALA A 65 -2.22 8.18 -13.35
C ALA A 65 -1.79 7.84 -14.77
N VAL A 66 -0.52 7.89 -15.05
CA VAL A 66 -0.04 7.57 -16.42
C VAL A 66 1.42 7.11 -16.36
N TYR A 67 1.68 5.89 -16.75
CA TYR A 67 3.08 5.38 -16.71
C TYR A 67 4.04 6.46 -17.23
N LYS A 68 5.20 6.57 -16.65
CA LYS A 68 6.17 7.60 -17.11
C LYS A 68 7.60 7.10 -16.82
N PRO A 69 8.51 7.48 -17.68
CA PRO A 69 9.93 7.09 -17.56
C PRO A 69 10.62 7.97 -16.51
N LEU A 70 11.06 9.13 -16.88
CA LEU A 70 11.74 10.03 -15.91
C LEU A 70 13.05 9.38 -15.46
N SER A 71 13.81 8.86 -16.39
CA SER A 71 15.11 8.21 -16.01
C SER A 71 15.77 7.62 -17.26
N GLN A 72 15.78 8.36 -18.35
CA GLN A 72 16.41 7.83 -19.59
C GLN A 72 15.56 6.69 -20.14
N GLU A 73 15.89 6.19 -21.30
CA GLU A 73 15.09 5.08 -21.89
C GLU A 73 15.75 4.61 -23.19
N GLU A 74 15.33 3.49 -23.71
CA GLU A 74 15.92 2.98 -24.97
C GLU A 74 17.32 2.44 -24.68
N LEU A 75 17.70 1.35 -25.30
CA LEU A 75 19.05 0.78 -25.07
C LEU A 75 19.98 1.17 -26.22
N GLN A 76 19.44 1.77 -27.26
CA GLN A 76 20.29 2.16 -28.41
C GLN A 76 21.22 1.00 -28.78
N ARG A 77 22.36 1.30 -29.34
CA ARG A 77 23.30 0.22 -29.73
C ARG A 77 24.74 0.67 -29.45
N ILE A 78 24.96 1.31 -28.34
CA ILE A 78 26.34 1.79 -28.01
C ILE A 78 26.89 0.95 -26.85
ZN ZN B . 0.06 1.10 9.51
ZN ZN C . 2.32 -8.19 -1.80
N MET A 1 -25.44 -0.83 17.49
CA MET A 1 -24.01 -0.54 17.19
C MET A 1 -23.94 0.33 15.94
N SER A 2 -23.65 1.60 16.11
CA SER A 2 -23.55 2.50 14.93
C SER A 2 -22.85 3.79 15.33
N ARG A 3 -21.76 4.11 14.68
CA ARG A 3 -21.02 5.37 15.02
C ARG A 3 -20.61 5.35 16.49
N SER A 4 -20.51 4.19 17.09
CA SER A 4 -20.10 4.12 18.52
C SER A 4 -18.68 3.57 18.61
N PRO A 5 -17.76 4.39 19.07
CA PRO A 5 -16.35 3.98 19.22
C PRO A 5 -16.16 3.10 20.45
N ASP A 6 -17.21 2.83 21.17
CA ASP A 6 -17.08 1.97 22.38
C ASP A 6 -16.25 0.73 22.03
N ALA A 7 -16.24 0.35 20.78
CA ALA A 7 -15.44 -0.83 20.36
C ALA A 7 -14.83 -0.57 18.99
N LYS A 8 -14.10 -1.51 18.46
CA LYS A 8 -13.49 -1.30 17.11
C LYS A 8 -14.58 -0.89 16.12
N GLU A 9 -14.21 -0.41 14.97
CA GLU A 9 -15.23 -0.01 13.97
C GLU A 9 -14.86 -0.57 12.59
N ASP A 10 -15.72 -1.35 12.00
CA ASP A 10 -15.42 -1.91 10.66
C ASP A 10 -14.36 -3.02 10.81
N PRO A 11 -14.51 -4.06 10.03
CA PRO A 11 -13.58 -5.21 10.04
C PRO A 11 -12.31 -4.90 9.23
N VAL A 12 -11.86 -3.67 9.23
CA VAL A 12 -10.64 -3.34 8.46
C VAL A 12 -9.79 -2.35 9.26
N GLU A 13 -8.54 -2.64 9.47
CA GLU A 13 -7.67 -1.71 10.24
C GLU A 13 -6.21 -2.15 10.12
N CYS A 14 -5.34 -1.24 9.83
CA CYS A 14 -3.89 -1.60 9.70
C CYS A 14 -3.50 -2.56 10.83
N PRO A 15 -3.34 -3.82 10.49
CA PRO A 15 -2.97 -4.85 11.47
C PRO A 15 -1.47 -4.83 11.74
N LEU A 16 -0.73 -4.01 11.03
CA LEU A 16 0.74 -3.96 11.25
C LEU A 16 1.08 -2.87 12.28
N CYS A 17 0.25 -1.88 12.40
CA CYS A 17 0.53 -0.80 13.40
C CYS A 17 -0.72 -0.57 14.25
N MET A 18 -1.78 -1.28 13.96
CA MET A 18 -3.03 -1.10 14.74
C MET A 18 -3.63 0.29 14.47
N GLU A 19 -4.60 0.37 13.61
CA GLU A 19 -5.22 1.69 13.29
C GLU A 19 -6.52 1.46 12.51
N PRO A 20 -7.43 2.40 12.63
CA PRO A 20 -8.73 2.32 11.95
C PRO A 20 -8.59 2.67 10.47
N LEU A 21 -8.80 1.71 9.61
CA LEU A 21 -8.68 1.97 8.14
C LEU A 21 -9.91 2.75 7.67
N GLU A 22 -9.71 3.79 6.92
CA GLU A 22 -10.88 4.58 6.43
C GLU A 22 -11.62 3.75 5.38
N ILE A 23 -12.48 4.38 4.61
CA ILE A 23 -13.23 3.63 3.56
C ILE A 23 -12.37 3.54 2.30
N ASP A 24 -12.02 4.66 1.73
CA ASP A 24 -11.19 4.64 0.49
C ASP A 24 -9.82 4.04 0.81
N ASP A 25 -9.46 3.99 2.07
CA ASP A 25 -8.14 3.43 2.45
C ASP A 25 -8.16 1.91 2.27
N ILE A 26 -9.25 1.27 2.59
CA ILE A 26 -9.33 -0.20 2.45
C ILE A 26 -8.75 -0.62 1.09
N ASN A 27 -9.26 -0.07 0.02
CA ASN A 27 -8.73 -0.44 -1.32
C ASN A 27 -7.31 0.10 -1.51
N PHE A 28 -6.99 1.20 -0.87
CA PHE A 28 -5.63 1.76 -1.01
C PHE A 28 -4.62 0.89 -0.27
N PHE A 29 -3.60 0.45 -0.95
CA PHE A 29 -2.56 -0.39 -0.29
C PHE A 29 -1.25 -0.28 -1.06
N PRO A 30 -0.18 -0.67 -0.40
CA PRO A 30 1.16 -0.66 -1.00
C PRO A 30 1.32 -1.87 -1.92
N CYS A 31 0.46 -2.84 -1.78
CA CYS A 31 0.55 -4.06 -2.64
C CYS A 31 -0.86 -4.57 -2.94
N THR A 32 -1.07 -5.15 -4.10
CA THR A 32 -2.42 -5.64 -4.44
C THR A 32 -2.60 -7.09 -3.93
N CYS A 33 -1.74 -7.53 -3.04
CA CYS A 33 -1.88 -8.92 -2.53
C CYS A 33 -2.70 -8.92 -1.23
N GLY A 34 -3.47 -7.88 -1.02
CA GLY A 34 -4.31 -7.81 0.22
C GLY A 34 -3.46 -7.31 1.39
N TYR A 35 -2.57 -8.13 1.90
CA TYR A 35 -1.72 -7.68 3.04
C TYR A 35 -1.24 -6.26 2.75
N GLN A 36 -1.86 -5.29 3.34
CA GLN A 36 -1.45 -3.88 3.09
C GLN A 36 -1.24 -3.16 4.42
N ILE A 37 -1.15 -1.86 4.39
CA ILE A 37 -0.92 -1.09 5.65
C ILE A 37 -1.70 0.22 5.59
N CYS A 38 -1.51 1.08 6.56
CA CYS A 38 -2.23 2.38 6.54
C CYS A 38 -1.38 3.42 5.82
N ARG A 39 -1.88 4.62 5.68
CA ARG A 39 -1.10 5.67 4.98
C ARG A 39 0.10 6.07 5.85
N PHE A 40 0.04 5.74 7.12
CA PHE A 40 1.17 6.10 8.03
C PHE A 40 2.24 5.00 7.99
N CYS A 41 1.88 3.84 7.52
CA CYS A 41 2.87 2.72 7.45
C CYS A 41 3.58 2.77 6.09
N TRP A 42 2.85 3.07 5.04
CA TRP A 42 3.47 3.13 3.69
C TRP A 42 4.38 4.35 3.62
N HIS A 43 4.04 5.40 4.32
CA HIS A 43 4.89 6.63 4.28
C HIS A 43 6.24 6.33 4.94
N ARG A 44 6.37 5.19 5.55
CA ARG A 44 7.66 4.85 6.22
C ARG A 44 8.42 3.81 5.37
N ILE A 45 7.72 3.02 4.61
CA ILE A 45 8.42 2.00 3.77
C ILE A 45 9.08 2.68 2.58
N ARG A 46 8.36 3.51 1.88
CA ARG A 46 8.95 4.20 0.70
C ARG A 46 9.95 5.25 1.17
N THR A 47 10.09 5.42 2.46
CA THR A 47 11.05 6.43 2.98
C THR A 47 12.37 5.76 3.36
N ASP A 48 12.34 4.83 4.27
CA ASP A 48 13.60 4.15 4.68
C ASP A 48 13.49 2.64 4.49
N GLU A 49 12.35 2.07 4.77
CA GLU A 49 12.19 0.60 4.60
C GLU A 49 12.22 0.24 3.12
N ASN A 50 11.86 -0.96 2.77
CA ASN A 50 11.86 -1.36 1.35
C ASN A 50 10.46 -1.22 0.76
N GLY A 51 10.29 -0.32 -0.18
CA GLY A 51 8.95 -0.12 -0.79
C GLY A 51 8.41 -1.47 -1.26
N LEU A 52 9.26 -2.44 -1.44
CA LEU A 52 8.79 -3.78 -1.90
C LEU A 52 7.75 -4.32 -0.92
N CYS A 53 7.14 -5.42 -1.25
CA CYS A 53 6.11 -6.02 -0.34
C CYS A 53 6.80 -7.02 0.61
N PRO A 54 6.69 -6.78 1.89
CA PRO A 54 7.30 -7.66 2.90
C PRO A 54 6.43 -8.90 3.14
N ALA A 55 5.54 -9.21 2.23
CA ALA A 55 4.67 -10.40 2.43
C ALA A 55 4.58 -11.23 1.14
N CYS A 56 4.77 -10.63 0.00
CA CYS A 56 4.68 -11.41 -1.27
C CYS A 56 5.74 -10.93 -2.27
N ARG A 57 6.68 -10.14 -1.84
CA ARG A 57 7.73 -9.66 -2.79
C ARG A 57 7.05 -8.93 -3.96
N LYS A 58 7.17 -7.63 -4.00
CA LYS A 58 6.54 -6.85 -5.10
C LYS A 58 6.73 -5.35 -4.82
N PRO A 59 7.13 -4.61 -5.82
CA PRO A 59 7.35 -3.16 -5.68
C PRO A 59 6.01 -2.43 -5.65
N TYR A 60 5.71 -1.76 -4.57
CA TYR A 60 4.41 -1.03 -4.47
C TYR A 60 4.11 -0.33 -5.79
N PRO A 61 2.84 -0.15 -6.07
CA PRO A 61 2.38 0.50 -7.30
C PRO A 61 2.53 2.02 -7.19
N GLU A 62 3.62 2.55 -7.68
CA GLU A 62 3.82 4.03 -7.60
C GLU A 62 4.48 4.52 -8.89
N ASP A 63 3.74 4.56 -9.97
CA ASP A 63 4.33 5.03 -11.26
C ASP A 63 3.26 4.97 -12.36
N PRO A 64 3.47 5.75 -13.39
CA PRO A 64 2.55 5.83 -14.54
C PRO A 64 2.76 4.62 -15.47
N ALA A 65 3.83 4.61 -16.21
CA ALA A 65 4.08 3.48 -17.13
C ALA A 65 5.45 3.66 -17.80
N VAL A 66 6.36 2.76 -17.57
CA VAL A 66 7.71 2.90 -18.18
C VAL A 66 8.18 1.57 -18.75
N TYR A 67 7.93 1.32 -20.00
CA TYR A 67 8.37 0.03 -20.62
C TYR A 67 7.78 -1.15 -19.85
N LYS A 68 6.63 -1.63 -20.25
CA LYS A 68 6.02 -2.80 -19.55
C LYS A 68 4.54 -2.90 -19.93
N PRO A 69 3.82 -1.82 -19.72
CA PRO A 69 2.37 -1.77 -20.03
C PRO A 69 2.15 -1.61 -21.53
N LEU A 70 2.12 -2.70 -22.26
CA LEU A 70 1.90 -2.59 -23.73
C LEU A 70 0.70 -1.67 -24.00
N SER A 71 0.65 -1.07 -25.15
CA SER A 71 -0.49 -0.16 -25.47
C SER A 71 -0.13 0.70 -26.67
N GLN A 72 0.23 0.09 -27.76
CA GLN A 72 0.58 0.88 -28.98
C GLN A 72 0.77 -0.06 -30.17
N GLU A 73 1.16 0.46 -31.29
CA GLU A 73 1.34 -0.40 -32.49
C GLU A 73 2.73 -1.04 -32.45
N GLU A 74 2.86 -2.22 -33.01
CA GLU A 74 4.19 -2.91 -33.00
C GLU A 74 5.07 -2.33 -34.10
N LEU A 75 6.35 -2.29 -33.89
CA LEU A 75 7.27 -1.74 -34.93
C LEU A 75 7.27 -2.66 -36.16
N GLN A 76 7.91 -2.26 -37.22
CA GLN A 76 7.95 -3.11 -38.44
C GLN A 76 9.26 -3.91 -38.46
N ARG A 77 9.18 -5.19 -38.21
CA ARG A 77 10.42 -6.00 -38.22
C ARG A 77 11.37 -5.51 -37.13
N ILE A 78 10.86 -4.78 -36.18
CA ILE A 78 11.73 -4.25 -35.09
C ILE A 78 12.86 -3.41 -35.69
ZN ZN B . -0.22 1.16 9.77
ZN ZN C . 2.29 -8.13 -1.69
N MET A 1 -22.71 -2.28 28.29
CA MET A 1 -21.72 -1.35 27.68
C MET A 1 -22.42 -0.07 27.23
N SER A 2 -22.06 1.04 27.80
CA SER A 2 -22.70 2.34 27.40
C SER A 2 -21.93 2.95 26.24
N ARG A 3 -21.92 4.24 26.14
CA ARG A 3 -21.18 4.91 25.02
C ARG A 3 -21.88 4.59 23.70
N SER A 4 -21.68 5.42 22.70
CA SER A 4 -22.33 5.17 21.38
C SER A 4 -21.82 3.84 20.81
N PRO A 5 -22.65 3.23 20.00
CA PRO A 5 -22.33 1.94 19.35
C PRO A 5 -21.38 2.16 18.17
N ASP A 6 -20.99 1.10 17.51
CA ASP A 6 -20.07 1.24 16.34
C ASP A 6 -18.71 1.75 16.83
N ALA A 7 -18.22 1.21 17.90
CA ALA A 7 -16.90 1.66 18.43
C ALA A 7 -16.03 0.44 18.74
N LYS A 8 -16.43 -0.72 18.28
CA LYS A 8 -15.61 -1.94 18.56
C LYS A 8 -15.12 -2.55 17.24
N GLU A 9 -14.81 -3.81 17.23
CA GLU A 9 -14.31 -4.45 15.98
C GLU A 9 -15.41 -4.40 14.91
N ASP A 10 -15.02 -4.31 13.67
CA ASP A 10 -16.02 -4.27 12.57
C ASP A 10 -15.34 -3.78 11.28
N PRO A 11 -14.71 -2.64 11.37
CA PRO A 11 -13.99 -2.04 10.23
C PRO A 11 -12.63 -2.72 10.06
N VAL A 12 -11.90 -2.36 9.04
CA VAL A 12 -10.55 -2.98 8.84
C VAL A 12 -9.55 -2.29 9.77
N GLU A 13 -8.52 -2.98 10.17
CA GLU A 13 -7.52 -2.34 11.07
C GLU A 13 -6.10 -2.68 10.60
N CYS A 14 -5.31 -1.68 10.28
CA CYS A 14 -3.93 -1.95 9.82
C CYS A 14 -3.26 -2.95 10.78
N PRO A 15 -3.01 -4.14 10.30
CA PRO A 15 -2.37 -5.20 11.10
C PRO A 15 -0.86 -4.99 11.15
N LEU A 16 -0.38 -3.87 10.70
CA LEU A 16 1.08 -3.61 10.71
C LEU A 16 1.41 -2.58 11.81
N CYS A 17 0.48 -1.74 12.14
CA CYS A 17 0.73 -0.73 13.21
C CYS A 17 -0.43 -0.73 14.20
N MET A 18 -1.43 -1.54 13.96
CA MET A 18 -2.58 -1.63 14.89
C MET A 18 -3.43 -0.35 14.82
N GLU A 19 -3.31 0.39 13.76
CA GLU A 19 -4.12 1.64 13.64
C GLU A 19 -5.44 1.33 12.91
N PRO A 20 -6.40 2.20 13.09
CA PRO A 20 -7.72 2.06 12.47
C PRO A 20 -7.66 2.47 10.99
N LEU A 21 -8.27 1.68 10.12
CA LEU A 21 -8.23 2.02 8.67
C LEU A 21 -9.36 3.00 8.35
N GLU A 22 -9.52 3.34 7.10
CA GLU A 22 -10.60 4.29 6.70
C GLU A 22 -11.40 3.66 5.55
N ILE A 23 -12.44 4.31 5.11
CA ILE A 23 -13.25 3.74 4.00
C ILE A 23 -12.46 3.84 2.69
N ASP A 24 -11.98 5.00 2.36
CA ASP A 24 -11.20 5.15 1.10
C ASP A 24 -9.75 4.71 1.34
N ASP A 25 -9.43 4.29 2.54
CA ASP A 25 -8.03 3.85 2.83
C ASP A 25 -7.94 2.33 2.68
N ILE A 26 -9.06 1.67 2.61
CA ILE A 26 -9.04 0.19 2.48
C ILE A 26 -8.52 -0.20 1.09
N ASN A 27 -9.30 0.00 0.07
CA ASN A 27 -8.86 -0.37 -1.30
C ASN A 27 -7.44 0.14 -1.55
N PHE A 28 -7.01 1.13 -0.83
CA PHE A 28 -5.63 1.67 -1.04
C PHE A 28 -4.60 0.74 -0.41
N PHE A 29 -3.84 0.04 -1.21
CA PHE A 29 -2.78 -0.86 -0.67
C PHE A 29 -1.46 -0.56 -1.37
N PRO A 30 -0.38 -0.79 -0.67
CA PRO A 30 0.96 -0.56 -1.22
C PRO A 30 1.34 -1.68 -2.18
N CYS A 31 0.56 -2.72 -2.23
CA CYS A 31 0.89 -3.85 -3.14
C CYS A 31 -0.38 -4.33 -3.85
N THR A 32 -0.21 -5.07 -4.92
CA THR A 32 -1.40 -5.57 -5.68
C THR A 32 -1.82 -6.95 -5.14
N CYS A 33 -0.95 -7.63 -4.45
CA CYS A 33 -1.30 -8.97 -3.92
C CYS A 33 -2.51 -8.85 -2.99
N GLY A 34 -2.56 -7.84 -2.17
CA GLY A 34 -3.72 -7.69 -1.26
C GLY A 34 -3.29 -7.12 0.10
N TYR A 35 -2.17 -7.56 0.61
CA TYR A 35 -1.72 -7.03 1.94
C TYR A 35 -1.86 -5.51 1.94
N GLN A 36 -2.96 -5.01 2.45
CA GLN A 36 -3.17 -3.55 2.47
C GLN A 36 -2.77 -2.98 3.83
N ILE A 37 -2.21 -1.81 3.86
CA ILE A 37 -1.80 -1.20 5.15
C ILE A 37 -2.43 0.18 5.30
N CYS A 38 -2.08 0.91 6.31
CA CYS A 38 -2.65 2.26 6.50
C CYS A 38 -1.78 3.29 5.78
N ARG A 39 -2.29 4.46 5.52
CA ARG A 39 -1.47 5.48 4.81
C ARG A 39 -0.26 5.89 5.67
N PHE A 40 -0.26 5.53 6.92
CA PHE A 40 0.88 5.90 7.80
C PHE A 40 1.95 4.81 7.75
N CYS A 41 1.59 3.64 7.30
CA CYS A 41 2.59 2.53 7.22
C CYS A 41 3.24 2.55 5.84
N TRP A 42 2.59 3.16 4.88
CA TRP A 42 3.17 3.21 3.51
C TRP A 42 4.03 4.47 3.35
N HIS A 43 3.69 5.53 4.04
CA HIS A 43 4.49 6.77 3.93
C HIS A 43 5.84 6.58 4.63
N ARG A 44 6.00 5.51 5.35
CA ARG A 44 7.29 5.28 6.05
C ARG A 44 8.03 4.12 5.38
N ILE A 45 7.33 3.20 4.81
CA ILE A 45 7.99 2.05 4.14
C ILE A 45 8.62 2.52 2.82
N ARG A 46 8.01 3.47 2.17
CA ARG A 46 8.57 3.96 0.88
C ARG A 46 9.52 5.13 1.13
N THR A 47 10.05 5.24 2.32
CA THR A 47 10.99 6.35 2.61
C THR A 47 12.29 5.80 3.19
N ASP A 48 12.22 5.03 4.24
CA ASP A 48 13.46 4.47 4.84
C ASP A 48 13.59 2.99 4.48
N GLU A 49 12.49 2.29 4.41
CA GLU A 49 12.55 0.85 4.07
C GLU A 49 12.70 0.68 2.56
N ASN A 50 12.47 -0.50 2.05
CA ASN A 50 12.61 -0.73 0.59
C ASN A 50 11.24 -0.57 -0.09
N GLY A 51 10.24 -0.20 0.65
CA GLY A 51 8.89 -0.03 0.05
C GLY A 51 8.44 -1.35 -0.58
N LEU A 52 8.99 -2.44 -0.14
CA LEU A 52 8.60 -3.76 -0.70
C LEU A 52 7.39 -4.31 0.05
N CYS A 53 6.87 -5.42 -0.39
CA CYS A 53 5.69 -6.02 0.29
C CYS A 53 6.14 -6.98 1.40
N PRO A 54 5.64 -6.77 2.58
CA PRO A 54 5.97 -7.61 3.75
C PRO A 54 5.15 -8.91 3.73
N ALA A 55 4.41 -9.13 2.67
CA ALA A 55 3.57 -10.36 2.59
C ALA A 55 3.97 -11.19 1.37
N CYS A 56 3.99 -10.59 0.21
CA CYS A 56 4.35 -11.35 -1.01
C CYS A 56 5.76 -10.95 -1.48
N ARG A 57 6.35 -9.98 -0.86
CA ARG A 57 7.72 -9.54 -1.27
C ARG A 57 7.68 -9.00 -2.69
N LYS A 58 7.10 -7.84 -2.87
CA LYS A 58 7.02 -7.23 -4.22
C LYS A 58 7.09 -5.70 -4.07
N PRO A 59 7.58 -5.05 -5.09
CA PRO A 59 7.72 -3.59 -5.08
C PRO A 59 6.35 -2.93 -5.31
N TYR A 60 5.89 -2.19 -4.34
CA TYR A 60 4.57 -1.51 -4.47
C TYR A 60 4.41 -0.95 -5.89
N PRO A 61 3.20 -1.00 -6.40
CA PRO A 61 2.88 -0.51 -7.75
C PRO A 61 2.73 1.01 -7.74
N GLU A 62 2.51 1.59 -6.59
CA GLU A 62 2.35 3.07 -6.51
C GLU A 62 3.59 3.76 -7.09
N ASP A 63 3.68 5.05 -6.96
CA ASP A 63 4.86 5.77 -7.51
C ASP A 63 6.11 5.39 -6.70
N PRO A 64 7.21 5.21 -7.39
CA PRO A 64 8.49 4.84 -6.76
C PRO A 64 9.16 6.07 -6.14
N ALA A 65 9.74 6.91 -6.95
CA ALA A 65 10.41 8.13 -6.41
C ALA A 65 11.25 7.74 -5.20
N VAL A 66 12.27 6.96 -5.39
CA VAL A 66 13.14 6.55 -4.24
C VAL A 66 14.44 7.37 -4.27
N TYR A 67 14.82 7.85 -5.42
CA TYR A 67 16.07 8.65 -5.51
C TYR A 67 17.19 7.94 -4.72
N LYS A 68 17.47 6.72 -5.06
CA LYS A 68 18.55 5.98 -4.33
C LYS A 68 19.19 4.96 -5.28
N PRO A 69 19.82 5.45 -6.31
CA PRO A 69 20.50 4.62 -7.31
C PRO A 69 21.84 4.12 -6.78
N LEU A 70 22.17 2.89 -7.02
CA LEU A 70 23.47 2.34 -6.53
C LEU A 70 24.18 1.62 -7.68
N SER A 71 25.37 2.03 -8.00
CA SER A 71 26.11 1.37 -9.11
C SER A 71 25.34 1.56 -10.42
N GLN A 72 26.04 1.67 -11.52
CA GLN A 72 25.33 1.85 -12.82
C GLN A 72 26.10 1.13 -13.93
N GLU A 73 27.20 1.69 -14.36
CA GLU A 73 27.98 1.02 -15.45
C GLU A 73 29.43 1.50 -15.39
N GLU A 74 30.32 0.69 -14.90
CA GLU A 74 31.76 1.12 -14.82
C GLU A 74 32.66 -0.08 -15.12
N LEU A 75 32.60 -1.10 -14.29
CA LEU A 75 33.46 -2.29 -14.52
C LEU A 75 33.19 -2.86 -15.92
N GLN A 76 34.11 -3.62 -16.45
CA GLN A 76 33.91 -4.20 -17.80
C GLN A 76 32.91 -5.35 -17.72
N ARG A 77 32.26 -5.67 -18.81
CA ARG A 77 31.28 -6.79 -18.79
C ARG A 77 31.92 -8.04 -19.41
N ILE A 78 33.20 -8.03 -19.59
CA ILE A 78 33.89 -9.20 -20.19
C ILE A 78 35.01 -9.68 -19.26
ZN ZN B . -0.40 0.99 9.67
ZN ZN C . 2.27 -7.97 -1.97
N MET A 1 -25.69 -16.65 23.00
CA MET A 1 -25.06 -17.98 23.27
C MET A 1 -24.67 -18.64 21.95
N SER A 2 -25.61 -18.85 21.07
CA SER A 2 -25.29 -19.49 19.76
C SER A 2 -25.53 -18.49 18.63
N ARG A 3 -25.41 -18.92 17.40
CA ARG A 3 -25.64 -17.99 16.27
C ARG A 3 -24.76 -16.76 16.42
N SER A 4 -25.03 -15.72 15.67
CA SER A 4 -24.20 -14.49 15.78
C SER A 4 -24.82 -13.54 16.80
N PRO A 5 -23.98 -12.89 17.58
CA PRO A 5 -24.42 -11.94 18.61
C PRO A 5 -24.76 -10.59 17.98
N ASP A 6 -25.14 -9.64 18.79
CA ASP A 6 -25.48 -8.29 18.23
C ASP A 6 -24.51 -7.25 18.80
N ALA A 7 -23.27 -7.60 18.97
CA ALA A 7 -22.29 -6.62 19.51
C ALA A 7 -20.95 -6.78 18.79
N LYS A 8 -19.93 -6.09 19.23
CA LYS A 8 -18.61 -6.20 18.55
C LYS A 8 -18.70 -5.59 17.16
N GLU A 9 -18.05 -4.47 16.95
CA GLU A 9 -18.09 -3.82 15.60
C GLU A 9 -16.75 -3.17 15.31
N ASP A 10 -16.05 -3.64 14.32
CA ASP A 10 -14.73 -3.04 13.97
C ASP A 10 -14.45 -3.27 12.49
N PRO A 11 -14.06 -2.23 11.80
CA PRO A 11 -13.74 -2.31 10.36
C PRO A 11 -12.35 -2.91 10.14
N VAL A 12 -11.82 -2.78 8.96
CA VAL A 12 -10.47 -3.35 8.68
C VAL A 12 -9.44 -2.64 9.57
N GLU A 13 -8.30 -3.25 9.78
CA GLU A 13 -7.26 -2.60 10.63
C GLU A 13 -5.88 -2.85 10.04
N CYS A 14 -5.01 -1.88 10.10
CA CYS A 14 -3.63 -2.06 9.54
C CYS A 14 -2.94 -3.21 10.27
N PRO A 15 -2.55 -4.22 9.53
CA PRO A 15 -1.86 -5.40 10.09
C PRO A 15 -0.38 -5.11 10.35
N LEU A 16 0.02 -3.86 10.36
CA LEU A 16 1.46 -3.55 10.61
C LEU A 16 1.58 -2.57 11.79
N CYS A 17 0.59 -1.76 12.01
CA CYS A 17 0.67 -0.80 13.15
C CYS A 17 -0.62 -0.86 13.96
N MET A 18 -1.54 -1.71 13.58
CA MET A 18 -2.82 -1.82 14.33
C MET A 18 -3.51 -0.45 14.37
N GLU A 19 -4.54 -0.28 13.57
CA GLU A 19 -5.25 1.02 13.55
C GLU A 19 -6.60 0.85 12.84
N PRO A 20 -7.51 1.74 13.13
CA PRO A 20 -8.86 1.73 12.53
C PRO A 20 -8.82 2.25 11.10
N LEU A 21 -9.18 1.44 10.14
CA LEU A 21 -9.16 1.88 8.73
C LEU A 21 -10.47 2.62 8.40
N GLU A 22 -10.59 3.11 7.20
CA GLU A 22 -11.83 3.84 6.82
C GLU A 22 -12.31 3.32 5.45
N ILE A 23 -12.90 4.18 4.66
CA ILE A 23 -13.38 3.74 3.32
C ILE A 23 -12.27 3.94 2.29
N ASP A 24 -11.64 5.08 2.31
CA ASP A 24 -10.54 5.35 1.32
C ASP A 24 -9.31 4.53 1.70
N ASP A 25 -8.98 4.47 2.95
CA ASP A 25 -7.77 3.69 3.37
C ASP A 25 -8.00 2.19 3.14
N ILE A 26 -9.24 1.76 3.14
CA ILE A 26 -9.52 0.32 2.92
C ILE A 26 -8.97 -0.11 1.56
N ASN A 27 -9.35 0.57 0.51
CA ASN A 27 -8.85 0.19 -0.85
C ASN A 27 -7.52 0.89 -1.13
N PHE A 28 -6.68 1.02 -0.14
CA PHE A 28 -5.38 1.69 -0.36
C PHE A 28 -4.24 0.79 0.12
N PHE A 29 -3.38 0.37 -0.76
CA PHE A 29 -2.27 -0.52 -0.35
C PHE A 29 -1.06 -0.29 -1.28
N PRO A 30 0.11 -0.46 -0.72
CA PRO A 30 1.36 -0.28 -1.48
C PRO A 30 1.65 -1.53 -2.31
N CYS A 31 0.74 -2.48 -2.33
CA CYS A 31 0.99 -3.72 -3.13
C CYS A 31 -0.33 -4.24 -3.70
N THR A 32 -0.27 -5.05 -4.72
CA THR A 32 -1.52 -5.59 -5.33
C THR A 32 -1.92 -6.91 -4.67
N CYS A 33 -0.97 -7.65 -4.15
CA CYS A 33 -1.33 -8.95 -3.51
C CYS A 33 -2.57 -8.78 -2.64
N GLY A 34 -2.72 -7.66 -2.00
CA GLY A 34 -3.93 -7.45 -1.15
C GLY A 34 -3.53 -7.27 0.31
N TYR A 35 -2.35 -6.77 0.57
CA TYR A 35 -1.92 -6.56 1.98
C TYR A 35 -2.39 -5.19 2.43
N GLN A 36 -3.69 -4.98 2.43
CA GLN A 36 -4.26 -3.68 2.84
C GLN A 36 -3.52 -3.13 4.07
N ILE A 37 -3.13 -1.88 4.03
CA ILE A 37 -2.41 -1.28 5.19
C ILE A 37 -2.87 0.18 5.35
N CYS A 38 -2.33 0.87 6.32
CA CYS A 38 -2.73 2.29 6.52
C CYS A 38 -1.80 3.18 5.71
N ARG A 39 -2.06 4.46 5.65
CA ARG A 39 -1.17 5.37 4.87
C ARG A 39 0.02 5.82 5.72
N PHE A 40 -0.05 5.61 7.01
CA PHE A 40 1.09 6.03 7.88
C PHE A 40 2.16 4.94 7.88
N CYS A 41 1.83 3.77 7.39
CA CYS A 41 2.84 2.66 7.35
C CYS A 41 3.58 2.70 6.01
N TRP A 42 2.95 3.25 5.00
CA TRP A 42 3.61 3.32 3.68
C TRP A 42 4.45 4.60 3.59
N HIS A 43 4.01 5.64 4.23
CA HIS A 43 4.77 6.92 4.19
C HIS A 43 6.16 6.72 4.80
N ARG A 44 6.36 5.62 5.48
CA ARG A 44 7.70 5.37 6.09
C ARG A 44 8.43 4.27 5.31
N ILE A 45 7.70 3.31 4.80
CA ILE A 45 8.35 2.21 4.03
C ILE A 45 8.98 2.78 2.76
N ARG A 46 8.39 3.80 2.20
CA ARG A 46 8.96 4.41 0.96
C ARG A 46 9.96 5.50 1.32
N THR A 47 10.41 5.53 2.55
CA THR A 47 11.39 6.58 2.96
C THR A 47 12.66 5.92 3.51
N ASP A 48 12.52 5.06 4.48
CA ASP A 48 13.72 4.38 5.06
C ASP A 48 13.66 2.88 4.75
N GLU A 49 12.95 2.50 3.73
CA GLU A 49 12.87 1.05 3.40
C GLU A 49 13.23 0.85 1.92
N ASN A 50 12.76 -0.22 1.33
CA ASN A 50 13.07 -0.47 -0.10
C ASN A 50 11.79 -0.34 -0.93
N GLY A 51 10.66 -0.18 -0.28
CA GLY A 51 9.38 -0.05 -1.03
C GLY A 51 8.89 -1.43 -1.46
N LEU A 52 9.23 -2.44 -0.71
CA LEU A 52 8.78 -3.82 -1.08
C LEU A 52 7.57 -4.20 -0.22
N CYS A 53 6.97 -5.32 -0.50
CA CYS A 53 5.79 -5.76 0.27
C CYS A 53 6.23 -6.63 1.46
N PRO A 54 5.83 -6.25 2.64
CA PRO A 54 6.18 -7.00 3.87
C PRO A 54 5.24 -8.20 4.00
N ALA A 55 4.39 -8.41 3.03
CA ALA A 55 3.46 -9.57 3.09
C ALA A 55 3.80 -10.58 2.00
N CYS A 56 3.75 -10.18 0.76
CA CYS A 56 4.08 -11.12 -0.34
C CYS A 56 5.50 -10.85 -0.86
N ARG A 57 6.09 -9.76 -0.46
CA ARG A 57 7.49 -9.43 -0.89
C ARG A 57 7.48 -8.68 -2.23
N LYS A 58 6.57 -8.98 -3.12
CA LYS A 58 6.53 -8.27 -4.43
C LYS A 58 6.72 -6.77 -4.21
N PRO A 59 7.18 -6.09 -5.23
CA PRO A 59 7.42 -4.65 -5.18
C PRO A 59 6.12 -3.86 -5.29
N TYR A 60 6.06 -2.70 -4.68
CA TYR A 60 4.82 -1.87 -4.75
C TYR A 60 4.47 -1.59 -6.22
N PRO A 61 3.25 -1.20 -6.45
CA PRO A 61 2.77 -0.89 -7.81
C PRO A 61 3.33 0.45 -8.27
N GLU A 62 4.41 0.44 -9.00
CA GLU A 62 5.01 1.72 -9.49
C GLU A 62 3.90 2.65 -9.97
N ASP A 63 4.09 3.94 -9.84
CA ASP A 63 3.05 4.90 -10.30
C ASP A 63 3.68 5.89 -11.28
N PRO A 64 2.89 6.34 -12.23
CA PRO A 64 3.34 7.31 -13.25
C PRO A 64 3.37 8.72 -12.66
N ALA A 65 3.09 8.85 -11.40
CA ALA A 65 3.10 10.20 -10.77
C ALA A 65 1.89 10.99 -11.26
N VAL A 66 1.16 11.59 -10.36
CA VAL A 66 -0.04 12.37 -10.78
C VAL A 66 0.31 13.23 -12.00
N TYR A 67 1.55 13.57 -12.16
CA TYR A 67 1.95 14.40 -13.32
C TYR A 67 1.59 13.69 -14.63
N LYS A 68 1.45 14.43 -15.70
CA LYS A 68 1.11 13.81 -17.01
C LYS A 68 0.60 14.89 -17.97
N PRO A 69 -0.40 15.61 -17.52
CA PRO A 69 -1.01 16.69 -18.32
C PRO A 69 -0.16 17.97 -18.25
N LEU A 70 1.00 17.97 -18.85
CA LEU A 70 1.86 19.19 -18.80
C LEU A 70 2.31 19.57 -20.21
N SER A 71 2.87 20.74 -20.36
CA SER A 71 3.32 21.17 -21.71
C SER A 71 4.61 20.44 -22.10
N GLN A 72 5.10 19.59 -21.25
CA GLN A 72 6.35 18.85 -21.58
C GLN A 72 6.16 18.07 -22.88
N GLU A 73 4.94 17.74 -23.21
CA GLU A 73 4.66 16.98 -24.47
C GLU A 73 5.77 15.95 -24.71
N GLU A 74 5.96 15.56 -25.95
CA GLU A 74 7.02 14.56 -26.26
C GLU A 74 7.89 15.05 -27.40
N LEU A 75 9.13 14.66 -27.43
CA LEU A 75 10.04 15.11 -28.53
C LEU A 75 11.13 14.07 -28.74
N GLN A 76 11.58 13.89 -29.95
CA GLN A 76 12.65 12.88 -30.21
C GLN A 76 13.93 13.60 -30.66
N ARG A 77 13.88 14.26 -31.78
CA ARG A 77 15.10 14.98 -32.27
C ARG A 77 16.22 13.97 -32.49
N ILE A 78 17.41 14.43 -32.78
CA ILE A 78 18.54 13.49 -33.01
C ILE A 78 19.80 14.29 -33.34
ZN ZN B . -0.23 1.01 9.63
ZN ZN C . 2.22 -7.76 -1.65
N MET A 1 -25.08 5.40 17.76
CA MET A 1 -23.76 4.78 18.06
C MET A 1 -23.50 4.85 19.57
N SER A 2 -23.59 6.02 20.13
CA SER A 2 -23.35 6.17 21.60
C SER A 2 -22.07 5.43 21.98
N ARG A 3 -22.18 4.19 22.39
CA ARG A 3 -20.96 3.42 22.78
C ARG A 3 -20.22 2.97 21.52
N SER A 4 -20.62 1.89 20.92
CA SER A 4 -19.93 1.42 19.69
C SER A 4 -20.38 -0.02 19.36
N PRO A 5 -20.25 -0.90 20.31
CA PRO A 5 -20.62 -2.31 20.15
C PRO A 5 -22.15 -2.47 20.26
N ASP A 6 -22.85 -2.32 19.18
CA ASP A 6 -24.34 -2.46 19.24
C ASP A 6 -24.79 -3.48 18.18
N ALA A 7 -24.50 -3.24 16.94
CA ALA A 7 -24.92 -4.19 15.87
C ALA A 7 -23.78 -4.38 14.86
N LYS A 8 -22.58 -4.58 15.35
CA LYS A 8 -21.43 -4.77 14.41
C LYS A 8 -20.16 -5.03 15.21
N GLU A 9 -19.37 -5.97 14.79
CA GLU A 9 -18.11 -6.27 15.53
C GLU A 9 -17.07 -5.20 15.23
N ASP A 10 -15.84 -5.43 15.58
CA ASP A 10 -14.78 -4.41 15.30
C ASP A 10 -14.66 -4.21 13.79
N PRO A 11 -14.32 -3.00 13.41
CA PRO A 11 -14.17 -2.64 11.99
C PRO A 11 -12.82 -3.13 11.45
N VAL A 12 -12.39 -2.62 10.33
CA VAL A 12 -11.08 -3.08 9.76
C VAL A 12 -9.98 -2.11 10.20
N GLU A 13 -9.02 -2.59 10.94
CA GLU A 13 -7.91 -1.70 11.41
C GLU A 13 -6.57 -2.31 10.98
N CYS A 14 -5.62 -1.48 10.64
CA CYS A 14 -4.29 -2.00 10.22
C CYS A 14 -3.88 -3.16 11.14
N PRO A 15 -3.85 -4.34 10.61
CA PRO A 15 -3.49 -5.55 11.36
C PRO A 15 -1.97 -5.67 11.51
N LEU A 16 -1.24 -4.63 11.19
CA LEU A 16 0.24 -4.70 11.31
C LEU A 16 0.73 -3.59 12.26
N CYS A 17 0.05 -2.48 12.30
CA CYS A 17 0.48 -1.38 13.22
C CYS A 17 -0.66 -1.06 14.18
N MET A 18 -1.86 -1.42 13.81
CA MET A 18 -3.04 -1.16 14.68
C MET A 18 -3.53 0.28 14.47
N GLU A 19 -4.55 0.44 13.67
CA GLU A 19 -5.09 1.81 13.42
C GLU A 19 -6.42 1.70 12.66
N PRO A 20 -7.16 2.78 12.67
CA PRO A 20 -8.47 2.86 11.99
C PRO A 20 -8.27 3.06 10.49
N LEU A 21 -8.86 2.22 9.68
CA LEU A 21 -8.72 2.36 8.21
C LEU A 21 -9.84 3.25 7.67
N GLU A 22 -9.49 4.38 7.12
CA GLU A 22 -10.54 5.29 6.57
C GLU A 22 -11.37 4.54 5.52
N ILE A 23 -12.22 5.23 4.82
CA ILE A 23 -13.04 4.55 3.77
C ILE A 23 -12.17 4.24 2.56
N ASP A 24 -11.60 5.24 1.95
CA ASP A 24 -10.74 4.99 0.76
C ASP A 24 -9.46 4.28 1.21
N ASP A 25 -9.15 4.34 2.48
CA ASP A 25 -7.92 3.68 2.98
C ASP A 25 -8.11 2.16 2.94
N ILE A 26 -9.34 1.70 2.95
CA ILE A 26 -9.58 0.23 2.92
C ILE A 26 -9.49 -0.26 1.48
N ASN A 27 -8.30 -0.33 0.94
CA ASN A 27 -8.11 -0.79 -0.46
C ASN A 27 -6.80 -0.21 -0.99
N PHE A 28 -6.36 0.87 -0.41
CA PHE A 28 -5.08 1.51 -0.85
C PHE A 28 -3.91 0.64 -0.38
N PHE A 29 -3.59 -0.39 -1.11
CA PHE A 29 -2.45 -1.26 -0.70
C PHE A 29 -1.27 -1.01 -1.64
N PRO A 30 -0.09 -1.10 -1.10
CA PRO A 30 1.14 -0.91 -1.86
C PRO A 30 1.49 -2.20 -2.61
N CYS A 31 0.58 -3.14 -2.66
CA CYS A 31 0.87 -4.42 -3.37
C CYS A 31 -0.45 -5.05 -3.83
N THR A 32 -0.41 -5.83 -4.89
CA THR A 32 -1.65 -6.47 -5.38
C THR A 32 -1.84 -7.84 -4.73
N CYS A 33 -1.09 -8.12 -3.69
CA CYS A 33 -1.24 -9.44 -3.02
C CYS A 33 -2.24 -9.33 -1.87
N GLY A 34 -2.93 -8.21 -1.78
CA GLY A 34 -3.92 -8.03 -0.69
C GLY A 34 -3.24 -7.45 0.54
N TYR A 35 -1.94 -7.35 0.52
CA TYR A 35 -1.21 -6.77 1.69
C TYR A 35 -1.46 -5.27 1.73
N GLN A 36 -2.55 -4.86 2.32
CA GLN A 36 -2.86 -3.40 2.39
C GLN A 36 -2.39 -2.84 3.73
N ILE A 37 -1.95 -1.61 3.76
CA ILE A 37 -1.48 -1.02 5.04
C ILE A 37 -2.06 0.39 5.19
N CYS A 38 -2.34 0.78 6.40
CA CYS A 38 -2.91 2.14 6.63
C CYS A 38 -2.02 3.18 5.95
N ARG A 39 -2.35 4.45 6.11
CA ARG A 39 -1.52 5.50 5.46
C ARG A 39 -0.25 5.75 6.30
N PHE A 40 -0.32 5.54 7.59
CA PHE A 40 0.87 5.78 8.44
C PHE A 40 1.88 4.63 8.25
N CYS A 41 1.47 3.55 7.64
CA CYS A 41 2.41 2.42 7.42
C CYS A 41 3.13 2.62 6.09
N TRP A 42 2.40 2.95 5.06
CA TRP A 42 3.03 3.16 3.74
C TRP A 42 3.85 4.46 3.76
N HIS A 43 3.77 5.22 4.82
CA HIS A 43 4.55 6.48 4.90
C HIS A 43 5.92 6.20 5.53
N ARG A 44 6.20 4.96 5.83
CA ARG A 44 7.52 4.64 6.45
C ARG A 44 8.26 3.66 5.55
N ILE A 45 7.56 2.76 4.91
CA ILE A 45 8.24 1.77 4.02
C ILE A 45 8.85 2.50 2.82
N ARG A 46 8.19 3.51 2.34
CA ARG A 46 8.74 4.26 1.17
C ARG A 46 9.65 5.38 1.66
N THR A 47 10.22 5.25 2.83
CA THR A 47 11.12 6.31 3.36
C THR A 47 12.47 5.71 3.70
N ASP A 48 12.52 4.81 4.65
CA ASP A 48 13.81 4.17 5.02
C ASP A 48 13.87 2.74 4.48
N GLU A 49 12.80 2.30 3.86
CA GLU A 49 12.79 0.91 3.31
C GLU A 49 13.08 0.96 1.81
N ASN A 50 12.58 0.02 1.06
CA ASN A 50 12.83 0.01 -0.40
C ASN A 50 11.49 0.02 -1.15
N GLY A 51 10.47 0.53 -0.53
CA GLY A 51 9.13 0.57 -1.19
C GLY A 51 8.74 -0.83 -1.67
N LEU A 52 9.07 -1.84 -0.91
CA LEU A 52 8.70 -3.22 -1.33
C LEU A 52 7.65 -3.79 -0.39
N CYS A 53 6.96 -4.82 -0.82
CA CYS A 53 5.92 -5.45 0.03
C CYS A 53 6.58 -6.56 0.86
N PRO A 54 6.54 -6.43 2.16
CA PRO A 54 7.16 -7.40 3.08
C PRO A 54 6.29 -8.65 3.24
N ALA A 55 5.11 -8.65 2.68
CA ALA A 55 4.21 -9.84 2.82
C ALA A 55 4.47 -10.84 1.68
N CYS A 56 4.82 -10.36 0.51
CA CYS A 56 5.04 -11.31 -0.62
C CYS A 56 6.27 -10.89 -1.45
N ARG A 57 6.92 -9.84 -1.05
CA ARG A 57 8.12 -9.36 -1.81
C ARG A 57 7.70 -8.92 -3.21
N LYS A 58 7.02 -7.80 -3.31
CA LYS A 58 6.59 -7.30 -4.65
C LYS A 58 6.79 -5.77 -4.68
N PRO A 59 7.13 -5.27 -5.84
CA PRO A 59 7.37 -3.83 -6.03
C PRO A 59 6.06 -3.06 -6.04
N TYR A 60 5.89 -2.14 -5.13
CA TYR A 60 4.62 -1.35 -5.09
C TYR A 60 4.23 -0.93 -6.51
N PRO A 61 2.96 -1.06 -6.82
CA PRO A 61 2.44 -0.68 -8.14
C PRO A 61 2.26 0.84 -8.23
N GLU A 62 1.39 1.38 -7.42
CA GLU A 62 1.17 2.86 -7.46
C GLU A 62 0.75 3.29 -8.86
N ASP A 63 1.68 3.66 -9.69
CA ASP A 63 1.33 4.09 -11.08
C ASP A 63 2.29 3.44 -12.08
N PRO A 64 2.17 2.15 -12.24
CA PRO A 64 3.00 1.38 -13.17
C PRO A 64 2.52 1.57 -14.60
N ALA A 65 1.23 1.42 -14.83
CA ALA A 65 0.68 1.59 -16.20
C ALA A 65 1.22 0.49 -17.12
N VAL A 66 2.39 0.69 -17.67
CA VAL A 66 2.97 -0.34 -18.58
C VAL A 66 4.30 -0.84 -17.98
N TYR A 67 5.29 -1.05 -18.81
CA TYR A 67 6.60 -1.53 -18.29
C TYR A 67 7.67 -1.36 -19.37
N LYS A 68 8.91 -1.32 -18.99
CA LYS A 68 9.99 -1.15 -20.00
C LYS A 68 9.82 -2.19 -21.11
N PRO A 69 10.11 -1.80 -22.32
CA PRO A 69 9.99 -2.68 -23.49
C PRO A 69 11.20 -3.63 -23.57
N LEU A 70 12.25 -3.32 -22.86
CA LEU A 70 13.45 -4.21 -22.90
C LEU A 70 14.17 -4.04 -24.24
N SER A 71 15.14 -3.16 -24.29
CA SER A 71 15.89 -2.95 -25.56
C SER A 71 16.34 -4.31 -26.12
N GLN A 72 15.80 -4.70 -27.24
CA GLN A 72 16.20 -6.01 -27.84
C GLN A 72 17.18 -5.77 -28.99
N GLU A 73 18.41 -5.45 -28.69
CA GLU A 73 19.41 -5.22 -29.76
C GLU A 73 19.02 -3.97 -30.56
N GLU A 74 19.96 -3.35 -31.22
CA GLU A 74 19.65 -2.13 -32.01
C GLU A 74 19.18 -1.02 -31.07
N LEU A 75 20.03 -0.56 -30.20
CA LEU A 75 19.63 0.51 -29.26
C LEU A 75 20.88 1.12 -28.60
N GLN A 76 21.93 1.28 -29.35
CA GLN A 76 23.18 1.86 -28.78
C GLN A 76 23.99 2.51 -29.89
N ARG A 77 23.38 3.37 -30.67
CA ARG A 77 24.12 4.03 -31.77
C ARG A 77 24.68 2.97 -32.72
N ILE A 78 25.43 3.38 -33.71
CA ILE A 78 26.00 2.38 -34.67
C ILE A 78 27.23 1.72 -34.04
ZN ZN B . -0.61 0.69 9.71
ZN ZN C . 2.67 -8.21 -1.72
N MET A 1 -15.69 5.88 20.88
CA MET A 1 -14.70 5.14 21.73
C MET A 1 -14.80 3.65 21.44
N SER A 2 -15.61 3.26 20.50
CA SER A 2 -15.74 1.81 20.17
C SER A 2 -15.84 1.00 21.47
N ARG A 3 -17.05 0.77 21.94
CA ARG A 3 -17.21 -0.02 23.19
C ARG A 3 -16.28 -1.22 23.17
N SER A 4 -15.23 -1.19 23.94
CA SER A 4 -14.29 -2.34 23.97
C SER A 4 -13.60 -2.47 22.60
N PRO A 5 -12.32 -2.18 22.56
CA PRO A 5 -11.53 -2.25 21.32
C PRO A 5 -11.17 -3.71 21.01
N ASP A 6 -11.51 -4.62 21.89
CA ASP A 6 -11.19 -6.05 21.65
C ASP A 6 -12.08 -6.58 20.52
N ALA A 7 -13.22 -5.97 20.31
CA ALA A 7 -14.13 -6.43 19.23
C ALA A 7 -13.95 -5.53 18.00
N LYS A 8 -14.95 -5.47 17.15
CA LYS A 8 -14.85 -4.62 15.94
C LYS A 8 -13.90 -5.28 14.92
N GLU A 9 -14.33 -6.34 14.31
CA GLU A 9 -13.46 -7.03 13.32
C GLU A 9 -14.18 -7.07 11.96
N ASP A 10 -15.03 -6.11 11.71
CA ASP A 10 -15.76 -6.10 10.40
C ASP A 10 -14.87 -5.49 9.30
N PRO A 11 -14.38 -4.31 9.56
CA PRO A 11 -13.51 -3.60 8.59
C PRO A 11 -12.08 -4.16 8.64
N VAL A 12 -11.13 -3.42 8.14
CA VAL A 12 -9.73 -3.90 8.15
C VAL A 12 -8.89 -3.02 9.08
N GLU A 13 -7.88 -3.58 9.69
CA GLU A 13 -7.03 -2.77 10.61
C GLU A 13 -5.57 -2.83 10.13
N CYS A 14 -4.95 -1.70 9.97
CA CYS A 14 -3.54 -1.68 9.50
C CYS A 14 -2.72 -2.74 10.25
N PRO A 15 -2.23 -3.70 9.52
CA PRO A 15 -1.41 -4.79 10.09
C PRO A 15 0.00 -4.27 10.39
N LEU A 16 0.27 -3.03 10.05
CA LEU A 16 1.62 -2.46 10.30
C LEU A 16 1.59 -1.67 11.60
N CYS A 17 0.52 -0.96 11.86
CA CYS A 17 0.44 -0.17 13.12
C CYS A 17 -0.90 -0.47 13.80
N MET A 18 -1.47 -1.60 13.48
CA MET A 18 -2.78 -2.02 14.08
C MET A 18 -3.68 -0.80 14.34
N GLU A 19 -4.12 -0.16 13.31
CA GLU A 19 -5.01 1.03 13.48
C GLU A 19 -6.31 0.81 12.69
N PRO A 20 -7.29 1.60 13.00
CA PRO A 20 -8.61 1.53 12.33
C PRO A 20 -8.53 2.16 10.94
N LEU A 21 -8.88 1.42 9.92
CA LEU A 21 -8.82 1.97 8.54
C LEU A 21 -10.11 2.73 8.24
N GLU A 22 -10.15 3.44 7.14
CA GLU A 22 -11.38 4.20 6.79
C GLU A 22 -12.03 3.57 5.56
N ILE A 23 -12.65 4.35 4.72
CA ILE A 23 -13.31 3.78 3.51
C ILE A 23 -12.29 3.66 2.37
N ASP A 24 -11.89 4.77 1.81
CA ASP A 24 -10.91 4.73 0.69
C ASP A 24 -9.54 4.31 1.22
N ASP A 25 -9.38 4.29 2.52
CA ASP A 25 -8.06 3.89 3.10
C ASP A 25 -7.96 2.37 3.12
N ILE A 26 -9.06 1.69 3.00
CA ILE A 26 -9.01 0.20 3.02
C ILE A 26 -8.54 -0.32 1.66
N ASN A 27 -9.18 0.09 0.60
CA ASN A 27 -8.77 -0.38 -0.76
C ASN A 27 -7.42 0.24 -1.13
N PHE A 28 -6.92 1.13 -0.32
CA PHE A 28 -5.61 1.75 -0.64
C PHE A 28 -4.48 0.88 -0.09
N PHE A 29 -3.84 0.11 -0.94
CA PHE A 29 -2.73 -0.76 -0.46
C PHE A 29 -1.47 -0.51 -1.29
N PRO A 30 -0.34 -0.70 -0.67
CA PRO A 30 0.95 -0.52 -1.33
C PRO A 30 1.27 -1.73 -2.21
N CYS A 31 0.51 -2.78 -2.08
CA CYS A 31 0.76 -3.99 -2.92
C CYS A 31 -0.57 -4.52 -3.46
N THR A 32 -0.52 -5.32 -4.48
CA THR A 32 -1.79 -5.87 -5.06
C THR A 32 -2.15 -7.20 -4.39
N CYS A 33 -1.18 -7.93 -3.91
CA CYS A 33 -1.50 -9.23 -3.27
C CYS A 33 -2.65 -9.05 -2.27
N GLY A 34 -2.70 -7.95 -1.56
CA GLY A 34 -3.81 -7.73 -0.60
C GLY A 34 -3.30 -7.11 0.71
N TYR A 35 -2.04 -7.23 1.00
CA TYR A 35 -1.52 -6.64 2.26
C TYR A 35 -1.74 -5.13 2.24
N GLN A 36 -2.82 -4.67 2.79
CA GLN A 36 -3.10 -3.21 2.78
C GLN A 36 -2.70 -2.59 4.12
N ILE A 37 -2.34 -1.33 4.12
CA ILE A 37 -1.94 -0.66 5.38
C ILE A 37 -2.51 0.76 5.41
N CYS A 38 -2.15 1.53 6.40
CA CYS A 38 -2.67 2.92 6.50
C CYS A 38 -1.70 3.87 5.78
N ARG A 39 -2.15 5.05 5.46
CA ARG A 39 -1.25 6.01 4.75
C ARG A 39 -0.12 6.48 5.67
N PHE A 40 -0.23 6.21 6.94
CA PHE A 40 0.84 6.66 7.89
C PHE A 40 1.97 5.61 7.90
N CYS A 41 1.67 4.40 7.54
CA CYS A 41 2.71 3.34 7.53
C CYS A 41 3.36 3.29 6.14
N TRP A 42 2.64 3.72 5.13
CA TRP A 42 3.21 3.70 3.76
C TRP A 42 4.31 4.76 3.63
N HIS A 43 4.21 5.81 4.39
CA HIS A 43 5.25 6.89 4.33
C HIS A 43 6.59 6.34 4.83
N ARG A 44 6.56 5.48 5.81
CA ARG A 44 7.85 4.92 6.33
C ARG A 44 8.39 3.85 5.38
N ILE A 45 7.64 2.82 5.15
CA ILE A 45 8.11 1.74 4.23
C ILE A 45 8.70 2.37 2.96
N ARG A 46 8.02 3.33 2.39
CA ARG A 46 8.53 3.97 1.15
C ARG A 46 10.00 4.38 1.35
N THR A 47 10.32 4.97 2.47
CA THR A 47 11.73 5.40 2.70
C THR A 47 12.41 4.43 3.66
N ASP A 48 12.00 4.41 4.90
CA ASP A 48 12.62 3.49 5.90
C ASP A 48 12.82 2.11 5.25
N GLU A 49 11.82 1.60 4.61
CA GLU A 49 11.95 0.26 3.97
C GLU A 49 12.29 0.42 2.49
N ASN A 50 12.31 -0.65 1.75
CA ASN A 50 12.63 -0.56 0.30
C ASN A 50 11.33 -0.38 -0.48
N GLY A 51 10.25 -0.11 0.19
CA GLY A 51 8.95 0.08 -0.52
C GLY A 51 8.47 -1.27 -1.07
N LEU A 52 9.03 -2.35 -0.57
CA LEU A 52 8.61 -3.69 -1.07
C LEU A 52 7.50 -4.24 -0.17
N CYS A 53 6.84 -5.26 -0.62
CA CYS A 53 5.73 -5.86 0.18
C CYS A 53 6.30 -6.98 1.06
N PRO A 54 6.09 -6.89 2.35
CA PRO A 54 6.58 -7.89 3.30
C PRO A 54 5.67 -9.13 3.32
N ALA A 55 4.49 -9.01 2.77
CA ALA A 55 3.55 -10.17 2.77
C ALA A 55 3.77 -11.03 1.52
N CYS A 56 4.36 -10.48 0.49
CA CYS A 56 4.58 -11.30 -0.74
C CYS A 56 5.80 -10.79 -1.50
N ARG A 57 6.67 -10.07 -0.84
CA ARG A 57 7.89 -9.54 -1.53
C ARG A 57 7.52 -9.04 -2.93
N LYS A 58 7.01 -7.84 -3.02
CA LYS A 58 6.62 -7.29 -4.35
C LYS A 58 6.75 -5.76 -4.32
N PRO A 59 7.20 -5.20 -5.41
CA PRO A 59 7.37 -3.74 -5.53
C PRO A 59 6.01 -3.05 -5.65
N TYR A 60 5.63 -2.29 -4.66
CA TYR A 60 4.32 -1.58 -4.70
C TYR A 60 4.07 -1.04 -6.11
N PRO A 61 2.82 -1.02 -6.51
CA PRO A 61 2.41 -0.53 -7.83
C PRO A 61 2.37 1.00 -7.84
N GLU A 62 2.84 1.61 -8.90
CA GLU A 62 2.82 3.10 -8.97
C GLU A 62 2.47 3.53 -10.40
N ASP A 63 2.76 4.76 -10.74
CA ASP A 63 2.45 5.24 -12.11
C ASP A 63 0.95 5.55 -12.22
N PRO A 64 0.58 6.71 -11.75
CA PRO A 64 -0.82 7.16 -11.77
C PRO A 64 -1.21 7.66 -13.17
N ALA A 65 -0.40 8.52 -13.73
CA ALA A 65 -0.71 9.04 -15.10
C ALA A 65 0.49 9.83 -15.62
N VAL A 66 1.68 9.34 -15.38
CA VAL A 66 2.89 10.05 -15.87
C VAL A 66 3.51 9.25 -17.02
N TYR A 67 4.82 9.16 -17.06
CA TYR A 67 5.48 8.41 -18.15
C TYR A 67 5.42 6.91 -17.85
N LYS A 68 6.02 6.10 -18.68
CA LYS A 68 6.00 4.63 -18.45
C LYS A 68 7.33 4.02 -18.93
N PRO A 69 8.03 3.39 -18.03
CA PRO A 69 9.33 2.76 -18.34
C PRO A 69 9.12 1.38 -19.00
N LEU A 70 8.20 1.28 -19.92
CA LEU A 70 7.97 -0.02 -20.60
C LEU A 70 8.47 0.05 -22.04
N SER A 71 9.57 -0.58 -22.33
CA SER A 71 10.12 -0.55 -23.71
C SER A 71 9.86 -1.91 -24.38
N GLN A 72 8.68 -2.10 -24.91
CA GLN A 72 8.36 -3.40 -25.57
C GLN A 72 9.11 -3.50 -26.89
N GLU A 73 9.61 -4.66 -27.21
CA GLU A 73 10.36 -4.84 -28.49
C GLU A 73 9.84 -6.09 -29.21
N GLU A 74 10.36 -6.38 -30.36
CA GLU A 74 9.89 -7.59 -31.10
C GLU A 74 11.08 -8.34 -31.69
N LEU A 75 11.99 -7.64 -32.32
CA LEU A 75 13.17 -8.32 -32.92
C LEU A 75 14.41 -8.08 -32.06
N GLN A 76 15.23 -7.13 -32.43
CA GLN A 76 16.46 -6.86 -31.63
C GLN A 76 17.43 -8.03 -31.77
N ARG A 77 18.14 -8.08 -32.86
CA ARG A 77 19.12 -9.20 -33.06
C ARG A 77 18.34 -10.50 -33.28
N ILE A 78 18.67 -11.22 -34.32
CA ILE A 78 17.97 -12.51 -34.60
C ILE A 78 18.85 -13.67 -34.17
ZN ZN B . -0.45 1.80 9.83
ZN ZN C . 2.29 -8.10 -1.71
N MET A 1 -25.14 -9.91 12.94
CA MET A 1 -26.32 -10.31 13.76
C MET A 1 -26.64 -11.79 13.50
N SER A 2 -27.37 -12.41 14.39
CA SER A 2 -27.71 -13.85 14.19
C SER A 2 -29.20 -13.98 13.85
N ARG A 3 -29.82 -12.91 13.44
CA ARG A 3 -31.27 -12.98 13.10
C ARG A 3 -31.45 -13.74 11.78
N SER A 4 -32.52 -13.49 11.08
CA SER A 4 -32.73 -14.22 9.79
C SER A 4 -31.50 -14.06 8.91
N PRO A 5 -31.09 -12.83 8.69
CA PRO A 5 -29.91 -12.52 7.87
C PRO A 5 -28.63 -12.73 8.68
N ASP A 6 -27.58 -13.17 8.04
CA ASP A 6 -26.30 -13.39 8.77
C ASP A 6 -25.29 -12.33 8.37
N ALA A 7 -24.07 -12.43 8.84
CA ALA A 7 -23.06 -11.40 8.49
C ALA A 7 -21.67 -11.89 8.92
N LYS A 8 -20.71 -11.83 8.03
CA LYS A 8 -19.34 -12.29 8.39
C LYS A 8 -18.32 -11.27 7.90
N GLU A 9 -18.65 -10.01 7.94
CA GLU A 9 -17.71 -8.97 7.47
C GLU A 9 -16.86 -8.47 8.64
N ASP A 10 -15.67 -8.99 8.78
CA ASP A 10 -14.79 -8.54 9.91
C ASP A 10 -14.25 -7.15 9.59
N PRO A 11 -13.78 -6.48 10.61
CA PRO A 11 -13.21 -5.13 10.46
C PRO A 11 -11.79 -5.20 9.89
N VAL A 12 -11.34 -4.15 9.26
CA VAL A 12 -9.97 -4.18 8.68
C VAL A 12 -9.07 -3.20 9.43
N GLU A 13 -7.93 -3.66 9.88
CA GLU A 13 -6.99 -2.77 10.62
C GLU A 13 -5.58 -2.96 10.07
N CYS A 14 -4.79 -1.92 10.08
CA CYS A 14 -3.39 -2.04 9.58
C CYS A 14 -2.64 -3.11 10.39
N PRO A 15 -2.17 -4.12 9.70
CA PRO A 15 -1.43 -5.23 10.34
C PRO A 15 0.02 -4.83 10.62
N LEU A 16 0.39 -3.62 10.31
CA LEU A 16 1.80 -3.20 10.57
C LEU A 16 1.84 -2.20 11.73
N CYS A 17 0.73 -1.60 12.06
CA CYS A 17 0.72 -0.62 13.19
C CYS A 17 -0.58 -0.76 14.00
N MET A 18 -1.34 -1.80 13.74
CA MET A 18 -2.62 -1.98 14.48
C MET A 18 -3.40 -0.68 14.48
N GLU A 19 -4.31 -0.53 13.57
CA GLU A 19 -5.12 0.72 13.50
C GLU A 19 -6.42 0.46 12.74
N PRO A 20 -7.42 1.23 13.04
CA PRO A 20 -8.74 1.12 12.40
C PRO A 20 -8.72 1.76 11.01
N LEU A 21 -8.86 0.95 9.99
CA LEU A 21 -8.84 1.51 8.60
C LEU A 21 -10.19 2.17 8.31
N GLU A 22 -10.41 2.57 7.08
CA GLU A 22 -11.70 3.22 6.73
C GLU A 22 -12.01 2.97 5.25
N ILE A 23 -12.78 3.83 4.64
CA ILE A 23 -13.12 3.64 3.20
C ILE A 23 -12.00 4.24 2.34
N ASP A 24 -11.49 5.38 2.70
CA ASP A 24 -10.41 6.02 1.90
C ASP A 24 -9.05 5.50 2.36
N ASP A 25 -8.97 4.26 2.77
CA ASP A 25 -7.66 3.72 3.24
C ASP A 25 -7.58 2.23 2.87
N ILE A 26 -8.65 1.50 3.03
CA ILE A 26 -8.63 0.05 2.70
C ILE A 26 -8.31 -0.13 1.21
N ASN A 27 -9.11 0.43 0.35
CA ASN A 27 -8.86 0.29 -1.11
C ASN A 27 -7.46 0.82 -1.45
N PHE A 28 -6.86 1.56 -0.56
CA PHE A 28 -5.51 2.11 -0.84
C PHE A 28 -4.44 1.13 -0.34
N PHE A 29 -3.80 0.43 -1.22
CA PHE A 29 -2.74 -0.53 -0.79
C PHE A 29 -1.44 -0.26 -1.54
N PRO A 30 -0.34 -0.49 -0.88
CA PRO A 30 1.00 -0.28 -1.46
C PRO A 30 1.37 -1.47 -2.34
N CYS A 31 0.66 -2.57 -2.21
CA CYS A 31 0.99 -3.77 -3.04
C CYS A 31 -0.26 -4.23 -3.79
N THR A 32 -0.10 -5.02 -4.80
CA THR A 32 -1.27 -5.51 -5.58
C THR A 32 -1.80 -6.81 -4.97
N CYS A 33 -1.00 -7.51 -4.21
CA CYS A 33 -1.48 -8.79 -3.61
C CYS A 33 -2.73 -8.51 -2.78
N GLY A 34 -2.84 -7.36 -2.18
CA GLY A 34 -4.05 -7.03 -1.38
C GLY A 34 -3.66 -6.72 0.06
N TYR A 35 -2.42 -6.45 0.33
CA TYR A 35 -2.02 -6.13 1.72
C TYR A 35 -2.23 -4.63 1.94
N GLN A 36 -3.46 -4.20 1.95
CA GLN A 36 -3.74 -2.74 2.14
C GLN A 36 -3.32 -2.34 3.56
N ILE A 37 -2.58 -1.27 3.69
CA ILE A 37 -2.13 -0.83 5.04
C ILE A 37 -2.39 0.67 5.21
N CYS A 38 -2.62 1.11 6.42
CA CYS A 38 -2.87 2.57 6.65
C CYS A 38 -1.88 3.38 5.81
N ARG A 39 -2.18 4.63 5.55
CA ARG A 39 -1.24 5.46 4.74
C ARG A 39 -0.07 5.93 5.59
N PHE A 40 -0.12 5.70 6.88
CA PHE A 40 1.01 6.14 7.75
C PHE A 40 2.10 5.06 7.77
N CYS A 41 1.78 3.87 7.34
CA CYS A 41 2.80 2.77 7.33
C CYS A 41 3.52 2.76 5.98
N TRP A 42 2.82 3.09 4.93
CA TRP A 42 3.46 3.09 3.58
C TRP A 42 4.37 4.31 3.44
N HIS A 43 4.04 5.39 4.10
CA HIS A 43 4.90 6.60 3.99
C HIS A 43 6.23 6.36 4.71
N ARG A 44 6.32 5.31 5.48
CA ARG A 44 7.59 5.02 6.19
C ARG A 44 8.35 3.93 5.44
N ILE A 45 7.65 3.00 4.83
CA ILE A 45 8.33 1.92 4.07
C ILE A 45 8.92 2.50 2.78
N ARG A 46 8.24 3.43 2.18
CA ARG A 46 8.75 4.04 0.91
C ARG A 46 9.63 5.26 1.25
N THR A 47 10.21 5.28 2.42
CA THR A 47 11.07 6.43 2.80
C THR A 47 12.35 5.91 3.46
N ASP A 48 12.23 4.91 4.29
CA ASP A 48 13.44 4.36 4.97
C ASP A 48 13.71 2.94 4.46
N GLU A 49 12.68 2.23 4.09
CA GLU A 49 12.88 0.84 3.59
C GLU A 49 13.10 0.88 2.07
N ASN A 50 12.75 -0.17 1.38
CA ASN A 50 12.95 -0.19 -0.10
C ASN A 50 11.59 -0.07 -0.79
N GLY A 51 10.52 -0.13 -0.05
CA GLY A 51 9.17 -0.03 -0.67
C GLY A 51 8.71 -1.41 -1.13
N LEU A 52 8.91 -2.41 -0.32
CA LEU A 52 8.48 -3.78 -0.69
C LEU A 52 7.22 -4.16 0.10
N CYS A 53 6.63 -5.28 -0.22
CA CYS A 53 5.40 -5.70 0.50
C CYS A 53 5.78 -6.47 1.77
N PRO A 54 5.27 -6.03 2.90
CA PRO A 54 5.54 -6.67 4.19
C PRO A 54 4.65 -7.91 4.37
N ALA A 55 3.98 -8.33 3.32
CA ALA A 55 3.10 -9.53 3.45
C ALA A 55 3.40 -10.54 2.34
N CYS A 56 3.80 -10.08 1.18
CA CYS A 56 4.10 -11.04 0.08
C CYS A 56 5.48 -10.75 -0.52
N ARG A 57 6.12 -9.68 -0.08
CA ARG A 57 7.48 -9.33 -0.60
C ARG A 57 7.36 -8.55 -1.92
N LYS A 58 6.43 -8.91 -2.76
CA LYS A 58 6.27 -8.18 -4.05
C LYS A 58 6.42 -6.68 -3.82
N PRO A 59 7.06 -6.01 -4.75
CA PRO A 59 7.30 -4.56 -4.66
C PRO A 59 6.03 -3.79 -5.06
N TYR A 60 5.73 -2.73 -4.37
CA TYR A 60 4.50 -1.94 -4.70
C TYR A 60 4.44 -1.69 -6.21
N PRO A 61 3.25 -1.73 -6.74
CA PRO A 61 3.02 -1.51 -8.19
C PRO A 61 3.08 -0.01 -8.51
N GLU A 62 3.59 0.34 -9.66
CA GLU A 62 3.68 1.79 -10.02
C GLU A 62 4.54 1.94 -11.26
N ASP A 63 5.83 1.77 -11.13
CA ASP A 63 6.73 1.91 -12.30
C ASP A 63 7.75 0.76 -12.30
N PRO A 64 8.30 0.50 -13.46
CA PRO A 64 9.30 -0.57 -13.63
C PRO A 64 10.66 -0.12 -13.11
N ALA A 65 11.09 1.05 -13.47
CA ALA A 65 12.42 1.55 -12.99
C ALA A 65 12.53 3.05 -13.26
N VAL A 66 13.13 3.43 -14.35
CA VAL A 66 13.26 4.87 -14.67
C VAL A 66 14.12 5.54 -13.60
N TYR A 67 15.06 6.33 -14.01
CA TYR A 67 15.93 7.02 -13.03
C TYR A 67 16.73 8.13 -13.73
N LYS A 68 17.76 8.63 -13.11
CA LYS A 68 18.56 9.71 -13.75
C LYS A 68 19.89 9.91 -12.98
N PRO A 69 19.78 10.25 -11.71
CA PRO A 69 20.97 10.46 -10.86
C PRO A 69 21.58 9.11 -10.42
N LEU A 70 22.07 8.34 -11.34
CA LEU A 70 22.68 7.02 -11.00
C LEU A 70 22.82 6.19 -12.27
N SER A 71 23.93 5.53 -12.44
CA SER A 71 24.11 4.71 -13.67
C SER A 71 24.45 3.26 -13.29
N GLN A 72 23.60 2.63 -12.54
CA GLN A 72 23.87 1.22 -12.14
C GLN A 72 25.25 1.11 -11.49
N GLU A 73 25.88 -0.03 -11.61
CA GLU A 73 27.24 -0.19 -11.02
C GLU A 73 27.17 0.12 -9.52
N GLU A 74 27.24 -0.88 -8.68
CA GLU A 74 27.16 -0.63 -7.21
C GLU A 74 28.58 -0.66 -6.62
N LEU A 75 28.69 -0.78 -5.33
CA LEU A 75 30.03 -0.82 -4.69
C LEU A 75 30.05 -1.91 -3.61
N GLN A 76 30.10 -3.15 -4.01
CA GLN A 76 30.13 -4.25 -3.00
C GLN A 76 31.15 -5.31 -3.42
N ARG A 77 31.56 -6.14 -2.50
CA ARG A 77 32.56 -7.20 -2.83
C ARG A 77 31.83 -8.46 -3.31
N ILE A 78 32.04 -8.85 -4.54
CA ILE A 78 31.35 -10.06 -5.06
C ILE A 78 32.27 -11.28 -4.88
ZN ZN B . -0.23 1.21 9.64
ZN ZN C . 2.03 -7.85 -1.51
N MET A 1 -7.46 -17.38 22.85
CA MET A 1 -8.79 -17.65 23.46
C MET A 1 -9.56 -16.33 23.59
N SER A 2 -8.86 -15.24 23.71
CA SER A 2 -9.56 -13.93 23.85
C SER A 2 -10.40 -13.92 25.12
N ARG A 3 -9.97 -14.62 26.13
CA ARG A 3 -10.75 -14.66 27.40
C ARG A 3 -11.93 -15.63 27.25
N SER A 4 -12.96 -15.23 26.54
CA SER A 4 -14.13 -16.14 26.36
C SER A 4 -15.28 -15.37 25.68
N PRO A 5 -15.69 -14.28 26.29
CA PRO A 5 -16.77 -13.44 25.76
C PRO A 5 -16.26 -12.58 24.61
N ASP A 6 -17.10 -12.28 23.66
CA ASP A 6 -16.66 -11.44 22.51
C ASP A 6 -16.14 -10.09 23.03
N ALA A 7 -15.91 -9.16 22.16
CA ALA A 7 -15.41 -7.83 22.61
C ALA A 7 -15.81 -6.76 21.58
N LYS A 8 -15.17 -6.75 20.44
CA LYS A 8 -15.52 -5.73 19.41
C LYS A 8 -15.05 -6.22 18.04
N GLU A 9 -13.88 -6.78 17.97
CA GLU A 9 -13.37 -7.27 16.66
C GLU A 9 -13.20 -6.08 15.70
N ASP A 10 -11.99 -5.75 15.36
CA ASP A 10 -11.75 -4.59 14.45
C ASP A 10 -11.01 -5.07 13.19
N PRO A 11 -11.76 -5.38 12.17
CA PRO A 11 -11.20 -5.86 10.89
C PRO A 11 -10.67 -4.67 10.07
N VAL A 12 -10.36 -4.91 8.82
CA VAL A 12 -9.83 -3.83 7.94
C VAL A 12 -8.94 -2.86 8.74
N GLU A 13 -7.93 -3.37 9.38
CA GLU A 13 -7.03 -2.49 10.16
C GLU A 13 -5.57 -2.75 9.76
N CYS A 14 -4.79 -1.72 9.63
CA CYS A 14 -3.36 -1.91 9.25
C CYS A 14 -2.73 -2.98 10.15
N PRO A 15 -2.46 -4.14 9.59
CA PRO A 15 -1.88 -5.27 10.33
C PRO A 15 -0.36 -5.08 10.52
N LEU A 16 0.15 -3.91 10.27
CA LEU A 16 1.61 -3.68 10.45
C LEU A 16 1.84 -2.70 11.60
N CYS A 17 0.90 -1.85 11.86
CA CYS A 17 1.06 -0.87 12.96
C CYS A 17 -0.22 -0.83 13.80
N MET A 18 -1.16 -1.66 13.48
CA MET A 18 -2.44 -1.69 14.24
C MET A 18 -3.14 -0.33 14.13
N GLU A 19 -4.26 -0.28 13.47
CA GLU A 19 -4.99 1.00 13.32
C GLU A 19 -6.26 0.76 12.49
N PRO A 20 -7.31 1.48 12.83
CA PRO A 20 -8.60 1.36 12.13
C PRO A 20 -8.55 2.11 10.80
N LEU A 21 -8.58 1.39 9.72
CA LEU A 21 -8.54 2.03 8.37
C LEU A 21 -9.79 2.90 8.18
N GLU A 22 -9.77 3.78 7.24
CA GLU A 22 -10.95 4.64 6.99
C GLU A 22 -11.74 4.09 5.80
N ILE A 23 -12.98 4.46 5.66
CA ILE A 23 -13.79 3.95 4.53
C ILE A 23 -13.08 4.24 3.20
N ASP A 24 -12.51 5.40 3.06
CA ASP A 24 -11.81 5.75 1.79
C ASP A 24 -10.42 5.12 1.75
N ASP A 25 -9.89 4.73 2.88
CA ASP A 25 -8.52 4.11 2.88
C ASP A 25 -8.64 2.59 2.93
N ILE A 26 -9.84 2.08 2.76
CA ILE A 26 -10.01 0.60 2.79
C ILE A 26 -9.33 -0.02 1.56
N ASN A 27 -9.30 0.69 0.47
CA ASN A 27 -8.66 0.14 -0.76
C ASN A 27 -7.26 0.76 -0.93
N PHE A 28 -6.54 0.95 0.13
CA PHE A 28 -5.18 1.53 0.02
C PHE A 28 -4.14 0.48 0.41
N PHE A 29 -3.47 -0.07 -0.56
CA PHE A 29 -2.44 -1.11 -0.24
C PHE A 29 -1.10 -0.69 -0.84
N PRO A 30 -0.04 -1.04 -0.15
CA PRO A 30 1.33 -0.73 -0.60
C PRO A 30 1.74 -1.71 -1.69
N CYS A 31 1.01 -2.78 -1.82
CA CYS A 31 1.36 -3.79 -2.87
C CYS A 31 0.09 -4.17 -3.64
N THR A 32 0.25 -4.64 -4.86
CA THR A 32 -0.95 -5.02 -5.66
C THR A 32 -1.30 -6.48 -5.45
N CYS A 33 -1.17 -6.99 -4.24
CA CYS A 33 -1.52 -8.41 -4.00
C CYS A 33 -2.68 -8.48 -3.01
N GLY A 34 -2.93 -7.42 -2.29
CA GLY A 34 -4.06 -7.44 -1.32
C GLY A 34 -3.60 -6.90 0.03
N TYR A 35 -2.55 -7.43 0.59
CA TYR A 35 -2.07 -6.95 1.91
C TYR A 35 -2.10 -5.42 1.92
N GLN A 36 -3.15 -4.85 2.42
CA GLN A 36 -3.24 -3.36 2.45
C GLN A 36 -2.65 -2.85 3.77
N ILE A 37 -2.52 -1.56 3.91
CA ILE A 37 -1.94 -1.00 5.15
C ILE A 37 -2.49 0.41 5.36
N CYS A 38 -1.99 1.12 6.35
CA CYS A 38 -2.48 2.50 6.59
C CYS A 38 -1.63 3.48 5.77
N ARG A 39 -1.98 4.74 5.78
CA ARG A 39 -1.21 5.74 5.00
C ARG A 39 0.12 6.05 5.70
N PHE A 40 0.21 5.85 6.97
CA PHE A 40 1.47 6.15 7.71
C PHE A 40 2.49 5.04 7.49
N CYS A 41 2.04 3.88 7.11
CA CYS A 41 2.99 2.74 6.89
C CYS A 41 3.44 2.72 5.43
N TRP A 42 2.74 3.41 4.57
CA TRP A 42 3.11 3.40 3.13
C TRP A 42 4.10 4.53 2.82
N HIS A 43 3.73 5.76 3.08
CA HIS A 43 4.65 6.89 2.78
C HIS A 43 5.87 6.83 3.70
N ARG A 44 5.88 5.95 4.65
CA ARG A 44 7.04 5.86 5.58
C ARG A 44 7.90 4.67 5.20
N ILE A 45 7.29 3.58 4.79
CA ILE A 45 8.09 2.38 4.40
C ILE A 45 8.73 2.62 3.04
N ARG A 46 8.07 3.34 2.18
CA ARG A 46 8.64 3.61 0.82
C ARG A 46 9.47 4.89 0.87
N THR A 47 9.83 5.34 2.03
CA THR A 47 10.63 6.58 2.15
C THR A 47 11.96 6.30 2.85
N ASP A 48 11.94 5.58 3.93
CA ASP A 48 13.20 5.28 4.65
C ASP A 48 13.35 3.76 4.82
N GLU A 49 12.47 2.99 4.23
CA GLU A 49 12.58 1.52 4.34
C GLU A 49 12.90 0.91 2.98
N ASN A 50 12.45 -0.28 2.73
CA ASN A 50 12.73 -0.93 1.41
C ASN A 50 11.55 -0.71 0.47
N GLY A 51 10.36 -0.66 1.01
CA GLY A 51 9.17 -0.45 0.15
C GLY A 51 8.72 -1.78 -0.47
N LEU A 52 9.07 -2.88 0.15
CA LEU A 52 8.67 -4.20 -0.41
C LEU A 52 7.39 -4.68 0.29
N CYS A 53 6.82 -5.75 -0.19
CA CYS A 53 5.59 -6.29 0.44
C CYS A 53 5.97 -7.30 1.52
N PRO A 54 5.51 -7.06 2.73
CA PRO A 54 5.80 -7.95 3.87
C PRO A 54 4.91 -9.19 3.82
N ALA A 55 4.10 -9.31 2.79
CA ALA A 55 3.21 -10.49 2.68
C ALA A 55 3.61 -11.33 1.47
N CYS A 56 3.74 -10.72 0.32
CA CYS A 56 4.12 -11.50 -0.89
C CYS A 56 5.54 -11.10 -1.33
N ARG A 57 6.11 -10.09 -0.71
CA ARG A 57 7.49 -9.64 -1.07
C ARG A 57 7.46 -8.72 -2.29
N LYS A 58 6.60 -8.98 -3.24
CA LYS A 58 6.55 -8.11 -4.46
C LYS A 58 6.71 -6.63 -4.05
N PRO A 59 7.28 -5.87 -4.94
CA PRO A 59 7.54 -4.43 -4.72
C PRO A 59 6.25 -3.61 -4.91
N TYR A 60 6.00 -2.68 -4.03
CA TYR A 60 4.78 -1.82 -4.16
C TYR A 60 4.64 -1.36 -5.61
N PRO A 61 3.44 -0.93 -5.95
CA PRO A 61 3.15 -0.46 -7.31
C PRO A 61 3.69 0.97 -7.51
N GLU A 62 3.20 1.90 -6.74
CA GLU A 62 3.69 3.31 -6.88
C GLU A 62 5.12 3.39 -6.34
N ASP A 63 5.67 4.58 -6.27
CA ASP A 63 7.04 4.75 -5.76
C ASP A 63 7.55 6.16 -6.11
N PRO A 64 7.50 6.49 -7.38
CA PRO A 64 7.93 7.80 -7.87
C PRO A 64 6.84 8.84 -7.58
N ALA A 65 5.74 8.76 -8.27
CA ALA A 65 4.64 9.73 -8.04
C ALA A 65 5.21 11.15 -7.92
N VAL A 66 5.95 11.59 -8.90
CA VAL A 66 6.53 12.96 -8.84
C VAL A 66 5.91 13.81 -9.94
N TYR A 67 6.49 13.82 -11.11
CA TYR A 67 5.94 14.63 -12.22
C TYR A 67 5.53 16.01 -11.70
N LYS A 68 6.48 16.82 -11.33
CA LYS A 68 6.15 18.17 -10.80
C LYS A 68 5.78 19.09 -11.98
N PRO A 69 4.98 20.09 -11.68
CA PRO A 69 4.54 21.07 -12.68
C PRO A 69 5.62 22.12 -12.95
N LEU A 70 6.83 21.88 -12.54
CA LEU A 70 7.90 22.88 -12.78
C LEU A 70 9.22 22.16 -13.10
N SER A 71 9.15 21.08 -13.84
CA SER A 71 10.39 20.34 -14.19
C SER A 71 10.32 19.87 -15.64
N GLN A 72 11.24 20.29 -16.46
CA GLN A 72 11.22 19.86 -17.88
C GLN A 72 9.89 20.24 -18.52
N GLU A 73 9.46 21.46 -18.33
CA GLU A 73 8.16 21.89 -18.93
C GLU A 73 8.36 22.21 -20.41
N GLU A 74 9.59 22.23 -20.86
CA GLU A 74 9.85 22.54 -22.29
C GLU A 74 10.11 21.24 -23.06
N LEU A 75 9.44 20.18 -22.70
CA LEU A 75 9.66 18.89 -23.41
C LEU A 75 11.15 18.54 -23.36
N GLN A 76 11.49 17.34 -23.76
CA GLN A 76 12.92 16.94 -23.75
C GLN A 76 13.67 17.66 -24.87
N ARG A 77 13.44 17.29 -26.10
CA ARG A 77 14.13 17.95 -27.23
C ARG A 77 13.21 17.96 -28.46
N ILE A 78 13.31 16.95 -29.28
CA ILE A 78 12.45 16.90 -30.49
C ILE A 78 11.30 15.91 -30.26
ZN ZN B . 0.11 1.17 9.52
ZN ZN C . 2.19 -8.07 -1.97
N MET A 1 -28.43 2.50 0.15
CA MET A 1 -29.30 3.69 -0.15
C MET A 1 -28.47 4.97 -0.07
N SER A 2 -28.39 5.56 1.09
CA SER A 2 -27.60 6.83 1.22
C SER A 2 -26.16 6.59 0.76
N ARG A 3 -25.59 5.48 1.12
CA ARG A 3 -24.19 5.19 0.70
C ARG A 3 -23.24 6.16 1.40
N SER A 4 -23.15 6.09 2.70
CA SER A 4 -22.26 7.01 3.45
C SER A 4 -21.68 6.29 4.66
N PRO A 5 -20.58 6.79 5.17
CA PRO A 5 -19.91 6.22 6.34
C PRO A 5 -20.65 6.59 7.62
N ASP A 6 -20.49 5.81 8.66
CA ASP A 6 -21.20 6.12 9.94
C ASP A 6 -20.90 5.00 10.94
N ALA A 7 -21.55 5.03 12.08
CA ALA A 7 -21.30 3.97 13.09
C ALA A 7 -21.77 2.62 12.55
N LYS A 8 -21.86 1.62 13.39
CA LYS A 8 -22.30 0.28 12.90
C LYS A 8 -21.29 -0.26 11.90
N GLU A 9 -21.57 -1.40 11.32
CA GLU A 9 -20.63 -1.98 10.33
C GLU A 9 -19.33 -2.39 11.04
N ASP A 10 -18.44 -3.04 10.34
CA ASP A 10 -17.16 -3.47 10.98
C ASP A 10 -16.04 -3.45 9.92
N PRO A 11 -15.26 -2.40 9.93
CA PRO A 11 -14.14 -2.22 8.98
C PRO A 11 -12.95 -3.07 9.40
N VAL A 12 -11.82 -2.88 8.76
CA VAL A 12 -10.61 -3.68 9.12
C VAL A 12 -9.66 -2.82 9.96
N GLU A 13 -8.42 -3.22 10.07
CA GLU A 13 -7.45 -2.43 10.87
C GLU A 13 -6.03 -2.72 10.39
N CYS A 14 -5.26 -1.69 10.13
CA CYS A 14 -3.87 -1.91 9.66
C CYS A 14 -3.19 -2.99 10.51
N PRO A 15 -2.94 -4.13 9.92
CA PRO A 15 -2.29 -5.26 10.62
C PRO A 15 -0.78 -5.01 10.70
N LEU A 16 -0.32 -3.91 10.19
CA LEU A 16 1.14 -3.61 10.24
C LEU A 16 1.43 -2.65 11.40
N CYS A 17 0.46 -1.86 11.78
CA CYS A 17 0.67 -0.90 12.90
C CYS A 17 -0.57 -0.92 13.79
N MET A 18 -1.43 -1.88 13.61
CA MET A 18 -2.66 -1.96 14.44
C MET A 18 -3.34 -0.59 14.48
N GLU A 19 -4.18 -0.32 13.52
CA GLU A 19 -4.88 1.00 13.50
C GLU A 19 -6.25 0.83 12.84
N PRO A 20 -7.11 1.79 13.07
CA PRO A 20 -8.48 1.78 12.52
C PRO A 20 -8.47 2.21 11.05
N LEU A 21 -8.88 1.33 10.17
CA LEU A 21 -8.91 1.69 8.73
C LEU A 21 -10.21 2.43 8.41
N GLU A 22 -10.51 2.64 7.15
CA GLU A 22 -11.77 3.35 6.80
C GLU A 22 -12.06 3.16 5.31
N ILE A 23 -12.69 4.12 4.68
CA ILE A 23 -13.00 3.99 3.23
C ILE A 23 -11.78 4.40 2.40
N ASP A 24 -11.16 5.51 2.74
CA ASP A 24 -9.97 5.96 1.97
C ASP A 24 -8.73 5.19 2.43
N ASP A 25 -8.87 4.25 3.31
CA ASP A 25 -7.68 3.49 3.79
C ASP A 25 -7.84 2.01 3.44
N ILE A 26 -9.06 1.56 3.29
CA ILE A 26 -9.27 0.12 2.95
C ILE A 26 -8.83 -0.13 1.49
N ASN A 27 -9.00 0.84 0.64
CA ASN A 27 -8.59 0.66 -0.78
C ASN A 27 -7.15 1.12 -0.96
N PHE A 28 -6.45 1.35 0.12
CA PHE A 28 -5.03 1.78 0.01
C PHE A 28 -4.24 0.59 -0.53
N PHE A 29 -3.54 0.75 -1.61
CA PHE A 29 -2.79 -0.41 -2.15
C PHE A 29 -1.28 -0.16 -2.18
N PRO A 30 -0.60 -0.69 -1.20
CA PRO A 30 0.85 -0.59 -1.11
C PRO A 30 1.45 -1.62 -2.06
N CYS A 31 0.96 -2.83 -2.00
CA CYS A 31 1.48 -3.91 -2.89
C CYS A 31 0.37 -4.36 -3.83
N THR A 32 0.73 -4.99 -4.93
CA THR A 32 -0.31 -5.44 -5.90
C THR A 32 -0.78 -6.86 -5.54
N CYS A 33 -0.54 -7.32 -4.34
CA CYS A 33 -0.99 -8.69 -3.98
C CYS A 33 -2.26 -8.59 -3.13
N GLY A 34 -2.59 -7.42 -2.66
CA GLY A 34 -3.82 -7.25 -1.83
C GLY A 34 -3.44 -6.73 -0.45
N TYR A 35 -2.42 -7.27 0.14
CA TYR A 35 -2.01 -6.79 1.50
C TYR A 35 -2.04 -5.26 1.51
N GLN A 36 -2.95 -4.67 2.23
CA GLN A 36 -3.03 -3.19 2.25
C GLN A 36 -2.46 -2.65 3.57
N ILE A 37 -2.05 -1.40 3.56
CA ILE A 37 -1.49 -0.80 4.80
C ILE A 37 -2.13 0.57 5.00
N CYS A 38 -1.81 1.24 6.08
CA CYS A 38 -2.42 2.57 6.34
C CYS A 38 -1.52 3.65 5.72
N ARG A 39 -1.65 4.87 6.18
CA ARG A 39 -0.81 5.97 5.62
C ARG A 39 0.51 6.04 6.38
N PHE A 40 0.46 5.99 7.68
CA PHE A 40 1.71 6.05 8.48
C PHE A 40 2.59 4.84 8.15
N CYS A 41 2.01 3.83 7.55
CA CYS A 41 2.82 2.62 7.20
C CYS A 41 3.39 2.79 5.79
N TRP A 42 2.54 3.05 4.83
CA TRP A 42 3.02 3.24 3.43
C TRP A 42 3.99 4.41 3.36
N HIS A 43 3.95 5.28 4.32
CA HIS A 43 4.86 6.46 4.30
C HIS A 43 6.28 6.04 4.69
N ARG A 44 6.46 5.51 5.87
CA ARG A 44 7.82 5.09 6.31
C ARG A 44 8.36 4.00 5.37
N ILE A 45 7.49 3.31 4.69
CA ILE A 45 7.97 2.24 3.76
C ILE A 45 8.44 2.86 2.44
N ARG A 46 7.77 3.86 1.96
CA ARG A 46 8.19 4.50 0.67
C ARG A 46 9.28 5.54 0.94
N THR A 47 9.61 5.77 2.18
CA THR A 47 10.67 6.78 2.50
C THR A 47 11.76 6.13 3.36
N ASP A 48 11.53 4.93 3.83
CA ASP A 48 12.54 4.26 4.68
C ASP A 48 12.88 2.89 4.07
N GLU A 49 11.93 2.00 4.03
CA GLU A 49 12.19 0.65 3.45
C GLU A 49 12.28 0.75 1.93
N ASN A 50 12.13 -0.36 1.24
CA ASN A 50 12.20 -0.33 -0.24
C ASN A 50 10.77 -0.40 -0.81
N GLY A 51 9.83 0.20 -0.14
CA GLY A 51 8.43 0.15 -0.65
C GLY A 51 8.06 -1.29 -1.00
N LEU A 52 8.66 -2.24 -0.32
CA LEU A 52 8.34 -3.67 -0.61
C LEU A 52 7.14 -4.12 0.21
N CYS A 53 6.60 -5.26 -0.11
CA CYS A 53 5.43 -5.78 0.64
C CYS A 53 5.92 -6.66 1.81
N PRO A 54 5.50 -6.33 3.00
CA PRO A 54 5.88 -7.08 4.21
C PRO A 54 5.01 -8.34 4.36
N ALA A 55 4.40 -8.80 3.29
CA ALA A 55 3.55 -10.01 3.40
C ALA A 55 3.87 -10.98 2.25
N CYS A 56 4.12 -10.46 1.08
CA CYS A 56 4.43 -11.37 -0.08
C CYS A 56 5.86 -11.10 -0.57
N ARG A 57 6.46 -10.03 -0.12
CA ARG A 57 7.85 -9.71 -0.56
C ARG A 57 7.87 -9.29 -2.04
N LYS A 58 6.94 -8.47 -2.43
CA LYS A 58 6.90 -8.02 -3.85
C LYS A 58 6.97 -6.48 -3.88
N PRO A 59 7.39 -5.94 -4.99
CA PRO A 59 7.51 -4.48 -5.17
C PRO A 59 6.13 -3.84 -5.39
N TYR A 60 5.80 -2.85 -4.60
CA TYR A 60 4.49 -2.17 -4.74
C TYR A 60 4.18 -1.97 -6.23
N PRO A 61 2.92 -1.74 -6.54
CA PRO A 61 2.48 -1.55 -7.93
C PRO A 61 2.87 -0.14 -8.43
N GLU A 62 2.09 0.85 -8.12
CA GLU A 62 2.41 2.22 -8.59
C GLU A 62 2.39 2.25 -10.13
N ASP A 63 3.22 3.04 -10.74
CA ASP A 63 3.23 3.09 -12.22
C ASP A 63 3.87 1.80 -12.76
N PRO A 64 3.34 1.31 -13.86
CA PRO A 64 3.84 0.09 -14.50
C PRO A 64 5.11 0.38 -15.31
N ALA A 65 5.62 1.58 -15.23
CA ALA A 65 6.84 1.92 -16.00
C ALA A 65 7.86 2.58 -15.06
N VAL A 66 8.44 1.83 -14.17
CA VAL A 66 9.44 2.43 -13.24
C VAL A 66 10.85 2.18 -13.78
N TYR A 67 11.08 1.02 -14.35
CA TYR A 67 12.43 0.72 -14.91
C TYR A 67 12.59 1.39 -16.27
N LYS A 68 13.67 1.13 -16.94
CA LYS A 68 13.90 1.75 -18.27
C LYS A 68 13.62 3.26 -18.20
N PRO A 69 14.60 3.98 -17.71
CA PRO A 69 14.51 5.45 -17.57
C PRO A 69 14.74 6.14 -18.92
N LEU A 70 15.67 5.63 -19.70
CA LEU A 70 15.94 6.26 -21.02
C LEU A 70 15.64 5.24 -22.12
N SER A 71 15.62 5.69 -23.35
CA SER A 71 15.33 4.75 -24.48
C SER A 71 16.63 4.47 -25.24
N GLN A 72 16.75 3.29 -25.79
CA GLN A 72 18.00 2.96 -26.55
C GLN A 72 17.65 2.66 -28.01
N GLU A 73 18.44 1.86 -28.67
CA GLU A 73 18.15 1.53 -30.10
C GLU A 73 17.30 0.26 -30.15
N GLU A 74 17.55 -0.68 -29.29
CA GLU A 74 16.75 -1.94 -29.30
C GLU A 74 16.74 -2.55 -27.89
N LEU A 75 17.87 -2.99 -27.41
CA LEU A 75 17.92 -3.59 -26.05
C LEU A 75 19.26 -3.25 -25.39
N GLN A 76 20.33 -3.81 -25.87
CA GLN A 76 21.66 -3.52 -25.27
C GLN A 76 22.04 -2.07 -25.56
N ARG A 77 22.89 -1.49 -24.76
CA ARG A 77 23.31 -0.08 -24.98
C ARG A 77 23.78 0.08 -26.44
N ILE A 78 24.19 1.27 -26.80
CA ILE A 78 24.65 1.50 -28.20
C ILE A 78 26.12 1.90 -28.19
ZN ZN B . -0.37 1.09 9.47
ZN ZN C . 2.32 -8.07 -1.50
N MET A 1 -11.50 -13.88 25.02
CA MET A 1 -12.19 -12.79 24.29
C MET A 1 -12.55 -13.26 22.87
N SER A 2 -13.66 -13.93 22.74
CA SER A 2 -14.07 -14.43 21.40
C SER A 2 -15.50 -14.95 21.47
N ARG A 3 -15.81 -15.73 22.48
CA ARG A 3 -17.19 -16.28 22.61
C ARG A 3 -17.42 -17.38 21.58
N SER A 4 -17.71 -17.02 20.35
CA SER A 4 -17.95 -18.06 19.31
C SER A 4 -16.84 -18.01 18.25
N PRO A 5 -16.60 -19.13 17.64
CA PRO A 5 -15.57 -19.27 16.60
C PRO A 5 -16.09 -18.73 15.26
N ASP A 6 -16.93 -19.48 14.60
CA ASP A 6 -17.47 -19.01 13.29
C ASP A 6 -18.49 -17.88 13.53
N ALA A 7 -19.02 -17.33 12.48
CA ALA A 7 -20.02 -16.23 12.64
C ALA A 7 -19.34 -15.04 13.34
N LYS A 8 -18.11 -14.77 13.01
CA LYS A 8 -17.40 -13.63 13.65
C LYS A 8 -17.10 -12.57 12.60
N GLU A 9 -17.48 -11.35 12.84
CA GLU A 9 -17.22 -10.26 11.84
C GLU A 9 -15.73 -10.25 11.48
N ASP A 10 -15.32 -9.33 10.67
CA ASP A 10 -13.88 -9.26 10.27
C ASP A 10 -13.58 -7.89 9.65
N PRO A 11 -13.27 -6.94 10.50
CA PRO A 11 -12.96 -5.57 10.07
C PRO A 11 -11.53 -5.48 9.53
N VAL A 12 -11.14 -4.36 9.00
CA VAL A 12 -9.77 -4.22 8.45
C VAL A 12 -8.94 -3.32 9.36
N GLU A 13 -7.75 -3.74 9.71
CA GLU A 13 -6.89 -2.91 10.59
C GLU A 13 -5.45 -2.97 10.09
N CYS A 14 -4.81 -1.85 9.92
CA CYS A 14 -3.41 -1.84 9.43
C CYS A 14 -2.59 -2.90 10.18
N PRO A 15 -2.16 -3.91 9.48
CA PRO A 15 -1.34 -4.98 10.07
C PRO A 15 0.12 -4.51 10.21
N LEU A 16 0.39 -3.30 9.80
CA LEU A 16 1.78 -2.77 9.90
C LEU A 16 1.92 -1.95 11.18
N CYS A 17 0.87 -1.27 11.57
CA CYS A 17 0.95 -0.45 12.82
C CYS A 17 -0.36 -0.63 13.61
N MET A 18 -1.08 -1.68 13.32
CA MET A 18 -2.35 -1.93 14.03
C MET A 18 -3.14 -0.63 14.16
N GLU A 19 -3.99 -0.36 13.21
CA GLU A 19 -4.79 0.89 13.26
C GLU A 19 -6.12 0.68 12.55
N PRO A 20 -7.03 1.60 12.75
CA PRO A 20 -8.36 1.55 12.13
C PRO A 20 -8.27 1.98 10.66
N LEU A 21 -8.43 1.07 9.76
CA LEU A 21 -8.35 1.41 8.31
C LEU A 21 -9.58 2.22 7.91
N GLU A 22 -9.39 3.36 7.29
CA GLU A 22 -10.55 4.18 6.87
C GLU A 22 -11.16 3.58 5.60
N ILE A 23 -12.24 4.14 5.13
CA ILE A 23 -12.89 3.60 3.90
C ILE A 23 -11.90 3.67 2.73
N ASP A 24 -11.53 4.85 2.33
CA ASP A 24 -10.58 4.99 1.19
C ASP A 24 -9.25 4.30 1.53
N ASP A 25 -9.00 4.05 2.78
CA ASP A 25 -7.71 3.39 3.17
C ASP A 25 -7.79 1.90 2.85
N ILE A 26 -8.96 1.32 2.94
CA ILE A 26 -9.11 -0.13 2.65
C ILE A 26 -8.58 -0.44 1.25
N ASN A 27 -9.12 0.20 0.24
CA ASN A 27 -8.65 -0.06 -1.14
C ASN A 27 -7.22 0.47 -1.32
N PHE A 28 -6.74 1.21 -0.37
CA PHE A 28 -5.34 1.75 -0.49
C PHE A 28 -4.35 0.71 0.03
N PHE A 29 -3.47 0.25 -0.82
CA PHE A 29 -2.48 -0.77 -0.37
C PHE A 29 -1.13 -0.52 -1.07
N PRO A 30 -0.09 -0.95 -0.41
CA PRO A 30 1.27 -0.81 -0.94
C PRO A 30 1.54 -1.91 -1.98
N CYS A 31 0.82 -2.99 -1.89
CA CYS A 31 1.03 -4.10 -2.88
C CYS A 31 -0.32 -4.51 -3.48
N THR A 32 -0.30 -5.04 -4.68
CA THR A 32 -1.58 -5.45 -5.33
C THR A 32 -1.91 -6.91 -5.01
N CYS A 33 -1.90 -7.28 -3.76
CA CYS A 33 -2.25 -8.69 -3.41
C CYS A 33 -3.32 -8.70 -2.32
N GLY A 34 -3.72 -7.55 -1.86
CA GLY A 34 -4.78 -7.49 -0.81
C GLY A 34 -4.18 -7.00 0.51
N TYR A 35 -2.91 -7.24 0.73
CA TYR A 35 -2.30 -6.77 2.01
C TYR A 35 -2.26 -5.25 2.00
N GLN A 36 -3.31 -4.61 2.43
CA GLN A 36 -3.34 -3.13 2.43
C GLN A 36 -2.88 -2.62 3.80
N ILE A 37 -2.50 -1.37 3.87
CA ILE A 37 -2.04 -0.82 5.17
C ILE A 37 -2.59 0.61 5.33
N CYS A 38 -2.11 1.34 6.29
CA CYS A 38 -2.60 2.74 6.48
C CYS A 38 -1.73 3.69 5.67
N ARG A 39 -2.24 4.85 5.34
CA ARG A 39 -1.44 5.80 4.52
C ARG A 39 -0.23 6.30 5.32
N PHE A 40 -0.15 5.99 6.58
CA PHE A 40 1.00 6.46 7.39
C PHE A 40 2.09 5.38 7.42
N CYS A 41 1.75 4.18 7.06
CA CYS A 41 2.76 3.07 7.04
C CYS A 41 3.40 3.01 5.66
N TRP A 42 2.71 3.47 4.65
CA TRP A 42 3.26 3.44 3.27
C TRP A 42 4.12 4.69 3.04
N HIS A 43 3.81 5.77 3.69
CA HIS A 43 4.61 7.02 3.51
C HIS A 43 5.85 6.96 4.38
N ARG A 44 6.05 5.89 5.08
CA ARG A 44 7.27 5.78 5.95
C ARG A 44 8.18 4.67 5.41
N ILE A 45 7.61 3.61 4.90
CA ILE A 45 8.44 2.50 4.36
C ILE A 45 9.12 2.96 3.06
N ARG A 46 8.46 3.79 2.30
CA ARG A 46 9.06 4.28 1.03
C ARG A 46 9.96 5.48 1.32
N THR A 47 10.24 5.73 2.57
CA THR A 47 11.12 6.90 2.90
C THR A 47 12.30 6.43 3.74
N ASP A 48 12.15 5.34 4.45
CA ASP A 48 13.28 4.84 5.29
C ASP A 48 13.68 3.43 4.83
N GLU A 49 12.88 2.45 5.12
CA GLU A 49 13.23 1.06 4.70
C GLU A 49 12.83 0.85 3.24
N ASN A 50 12.44 -0.35 2.87
CA ASN A 50 12.05 -0.62 1.46
C ASN A 50 10.54 -0.82 1.36
N GLY A 51 9.93 -0.28 0.32
CA GLY A 51 8.47 -0.42 0.15
C GLY A 51 8.14 -1.77 -0.51
N LEU A 52 8.50 -2.86 0.12
CA LEU A 52 8.19 -4.19 -0.47
C LEU A 52 7.06 -4.84 0.32
N CYS A 53 6.29 -5.67 -0.33
CA CYS A 53 5.15 -6.33 0.36
C CYS A 53 5.68 -7.37 1.35
N PRO A 54 5.37 -7.18 2.61
CA PRO A 54 5.79 -8.10 3.68
C PRO A 54 4.88 -9.34 3.70
N ALA A 55 3.85 -9.34 2.89
CA ALA A 55 2.92 -10.50 2.89
C ALA A 55 3.13 -11.36 1.63
N CYS A 56 3.69 -10.81 0.59
CA CYS A 56 3.90 -11.63 -0.64
C CYS A 56 5.11 -11.13 -1.43
N ARG A 57 6.01 -10.41 -0.80
CA ARG A 57 7.20 -9.91 -1.53
C ARG A 57 6.78 -9.30 -2.87
N LYS A 58 6.57 -8.01 -2.90
CA LYS A 58 6.15 -7.34 -4.18
C LYS A 58 6.52 -5.85 -4.12
N PRO A 59 7.12 -5.36 -5.16
CA PRO A 59 7.53 -3.95 -5.22
C PRO A 59 6.30 -3.05 -5.40
N TYR A 60 5.94 -2.34 -4.35
CA TYR A 60 4.74 -1.45 -4.43
C TYR A 60 4.68 -0.76 -5.79
N PRO A 61 3.52 -0.80 -6.40
CA PRO A 61 3.31 -0.19 -7.73
C PRO A 61 3.14 1.33 -7.62
N GLU A 62 3.56 2.05 -8.61
CA GLU A 62 3.43 3.54 -8.58
C GLU A 62 4.10 4.14 -9.80
N ASP A 63 3.77 5.36 -10.15
CA ASP A 63 4.40 5.99 -11.34
C ASP A 63 5.92 6.00 -11.16
N PRO A 64 6.61 6.06 -12.27
CA PRO A 64 8.09 6.08 -12.28
C PRO A 64 8.60 7.48 -11.91
N ALA A 65 8.47 8.42 -12.81
CA ALA A 65 8.95 9.80 -12.51
C ALA A 65 10.30 9.75 -11.80
N VAL A 66 11.35 9.53 -12.53
CA VAL A 66 12.70 9.47 -11.91
C VAL A 66 13.20 10.90 -11.67
N TYR A 67 14.41 11.21 -12.06
CA TYR A 67 14.94 12.59 -11.85
C TYR A 67 16.39 12.66 -12.34
N LYS A 68 16.79 13.80 -12.86
CA LYS A 68 18.18 13.94 -13.36
C LYS A 68 19.10 14.35 -12.19
N PRO A 69 20.03 13.48 -11.86
CA PRO A 69 21.00 13.74 -10.77
C PRO A 69 22.09 14.70 -11.24
N LEU A 70 22.38 14.71 -12.51
CA LEU A 70 23.43 15.62 -13.04
C LEU A 70 22.78 16.65 -13.95
N SER A 71 22.00 17.55 -13.40
CA SER A 71 21.32 18.59 -14.23
C SER A 71 22.29 19.11 -15.30
N GLN A 72 21.98 18.90 -16.54
CA GLN A 72 22.89 19.38 -17.63
C GLN A 72 24.30 18.82 -17.38
N GLU A 73 25.24 19.20 -18.18
CA GLU A 73 26.62 18.69 -17.99
C GLU A 73 27.63 19.82 -18.22
N GLU A 74 28.81 19.70 -17.69
CA GLU A 74 29.82 20.76 -17.88
C GLU A 74 31.22 20.16 -17.76
N LEU A 75 31.67 19.47 -18.77
CA LEU A 75 33.02 18.85 -18.71
C LEU A 75 33.14 18.06 -17.41
N GLN A 76 32.72 16.82 -17.42
CA GLN A 76 32.81 15.99 -16.18
C GLN A 76 34.24 15.49 -16.00
N ARG A 77 35.13 15.85 -16.87
CA ARG A 77 36.54 15.39 -16.74
C ARG A 77 37.22 16.17 -15.62
N ILE A 78 36.74 17.35 -15.32
CA ILE A 78 37.37 18.16 -14.24
C ILE A 78 36.45 18.15 -13.01
ZN ZN B . -0.15 1.53 9.58
ZN ZN C . 1.67 -8.41 -1.74
N MET A 1 -19.76 11.02 -4.02
CA MET A 1 -20.95 11.62 -3.35
C MET A 1 -20.58 12.07 -1.94
N SER A 2 -19.59 12.92 -1.82
CA SER A 2 -19.18 13.40 -0.46
C SER A 2 -18.71 12.21 0.38
N ARG A 3 -18.05 12.49 1.48
CA ARG A 3 -17.56 11.38 2.35
C ARG A 3 -18.67 10.99 3.33
N SER A 4 -19.55 10.12 2.93
CA SER A 4 -20.65 9.69 3.85
C SER A 4 -20.07 9.44 5.24
N PRO A 5 -20.94 9.43 6.22
CA PRO A 5 -20.57 9.20 7.62
C PRO A 5 -20.32 7.71 7.86
N ASP A 6 -19.87 7.36 9.03
CA ASP A 6 -19.61 5.92 9.33
C ASP A 6 -19.54 5.71 10.84
N ALA A 7 -20.13 4.66 11.33
CA ALA A 7 -20.10 4.39 12.79
C ALA A 7 -19.02 3.36 13.11
N LYS A 8 -19.08 2.76 14.27
CA LYS A 8 -18.06 1.74 14.63
C LYS A 8 -17.94 0.71 13.50
N GLU A 9 -18.98 -0.04 13.26
CA GLU A 9 -18.93 -1.06 12.17
C GLU A 9 -17.67 -1.92 12.34
N ASP A 10 -17.24 -2.56 11.30
CA ASP A 10 -16.02 -3.42 11.40
C ASP A 10 -15.17 -3.24 10.15
N PRO A 11 -14.57 -2.09 10.03
CA PRO A 11 -13.70 -1.76 8.88
C PRO A 11 -12.33 -2.41 9.05
N VAL A 12 -11.77 -2.90 7.98
CA VAL A 12 -10.43 -3.55 8.08
C VAL A 12 -9.50 -2.70 8.94
N GLU A 13 -8.43 -3.27 9.43
CA GLU A 13 -7.48 -2.51 10.27
C GLU A 13 -6.04 -2.81 9.83
N CYS A 14 -5.12 -1.93 10.11
CA CYS A 14 -3.71 -2.17 9.71
C CYS A 14 -3.16 -3.38 10.47
N PRO A 15 -2.75 -4.40 9.74
CA PRO A 15 -2.21 -5.62 10.34
C PRO A 15 -0.74 -5.43 10.74
N LEU A 16 -0.25 -4.22 10.73
CA LEU A 16 1.18 -4.00 11.11
C LEU A 16 1.26 -2.99 12.25
N CYS A 17 0.28 -2.15 12.40
CA CYS A 17 0.31 -1.15 13.51
C CYS A 17 -1.05 -1.09 14.19
N MET A 18 -1.95 -1.97 13.80
CA MET A 18 -3.30 -1.97 14.41
C MET A 18 -3.88 -0.56 14.40
N GLU A 19 -4.64 -0.23 13.38
CA GLU A 19 -5.24 1.12 13.30
C GLU A 19 -6.52 1.06 12.48
N PRO A 20 -7.30 2.11 12.56
CA PRO A 20 -8.58 2.21 11.83
C PRO A 20 -8.34 2.54 10.35
N LEU A 21 -8.79 1.70 9.47
CA LEU A 21 -8.59 1.97 8.01
C LEU A 21 -9.72 2.87 7.50
N GLU A 22 -9.41 4.06 7.09
CA GLU A 22 -10.47 4.98 6.57
C GLU A 22 -11.17 4.34 5.37
N ILE A 23 -12.04 5.07 4.74
CA ILE A 23 -12.76 4.52 3.55
C ILE A 23 -11.77 4.35 2.40
N ASP A 24 -10.91 5.30 2.20
CA ASP A 24 -9.92 5.20 1.08
C ASP A 24 -8.70 4.41 1.56
N ASP A 25 -8.60 4.16 2.83
CA ASP A 25 -7.42 3.40 3.35
C ASP A 25 -7.74 1.90 3.34
N ILE A 26 -8.98 1.54 3.14
CA ILE A 26 -9.35 0.11 3.12
C ILE A 26 -9.10 -0.45 1.71
N ASN A 27 -9.27 0.36 0.71
CA ASN A 27 -9.03 -0.10 -0.68
C ASN A 27 -7.71 0.50 -1.20
N PHE A 28 -6.94 1.10 -0.33
CA PHE A 28 -5.66 1.70 -0.76
C PHE A 28 -4.51 0.80 -0.31
N PHE A 29 -4.21 -0.21 -1.06
CA PHE A 29 -3.09 -1.12 -0.67
C PHE A 29 -1.84 -0.78 -1.48
N PRO A 30 -0.71 -0.82 -0.82
CA PRO A 30 0.59 -0.52 -1.45
C PRO A 30 1.08 -1.73 -2.23
N CYS A 31 0.40 -2.84 -2.12
CA CYS A 31 0.85 -4.06 -2.86
C CYS A 31 -0.35 -4.73 -3.54
N THR A 32 -0.08 -5.62 -4.45
CA THR A 32 -1.19 -6.32 -5.17
C THR A 32 -1.65 -7.54 -4.35
N CYS A 33 -0.74 -8.21 -3.70
CA CYS A 33 -1.15 -9.41 -2.90
C CYS A 33 -2.39 -9.07 -2.06
N GLY A 34 -2.58 -7.83 -1.73
CA GLY A 34 -3.78 -7.45 -0.94
C GLY A 34 -3.38 -7.14 0.50
N TYR A 35 -2.17 -6.71 0.72
CA TYR A 35 -1.74 -6.39 2.12
C TYR A 35 -2.07 -4.92 2.42
N GLN A 36 -3.23 -4.48 2.02
CA GLN A 36 -3.61 -3.06 2.27
C GLN A 36 -3.18 -2.64 3.67
N ILE A 37 -2.34 -1.65 3.76
CA ILE A 37 -1.88 -1.18 5.10
C ILE A 37 -2.43 0.23 5.35
N CYS A 38 -2.02 0.85 6.43
CA CYS A 38 -2.53 2.22 6.71
C CYS A 38 -1.57 3.25 6.08
N ARG A 39 -1.97 4.49 6.01
CA ARG A 39 -1.09 5.52 5.38
C ARG A 39 0.11 5.80 6.28
N PHE A 40 0.02 5.48 7.53
CA PHE A 40 1.17 5.75 8.45
C PHE A 40 2.24 4.66 8.27
N CYS A 41 1.85 3.52 7.77
CA CYS A 41 2.83 2.43 7.56
C CYS A 41 3.41 2.53 6.15
N TRP A 42 2.69 3.17 5.26
CA TRP A 42 3.18 3.32 3.86
C TRP A 42 4.07 4.56 3.77
N HIS A 43 3.84 5.54 4.60
CA HIS A 43 4.68 6.76 4.55
C HIS A 43 6.06 6.47 5.15
N ARG A 44 6.22 5.32 5.74
CA ARG A 44 7.54 4.98 6.35
C ARG A 44 8.29 4.00 5.43
N ILE A 45 7.58 3.10 4.82
CA ILE A 45 8.26 2.13 3.91
C ILE A 45 8.75 2.83 2.65
N ARG A 46 8.04 3.85 2.22
CA ARG A 46 8.47 4.57 0.99
C ARG A 46 9.41 5.72 1.36
N THR A 47 10.07 5.61 2.48
CA THR A 47 11.00 6.70 2.89
C THR A 47 12.37 6.11 3.26
N ASP A 48 12.39 5.12 4.09
CA ASP A 48 13.70 4.52 4.48
C ASP A 48 13.64 2.99 4.31
N GLU A 49 12.92 2.51 3.34
CA GLU A 49 12.83 1.04 3.13
C GLU A 49 13.07 0.71 1.66
N ASN A 50 12.65 -0.44 1.22
CA ASN A 50 12.86 -0.82 -0.20
C ASN A 50 11.54 -0.68 -0.97
N GLY A 51 10.59 0.02 -0.40
CA GLY A 51 9.28 0.18 -1.10
C GLY A 51 8.73 -1.18 -1.48
N LEU A 52 9.14 -2.22 -0.80
CA LEU A 52 8.63 -3.58 -1.12
C LEU A 52 7.59 -4.00 -0.11
N CYS A 53 6.80 -4.98 -0.45
CA CYS A 53 5.75 -5.47 0.49
C CYS A 53 6.32 -6.61 1.34
N PRO A 54 6.22 -6.48 2.63
CA PRO A 54 6.75 -7.50 3.57
C PRO A 54 5.79 -8.68 3.70
N ALA A 55 4.57 -8.51 3.28
CA ALA A 55 3.58 -9.63 3.38
C ALA A 55 3.85 -10.68 2.29
N CYS A 56 4.23 -10.26 1.11
CA CYS A 56 4.48 -11.23 0.01
C CYS A 56 5.85 -10.97 -0.62
N ARG A 57 6.31 -9.74 -0.57
CA ARG A 57 7.63 -9.38 -1.17
C ARG A 57 7.43 -8.95 -2.63
N LYS A 58 6.97 -7.76 -2.86
CA LYS A 58 6.76 -7.26 -4.24
C LYS A 58 6.78 -5.73 -4.23
N PRO A 59 7.22 -5.16 -5.31
CA PRO A 59 7.30 -3.70 -5.45
C PRO A 59 5.91 -3.09 -5.62
N TYR A 60 5.49 -2.31 -4.66
CA TYR A 60 4.14 -1.67 -4.73
C TYR A 60 3.82 -1.26 -6.16
N PRO A 61 2.56 -1.35 -6.52
CA PRO A 61 2.09 -0.98 -7.87
C PRO A 61 1.95 0.54 -7.98
N GLU A 62 2.72 1.16 -8.83
CA GLU A 62 2.62 2.64 -8.98
C GLU A 62 2.93 3.03 -10.43
N ASP A 63 1.99 3.64 -11.10
CA ASP A 63 2.23 4.04 -12.52
C ASP A 63 0.91 4.52 -13.13
N PRO A 64 1.02 5.39 -14.10
CA PRO A 64 -0.15 5.96 -14.79
C PRO A 64 -0.71 4.96 -15.79
N ALA A 65 -0.08 3.82 -15.92
CA ALA A 65 -0.59 2.78 -16.88
C ALA A 65 -0.20 3.18 -18.32
N VAL A 66 0.98 3.69 -18.51
CA VAL A 66 1.40 4.07 -19.89
C VAL A 66 2.82 3.53 -20.14
N TYR A 67 3.66 4.28 -20.78
CA TYR A 67 5.04 3.78 -21.04
C TYR A 67 4.97 2.45 -21.80
N LYS A 68 4.25 2.43 -22.89
CA LYS A 68 4.14 1.16 -23.68
C LYS A 68 3.30 1.40 -24.93
N PRO A 69 3.80 2.24 -25.80
CA PRO A 69 3.12 2.60 -27.05
C PRO A 69 3.28 1.47 -28.09
N LEU A 70 3.09 1.77 -29.35
CA LEU A 70 3.22 0.73 -30.39
C LEU A 70 4.48 1.00 -31.22
N SER A 71 5.63 0.60 -30.73
CA SER A 71 6.89 0.85 -31.49
C SER A 71 6.97 -0.11 -32.69
N GLN A 72 8.12 -0.23 -33.28
CA GLN A 72 8.27 -1.13 -34.45
C GLN A 72 8.91 -2.45 -34.00
N GLU A 73 8.26 -3.16 -33.12
CA GLU A 73 8.83 -4.46 -32.64
C GLU A 73 10.16 -4.20 -31.95
N GLU A 74 10.33 -3.06 -31.33
CA GLU A 74 11.61 -2.76 -30.64
C GLU A 74 12.75 -2.73 -31.65
N LEU A 75 13.73 -1.90 -31.42
CA LEU A 75 14.88 -1.83 -32.38
C LEU A 75 16.08 -2.54 -31.78
N GLN A 76 16.09 -3.85 -31.80
CA GLN A 76 17.24 -4.60 -31.23
C GLN A 76 17.04 -6.10 -31.47
N ARG A 77 17.39 -6.58 -32.64
CA ARG A 77 17.24 -8.02 -32.93
C ARG A 77 15.85 -8.48 -32.49
N ILE A 78 15.62 -9.76 -32.42
CA ILE A 78 14.29 -10.28 -32.00
C ILE A 78 13.20 -9.65 -32.86
ZN ZN B . -0.26 0.87 9.90
ZN ZN C . 2.43 -7.95 -1.17
N MET A 1 -15.52 -0.11 27.89
CA MET A 1 -16.87 0.36 28.29
C MET A 1 -17.42 1.29 27.21
N SER A 2 -18.54 0.96 26.63
CA SER A 2 -19.12 1.82 25.56
C SER A 2 -18.12 1.97 24.43
N ARG A 3 -18.39 2.84 23.49
CA ARG A 3 -17.45 3.03 22.35
C ARG A 3 -17.35 1.72 21.56
N SER A 4 -18.46 1.08 21.30
CA SER A 4 -18.42 -0.19 20.54
C SER A 4 -19.44 -0.14 19.40
N PRO A 5 -18.98 -0.27 18.18
CA PRO A 5 -19.83 -0.24 16.99
C PRO A 5 -20.56 -1.58 16.82
N ASP A 6 -21.23 -1.75 15.71
CA ASP A 6 -21.96 -3.03 15.49
C ASP A 6 -21.10 -3.98 14.65
N ALA A 7 -19.82 -3.95 14.85
CA ALA A 7 -18.91 -4.85 14.06
C ALA A 7 -17.63 -5.10 14.85
N LYS A 8 -17.03 -6.24 14.68
CA LYS A 8 -15.77 -6.54 15.41
C LYS A 8 -14.59 -6.53 14.44
N GLU A 9 -14.53 -7.48 13.56
CA GLU A 9 -13.40 -7.53 12.58
C GLU A 9 -13.95 -7.55 11.16
N ASP A 10 -14.98 -6.79 10.89
CA ASP A 10 -15.54 -6.78 9.51
C ASP A 10 -14.72 -5.85 8.60
N PRO A 11 -14.38 -4.68 9.10
CA PRO A 11 -13.60 -3.70 8.32
C PRO A 11 -12.11 -4.06 8.35
N VAL A 12 -11.35 -3.54 7.45
CA VAL A 12 -9.89 -3.85 7.43
C VAL A 12 -9.15 -2.88 8.35
N GLU A 13 -8.13 -3.34 9.01
CA GLU A 13 -7.37 -2.44 9.92
C GLU A 13 -5.88 -2.78 9.87
N CYS A 14 -5.04 -1.79 9.72
CA CYS A 14 -3.57 -2.04 9.66
C CYS A 14 -3.18 -3.06 10.73
N PRO A 15 -2.87 -4.26 10.29
CA PRO A 15 -2.46 -5.35 11.20
C PRO A 15 -1.00 -5.19 11.64
N LEU A 16 -0.40 -4.07 11.35
CA LEU A 16 1.02 -3.87 11.75
C LEU A 16 1.10 -2.81 12.85
N CYS A 17 0.12 -1.95 12.93
CA CYS A 17 0.16 -0.89 13.98
C CYS A 17 -1.20 -0.85 14.69
N MET A 18 -2.13 -1.67 14.27
CA MET A 18 -3.47 -1.67 14.91
C MET A 18 -4.17 -0.33 14.66
N GLU A 19 -5.10 -0.31 13.75
CA GLU A 19 -5.83 0.96 13.45
C GLU A 19 -6.86 0.71 12.34
N PRO A 20 -8.08 1.14 12.57
CA PRO A 20 -9.18 0.96 11.62
C PRO A 20 -9.07 1.98 10.48
N LEU A 21 -8.83 1.52 9.28
CA LEU A 21 -8.71 2.46 8.13
C LEU A 21 -10.11 2.98 7.76
N GLU A 22 -10.16 3.97 6.91
CA GLU A 22 -11.48 4.53 6.51
C GLU A 22 -12.04 3.72 5.32
N ILE A 23 -12.90 4.32 4.55
CA ILE A 23 -13.48 3.59 3.38
C ILE A 23 -12.51 3.62 2.20
N ASP A 24 -12.27 4.80 1.65
CA ASP A 24 -11.35 4.89 0.49
C ASP A 24 -9.89 4.76 0.96
N ASP A 25 -9.68 4.59 2.22
CA ASP A 25 -8.29 4.45 2.73
C ASP A 25 -7.94 2.97 2.91
N ILE A 26 -8.92 2.10 2.81
CA ILE A 26 -8.65 0.66 2.97
C ILE A 26 -8.12 0.08 1.65
N ASN A 27 -8.90 0.16 0.60
CA ASN A 27 -8.42 -0.38 -0.71
C ASN A 27 -7.03 0.16 -1.00
N PHE A 28 -6.68 1.28 -0.40
CA PHE A 28 -5.33 1.86 -0.65
C PHE A 28 -4.26 0.99 0.01
N PHE A 29 -3.45 0.34 -0.78
CA PHE A 29 -2.38 -0.53 -0.21
C PHE A 29 -1.10 -0.33 -1.00
N PRO A 30 0.00 -0.69 -0.40
CA PRO A 30 1.32 -0.59 -1.03
C PRO A 30 1.50 -1.74 -2.02
N CYS A 31 0.85 -2.84 -1.77
CA CYS A 31 0.95 -4.01 -2.69
C CYS A 31 -0.46 -4.55 -2.98
N THR A 32 -0.65 -5.12 -4.13
CA THR A 32 -2.01 -5.65 -4.49
C THR A 32 -2.12 -7.12 -4.05
N CYS A 33 -1.85 -7.41 -2.81
CA CYS A 33 -1.96 -8.82 -2.35
C CYS A 33 -2.72 -8.87 -1.02
N GLY A 34 -3.19 -7.73 -0.55
CA GLY A 34 -3.95 -7.71 0.72
C GLY A 34 -3.11 -7.01 1.80
N TYR A 35 -1.87 -7.38 1.94
CA TYR A 35 -1.01 -6.73 2.97
C TYR A 35 -1.10 -5.21 2.80
N GLN A 36 -2.03 -4.59 3.47
CA GLN A 36 -2.20 -3.12 3.34
C GLN A 36 -1.70 -2.43 4.61
N ILE A 37 -1.16 -1.25 4.48
CA ILE A 37 -0.67 -0.53 5.69
C ILE A 37 -1.23 0.90 5.69
N CYS A 38 -1.41 1.46 6.86
CA CYS A 38 -1.96 2.85 6.94
C CYS A 38 -1.29 3.73 5.89
N ARG A 39 -1.94 4.78 5.45
CA ARG A 39 -1.29 5.67 4.45
C ARG A 39 0.01 6.17 5.05
N PHE A 40 0.04 6.35 6.34
CA PHE A 40 1.29 6.83 7.01
C PHE A 40 2.22 5.63 7.20
N CYS A 41 1.67 4.50 7.53
CA CYS A 41 2.50 3.28 7.73
C CYS A 41 3.27 3.01 6.43
N TRP A 42 2.72 3.42 5.32
CA TRP A 42 3.41 3.21 4.02
C TRP A 42 4.38 4.36 3.77
N HIS A 43 4.04 5.53 4.25
CA HIS A 43 4.95 6.70 4.05
C HIS A 43 6.31 6.36 4.66
N ARG A 44 6.34 5.42 5.56
CA ARG A 44 7.64 5.02 6.19
C ARG A 44 8.29 3.92 5.36
N ILE A 45 7.58 2.84 5.12
CA ILE A 45 8.17 1.73 4.32
C ILE A 45 8.75 2.29 3.01
N ARG A 46 8.21 3.37 2.53
CA ARG A 46 8.73 3.96 1.26
C ARG A 46 9.97 4.82 1.58
N THR A 47 9.89 5.62 2.61
CA THR A 47 11.07 6.47 2.97
C THR A 47 11.91 5.74 4.02
N ASP A 48 11.88 4.43 4.01
CA ASP A 48 12.68 3.66 5.00
C ASP A 48 12.93 2.25 4.46
N GLU A 49 11.90 1.54 4.10
CA GLU A 49 12.08 0.16 3.57
C GLU A 49 12.56 0.24 2.11
N ASN A 50 12.20 -0.71 1.31
CA ASN A 50 12.63 -0.70 -0.12
C ASN A 50 11.41 -0.52 -1.03
N GLY A 51 10.27 -0.26 -0.46
CA GLY A 51 9.04 -0.09 -1.29
C GLY A 51 8.53 -1.46 -1.74
N LEU A 52 9.21 -2.50 -1.38
CA LEU A 52 8.75 -3.87 -1.79
C LEU A 52 7.75 -4.41 -0.77
N CYS A 53 7.05 -5.46 -1.13
CA CYS A 53 6.06 -6.06 -0.20
C CYS A 53 6.78 -7.05 0.73
N PRO A 54 6.72 -6.78 2.01
CA PRO A 54 7.36 -7.65 3.02
C PRO A 54 6.49 -8.87 3.31
N ALA A 55 5.43 -9.05 2.55
CA ALA A 55 4.53 -10.21 2.79
C ALA A 55 4.53 -11.12 1.57
N CYS A 56 4.60 -10.58 0.39
CA CYS A 56 4.59 -11.44 -0.84
C CYS A 56 5.71 -11.00 -1.78
N ARG A 57 6.58 -10.14 -1.34
CA ARG A 57 7.70 -9.67 -2.21
C ARG A 57 7.13 -9.17 -3.55
N LYS A 58 6.66 -7.96 -3.57
CA LYS A 58 6.09 -7.39 -4.82
C LYS A 58 6.36 -5.88 -4.82
N PRO A 59 6.65 -5.34 -5.98
CA PRO A 59 6.95 -3.92 -6.14
C PRO A 59 5.66 -3.08 -6.09
N TYR A 60 5.45 -2.37 -5.01
CA TYR A 60 4.22 -1.53 -4.90
C TYR A 60 3.97 -0.82 -6.23
N PRO A 61 2.76 -0.37 -6.43
CA PRO A 61 2.38 0.35 -7.67
C PRO A 61 2.93 1.78 -7.66
N GLU A 62 2.15 2.72 -7.20
CA GLU A 62 2.63 4.14 -7.16
C GLU A 62 3.26 4.51 -8.52
N ASP A 63 2.47 4.55 -9.56
CA ASP A 63 3.02 4.93 -10.89
C ASP A 63 4.03 3.88 -11.36
N PRO A 64 3.63 3.08 -12.31
CA PRO A 64 4.49 2.02 -12.88
C PRO A 64 5.48 2.63 -13.88
N ALA A 65 5.20 3.80 -14.38
CA ALA A 65 6.12 4.44 -15.35
C ALA A 65 6.31 3.51 -16.55
N VAL A 66 5.25 3.23 -17.27
CA VAL A 66 5.36 2.33 -18.44
C VAL A 66 4.63 2.96 -19.63
N TYR A 67 3.95 2.17 -20.42
CA TYR A 67 3.22 2.73 -21.59
C TYR A 67 2.15 3.69 -21.11
N LYS A 68 2.15 4.91 -21.60
CA LYS A 68 1.13 5.89 -21.17
C LYS A 68 1.57 7.29 -21.59
N PRO A 69 2.76 7.67 -21.19
CA PRO A 69 3.34 8.98 -21.51
C PRO A 69 3.86 8.99 -22.95
N LEU A 70 3.34 9.84 -23.79
CA LEU A 70 3.81 9.88 -25.21
C LEU A 70 4.72 11.09 -25.40
N SER A 71 5.79 11.17 -24.66
CA SER A 71 6.71 12.33 -24.81
C SER A 71 8.02 11.85 -25.45
N GLN A 72 8.55 10.75 -24.98
CA GLN A 72 9.81 10.22 -25.57
C GLN A 72 10.89 11.28 -25.52
N GLU A 73 11.09 12.02 -26.58
CA GLU A 73 12.14 13.09 -26.58
C GLU A 73 11.73 14.21 -25.63
N GLU A 74 12.66 14.74 -24.89
CA GLU A 74 12.31 15.84 -23.95
C GLU A 74 13.57 16.28 -23.20
N LEU A 75 14.55 16.79 -23.89
CA LEU A 75 15.80 17.23 -23.22
C LEU A 75 15.49 18.45 -22.33
N GLN A 76 15.65 19.63 -22.85
CA GLN A 76 15.37 20.86 -22.06
C GLN A 76 14.25 21.65 -22.72
N ARG A 77 13.15 21.00 -23.03
CA ARG A 77 12.02 21.73 -23.68
C ARG A 77 12.54 22.47 -24.93
N ILE A 78 13.03 21.74 -25.89
CA ILE A 78 13.54 22.39 -27.13
C ILE A 78 14.34 23.65 -26.77
ZN ZN B . -0.68 1.20 10.39
ZN ZN C . 2.25 -8.17 -1.56
N MET A 1 -17.92 -5.75 21.09
CA MET A 1 -17.94 -7.00 20.27
C MET A 1 -18.98 -7.96 20.84
N SER A 2 -20.23 -7.70 20.60
CA SER A 2 -21.30 -8.60 21.13
C SER A 2 -21.94 -9.37 19.97
N ARG A 3 -21.48 -9.16 18.77
CA ARG A 3 -22.06 -9.89 17.61
C ARG A 3 -23.43 -9.30 17.27
N SER A 4 -23.46 -8.20 16.57
CA SER A 4 -24.76 -7.57 16.21
C SER A 4 -24.53 -6.14 15.73
N PRO A 5 -23.85 -5.37 16.54
CA PRO A 5 -23.54 -3.96 16.23
C PRO A 5 -22.38 -3.87 15.26
N ASP A 6 -22.12 -2.72 14.71
CA ASP A 6 -21.00 -2.57 13.75
C ASP A 6 -20.09 -1.42 14.21
N ALA A 7 -19.76 -1.38 15.47
CA ALA A 7 -18.88 -0.27 15.97
C ALA A 7 -17.42 -0.58 15.60
N LYS A 8 -16.89 -1.68 16.07
CA LYS A 8 -15.48 -2.02 15.74
C LYS A 8 -15.45 -3.32 14.93
N GLU A 9 -16.49 -3.59 14.20
CA GLU A 9 -16.53 -4.84 13.38
C GLU A 9 -17.13 -4.54 12.01
N ASP A 10 -16.31 -4.38 11.01
CA ASP A 10 -16.84 -4.09 9.65
C ASP A 10 -15.69 -3.63 8.73
N PRO A 11 -14.97 -2.63 9.18
CA PRO A 11 -13.83 -2.08 8.42
C PRO A 11 -12.59 -2.96 8.56
N VAL A 12 -11.44 -2.47 8.18
CA VAL A 12 -10.20 -3.28 8.30
C VAL A 12 -9.24 -2.60 9.28
N GLU A 13 -8.31 -3.34 9.83
CA GLU A 13 -7.34 -2.74 10.79
C GLU A 13 -5.92 -3.00 10.29
N CYS A 14 -5.15 -1.96 10.08
CA CYS A 14 -3.75 -2.15 9.59
C CYS A 14 -3.09 -3.32 10.33
N PRO A 15 -2.63 -4.29 9.58
CA PRO A 15 -1.97 -5.48 10.14
C PRO A 15 -0.50 -5.18 10.48
N LEU A 16 -0.10 -3.94 10.47
CA LEU A 16 1.32 -3.62 10.79
C LEU A 16 1.40 -2.70 12.03
N CYS A 17 0.39 -1.91 12.27
CA CYS A 17 0.45 -1.01 13.46
C CYS A 17 -0.87 -1.06 14.22
N MET A 18 -1.84 -1.79 13.72
CA MET A 18 -3.16 -1.91 14.41
C MET A 18 -4.05 -0.69 14.12
N GLU A 19 -3.47 0.40 13.74
CA GLU A 19 -4.27 1.62 13.44
C GLU A 19 -5.52 1.22 12.63
N PRO A 20 -6.63 1.84 12.97
CA PRO A 20 -7.92 1.57 12.29
C PRO A 20 -7.97 2.31 10.94
N LEU A 21 -8.10 1.59 9.87
CA LEU A 21 -8.14 2.23 8.53
C LEU A 21 -9.40 3.09 8.40
N GLU A 22 -9.70 3.55 7.21
CA GLU A 22 -10.91 4.39 7.00
C GLU A 22 -11.70 3.82 5.82
N ILE A 23 -12.42 4.66 5.13
CA ILE A 23 -13.21 4.15 3.96
C ILE A 23 -12.35 4.26 2.69
N ASP A 24 -11.87 5.43 2.38
CA ASP A 24 -11.05 5.60 1.15
C ASP A 24 -9.67 4.99 1.37
N ASP A 25 -9.36 4.59 2.57
CA ASP A 25 -8.03 3.98 2.83
C ASP A 25 -8.11 2.46 2.72
N ILE A 26 -9.29 1.94 2.55
CA ILE A 26 -9.44 0.45 2.43
C ILE A 26 -8.96 0.02 1.05
N ASN A 27 -9.23 0.79 0.04
CA ASN A 27 -8.79 0.41 -1.34
C ASN A 27 -7.40 1.00 -1.60
N PHE A 28 -6.62 1.18 -0.58
CA PHE A 28 -5.26 1.76 -0.77
C PHE A 28 -4.21 0.76 -0.27
N PHE A 29 -3.70 -0.06 -1.14
CA PHE A 29 -2.67 -1.04 -0.71
C PHE A 29 -1.35 -0.76 -1.44
N PRO A 30 -0.27 -0.95 -0.73
CA PRO A 30 1.08 -0.71 -1.29
C PRO A 30 1.47 -1.90 -2.17
N CYS A 31 0.68 -2.92 -2.20
CA CYS A 31 1.01 -4.11 -3.05
C CYS A 31 -0.27 -4.66 -3.66
N THR A 32 -0.15 -5.50 -4.66
CA THR A 32 -1.37 -6.07 -5.31
C THR A 32 -1.78 -7.36 -4.60
N CYS A 33 -0.89 -7.98 -3.88
CA CYS A 33 -1.25 -9.25 -3.18
C CYS A 33 -2.49 -9.00 -2.31
N GLY A 34 -2.62 -7.82 -1.76
CA GLY A 34 -3.81 -7.53 -0.92
C GLY A 34 -3.38 -7.21 0.52
N TYR A 35 -2.16 -6.78 0.70
CA TYR A 35 -1.69 -6.45 2.08
C TYR A 35 -2.06 -4.99 2.38
N GLN A 36 -3.28 -4.62 2.08
CA GLN A 36 -3.73 -3.22 2.31
C GLN A 36 -3.42 -2.82 3.76
N ILE A 37 -2.78 -1.70 3.95
CA ILE A 37 -2.46 -1.25 5.33
C ILE A 37 -2.83 0.23 5.48
N CYS A 38 -2.57 0.80 6.62
CA CYS A 38 -2.91 2.22 6.83
C CYS A 38 -1.98 3.09 5.98
N ARG A 39 -2.24 4.37 5.93
CA ARG A 39 -1.37 5.26 5.10
C ARG A 39 -0.13 5.67 5.90
N PHE A 40 -0.15 5.51 7.19
CA PHE A 40 1.04 5.89 8.00
C PHE A 40 2.08 4.77 7.96
N CYS A 41 1.70 3.62 7.49
CA CYS A 41 2.69 2.49 7.40
C CYS A 41 3.37 2.52 6.03
N TRP A 42 2.71 3.07 5.04
CA TRP A 42 3.32 3.15 3.69
C TRP A 42 4.22 4.38 3.61
N HIS A 43 3.87 5.42 4.31
CA HIS A 43 4.70 6.66 4.28
C HIS A 43 6.04 6.37 4.97
N ARG A 44 6.16 5.25 5.64
CA ARG A 44 7.42 4.93 6.33
C ARG A 44 8.15 3.81 5.58
N ILE A 45 7.44 3.02 4.82
CA ILE A 45 8.08 1.92 4.07
C ILE A 45 8.69 2.46 2.76
N ARG A 46 8.00 3.35 2.10
CA ARG A 46 8.53 3.91 0.82
C ARG A 46 9.48 5.07 1.11
N THR A 47 9.80 5.30 2.36
CA THR A 47 10.71 6.43 2.68
C THR A 47 11.87 5.94 3.57
N ASP A 48 11.64 4.91 4.35
CA ASP A 48 12.72 4.39 5.23
C ASP A 48 12.91 2.90 4.98
N GLU A 49 12.50 2.42 3.83
CA GLU A 49 12.67 0.97 3.53
C GLU A 49 12.95 0.79 2.04
N ASN A 50 12.67 -0.37 1.50
CA ASN A 50 12.92 -0.60 0.05
C ASN A 50 11.60 -0.44 -0.73
N GLY A 51 10.57 0.01 -0.08
CA GLY A 51 9.27 0.20 -0.79
C GLY A 51 8.78 -1.16 -1.30
N LEU A 52 9.18 -2.23 -0.67
CA LEU A 52 8.73 -3.57 -1.12
C LEU A 52 7.56 -4.05 -0.24
N CYS A 53 6.99 -5.18 -0.57
CA CYS A 53 5.85 -5.71 0.23
C CYS A 53 6.39 -6.60 1.35
N PRO A 54 6.13 -6.23 2.58
CA PRO A 54 6.56 -6.99 3.76
C PRO A 54 5.60 -8.15 4.01
N ALA A 55 4.72 -8.43 3.09
CA ALA A 55 3.74 -9.55 3.29
C ALA A 55 3.93 -10.61 2.20
N CYS A 56 4.33 -10.22 1.02
CA CYS A 56 4.50 -11.23 -0.07
C CYS A 56 5.77 -10.93 -0.87
N ARG A 57 6.55 -9.97 -0.45
CA ARG A 57 7.79 -9.64 -1.20
C ARG A 57 7.43 -9.24 -2.64
N LYS A 58 7.06 -8.00 -2.84
CA LYS A 58 6.69 -7.52 -4.20
C LYS A 58 6.87 -6.01 -4.26
N PRO A 59 7.19 -5.51 -5.42
CA PRO A 59 7.41 -4.06 -5.61
C PRO A 59 6.08 -3.31 -5.63
N TYR A 60 5.95 -2.32 -4.79
CA TYR A 60 4.68 -1.53 -4.74
C TYR A 60 4.28 -1.09 -6.15
N PRO A 61 3.03 -1.33 -6.50
CA PRO A 61 2.50 -0.94 -7.82
C PRO A 61 2.14 0.54 -7.82
N GLU A 62 1.50 1.00 -8.85
CA GLU A 62 1.12 2.45 -8.92
C GLU A 62 2.39 3.30 -8.88
N ASP A 63 2.40 4.38 -9.61
CA ASP A 63 3.61 5.27 -9.63
C ASP A 63 3.30 6.52 -10.46
N PRO A 64 2.89 7.56 -9.77
CA PRO A 64 2.55 8.85 -10.42
C PRO A 64 3.83 9.61 -10.76
N ALA A 65 4.96 9.10 -10.38
CA ALA A 65 6.24 9.80 -10.68
C ALA A 65 6.32 10.07 -12.19
N VAL A 66 6.71 9.09 -12.95
CA VAL A 66 6.83 9.29 -14.42
C VAL A 66 7.38 8.02 -15.06
N TYR A 67 8.35 7.41 -14.43
CA TYR A 67 8.95 6.16 -15.00
C TYR A 67 9.41 6.43 -16.44
N LYS A 68 10.54 7.05 -16.61
CA LYS A 68 11.04 7.34 -17.98
C LYS A 68 11.84 6.13 -18.47
N PRO A 69 11.45 5.59 -19.60
CA PRO A 69 12.13 4.42 -20.20
C PRO A 69 13.42 4.85 -20.90
N LEU A 70 14.24 3.91 -21.27
CA LEU A 70 15.52 4.26 -21.95
C LEU A 70 15.49 3.73 -23.38
N SER A 71 14.50 4.09 -24.15
CA SER A 71 14.43 3.60 -25.55
C SER A 71 13.85 4.69 -26.46
N GLN A 72 14.69 5.48 -27.07
CA GLN A 72 14.20 6.55 -27.96
C GLN A 72 14.21 6.05 -29.41
N GLU A 73 13.42 5.05 -29.70
CA GLU A 73 13.40 4.51 -31.10
C GLU A 73 12.08 4.91 -31.77
N GLU A 74 10.99 4.87 -31.05
CA GLU A 74 9.68 5.25 -31.66
C GLU A 74 9.12 6.47 -30.93
N LEU A 75 8.00 6.98 -31.38
CA LEU A 75 7.41 8.18 -30.72
C LEU A 75 8.51 9.20 -30.43
N GLN A 76 9.25 9.58 -31.43
CA GLN A 76 10.34 10.57 -31.21
C GLN A 76 9.73 11.95 -30.93
N ARG A 77 8.53 12.18 -31.39
CA ARG A 77 7.89 13.50 -31.13
C ARG A 77 7.65 13.68 -29.63
N ILE A 78 6.81 12.87 -29.06
CA ILE A 78 6.54 12.99 -27.60
C ILE A 78 6.66 11.62 -26.94
ZN ZN B . -0.27 0.89 9.86
ZN ZN C . 2.39 -8.06 -1.52
N MET A 1 -15.11 -7.26 28.52
CA MET A 1 -14.54 -6.32 29.53
C MET A 1 -15.14 -4.92 29.32
N SER A 2 -14.82 -4.30 28.22
CA SER A 2 -15.36 -2.92 27.97
C SER A 2 -16.50 -3.02 26.96
N ARG A 3 -17.57 -2.29 27.19
CA ARG A 3 -18.71 -2.33 26.25
C ARG A 3 -19.24 -3.76 26.13
N SER A 4 -20.44 -4.01 26.58
CA SER A 4 -21.01 -5.39 26.49
C SER A 4 -20.71 -5.97 25.10
N PRO A 5 -21.08 -5.23 24.08
CA PRO A 5 -20.86 -5.65 22.69
C PRO A 5 -19.41 -5.44 22.28
N ASP A 6 -18.82 -6.40 21.62
CA ASP A 6 -17.40 -6.26 21.20
C ASP A 6 -17.16 -7.05 19.91
N ALA A 7 -16.60 -6.42 18.91
CA ALA A 7 -16.34 -7.14 17.63
C ALA A 7 -17.66 -7.38 16.89
N LYS A 8 -17.77 -6.92 15.69
CA LYS A 8 -19.04 -7.13 14.93
C LYS A 8 -18.70 -7.59 13.50
N GLU A 9 -17.44 -7.79 13.22
CA GLU A 9 -17.04 -8.25 11.85
C GLU A 9 -17.59 -7.26 10.80
N ASP A 10 -16.72 -6.50 10.20
CA ASP A 10 -17.17 -5.52 9.16
C ASP A 10 -16.09 -4.47 8.95
N PRO A 11 -15.66 -3.85 10.02
CA PRO A 11 -14.63 -2.80 9.97
C PRO A 11 -13.23 -3.43 9.86
N VAL A 12 -12.30 -2.70 9.31
CA VAL A 12 -10.92 -3.24 9.17
C VAL A 12 -9.96 -2.38 9.99
N GLU A 13 -8.80 -2.90 10.31
CA GLU A 13 -7.83 -2.11 11.11
C GLU A 13 -6.40 -2.51 10.74
N CYS A 14 -5.58 -1.56 10.40
CA CYS A 14 -4.17 -1.88 10.02
C CYS A 14 -3.58 -2.84 11.07
N PRO A 15 -3.42 -4.08 10.71
CA PRO A 15 -2.86 -5.11 11.60
C PRO A 15 -1.34 -5.01 11.65
N LEU A 16 -0.75 -4.33 10.70
CA LEU A 16 0.74 -4.18 10.68
C LEU A 16 1.18 -3.13 11.69
N CYS A 17 0.35 -2.16 11.97
CA CYS A 17 0.73 -1.11 12.96
C CYS A 17 -0.42 -0.91 13.94
N MET A 18 -1.45 -1.70 13.81
CA MET A 18 -2.61 -1.55 14.73
C MET A 18 -3.20 -0.14 14.58
N GLU A 19 -4.05 0.05 13.60
CA GLU A 19 -4.65 1.40 13.40
C GLU A 19 -6.04 1.25 12.78
N PRO A 20 -6.81 2.31 12.86
CA PRO A 20 -8.18 2.34 12.31
C PRO A 20 -8.17 2.55 10.81
N LEU A 21 -8.72 1.63 10.05
CA LEU A 21 -8.74 1.78 8.58
C LEU A 21 -10.03 2.50 8.16
N GLU A 22 -9.92 3.54 7.37
CA GLU A 22 -11.13 4.28 6.94
C GLU A 22 -11.66 3.68 5.63
N ILE A 23 -12.40 4.43 4.88
CA ILE A 23 -12.94 3.90 3.59
C ILE A 23 -11.90 4.08 2.48
N ASP A 24 -11.29 5.24 2.40
CA ASP A 24 -10.28 5.47 1.32
C ASP A 24 -8.93 4.90 1.76
N ASP A 25 -8.89 4.13 2.80
CA ASP A 25 -7.61 3.55 3.27
C ASP A 25 -7.63 2.03 3.05
N ILE A 26 -8.75 1.49 2.69
CA ILE A 26 -8.83 0.01 2.47
C ILE A 26 -8.29 -0.33 1.08
N ASN A 27 -9.07 -0.10 0.05
CA ASN A 27 -8.61 -0.42 -1.33
C ASN A 27 -7.22 0.16 -1.55
N PHE A 28 -6.84 1.15 -0.79
CA PHE A 28 -5.49 1.75 -0.96
C PHE A 28 -4.42 0.80 -0.45
N PHE A 29 -3.90 -0.05 -1.29
CA PHE A 29 -2.84 -1.00 -0.84
C PHE A 29 -1.56 -0.73 -1.62
N PRO A 30 -0.45 -0.82 -0.95
CA PRO A 30 0.86 -0.60 -1.56
C PRO A 30 1.28 -1.82 -2.38
N CYS A 31 0.44 -2.83 -2.42
CA CYS A 31 0.79 -4.06 -3.20
C CYS A 31 -0.48 -4.64 -3.82
N THR A 32 -0.35 -5.45 -4.82
CA THR A 32 -1.55 -6.05 -5.48
C THR A 32 -1.92 -7.37 -4.79
N CYS A 33 -1.03 -7.92 -4.00
CA CYS A 33 -1.35 -9.21 -3.32
C CYS A 33 -2.58 -9.02 -2.44
N GLY A 34 -2.73 -7.86 -1.84
CA GLY A 34 -3.91 -7.62 -0.97
C GLY A 34 -3.47 -7.30 0.46
N TYR A 35 -2.22 -6.95 0.64
CA TYR A 35 -1.74 -6.62 2.01
C TYR A 35 -1.97 -5.13 2.27
N GLN A 36 -3.10 -4.63 1.86
CA GLN A 36 -3.40 -3.17 2.07
C GLN A 36 -2.92 -2.75 3.46
N ILE A 37 -2.78 -1.47 3.68
CA ILE A 37 -2.32 -0.99 5.01
C ILE A 37 -2.81 0.43 5.23
N CYS A 38 -2.35 1.07 6.27
CA CYS A 38 -2.79 2.47 6.53
C CYS A 38 -1.84 3.44 5.84
N ARG A 39 -2.16 4.70 5.80
CA ARG A 39 -1.27 5.69 5.13
C ARG A 39 -0.04 5.94 6.00
N PHE A 40 -0.10 5.60 7.25
CA PHE A 40 1.07 5.81 8.15
C PHE A 40 2.06 4.66 7.98
N CYS A 41 1.63 3.58 7.38
CA CYS A 41 2.54 2.43 7.17
C CYS A 41 3.27 2.58 5.83
N TRP A 42 2.59 3.14 4.86
CA TRP A 42 3.23 3.33 3.52
C TRP A 42 4.14 4.56 3.56
N HIS A 43 3.96 5.41 4.53
CA HIS A 43 4.83 6.63 4.62
C HIS A 43 6.14 6.27 5.32
N ARG A 44 6.32 5.02 5.67
CA ARG A 44 7.59 4.63 6.36
C ARG A 44 8.30 3.55 5.56
N ILE A 45 7.57 2.77 4.81
CA ILE A 45 8.21 1.70 3.99
C ILE A 45 8.86 2.31 2.76
N ARG A 46 8.17 3.19 2.07
CA ARG A 46 8.76 3.82 0.86
C ARG A 46 9.51 5.10 1.24
N THR A 47 9.98 5.18 2.46
CA THR A 47 10.72 6.39 2.89
C THR A 47 12.09 5.98 3.46
N ASP A 48 12.09 5.27 4.56
CA ASP A 48 13.38 4.84 5.16
C ASP A 48 13.70 3.41 4.74
N GLU A 49 12.80 2.77 4.02
CA GLU A 49 13.05 1.37 3.58
C GLU A 49 13.25 1.34 2.07
N ASN A 50 12.88 0.26 1.43
CA ASN A 50 13.04 0.17 -0.05
C ASN A 50 11.69 0.37 -0.73
N GLY A 51 10.63 -0.09 -0.10
CA GLY A 51 9.28 0.08 -0.72
C GLY A 51 8.80 -1.27 -1.25
N LEU A 52 9.23 -2.34 -0.66
CA LEU A 52 8.79 -3.69 -1.13
C LEU A 52 7.62 -4.17 -0.29
N CYS A 53 7.04 -5.28 -0.65
CA CYS A 53 5.88 -5.81 0.14
C CYS A 53 6.38 -6.76 1.23
N PRO A 54 6.10 -6.42 2.46
CA PRO A 54 6.51 -7.24 3.63
C PRO A 54 5.54 -8.41 3.84
N ALA A 55 4.79 -8.78 2.84
CA ALA A 55 3.83 -9.91 3.00
C ALA A 55 3.95 -10.89 1.83
N CYS A 56 4.30 -10.41 0.66
CA CYS A 56 4.41 -11.33 -0.50
C CYS A 56 5.68 -11.01 -1.31
N ARG A 57 6.52 -10.15 -0.81
CA ARG A 57 7.76 -9.80 -1.55
C ARG A 57 7.39 -9.28 -2.95
N LYS A 58 7.09 -8.02 -3.05
CA LYS A 58 6.72 -7.45 -4.39
C LYS A 58 6.91 -5.93 -4.35
N PRO A 59 7.30 -5.37 -5.46
CA PRO A 59 7.53 -3.93 -5.57
C PRO A 59 6.20 -3.16 -5.63
N TYR A 60 5.95 -2.32 -4.66
CA TYR A 60 4.68 -1.55 -4.65
C TYR A 60 4.40 -1.02 -6.05
N PRO A 61 3.19 -1.20 -6.52
CA PRO A 61 2.77 -0.74 -7.84
C PRO A 61 2.40 0.75 -7.79
N GLU A 62 3.18 1.55 -7.11
CA GLU A 62 2.86 3.01 -7.02
C GLU A 62 3.12 3.67 -8.37
N ASP A 63 2.76 4.92 -8.50
CA ASP A 63 2.98 5.64 -9.79
C ASP A 63 2.08 5.05 -10.88
N PRO A 64 0.79 5.16 -10.67
CA PRO A 64 -0.22 4.65 -11.63
C PRO A 64 -0.37 5.61 -12.81
N ALA A 65 0.14 6.81 -12.67
CA ALA A 65 0.01 7.80 -13.78
C ALA A 65 0.58 7.20 -15.06
N VAL A 66 1.54 6.32 -14.95
CA VAL A 66 2.14 5.69 -16.16
C VAL A 66 2.34 4.20 -15.91
N TYR A 67 3.12 3.86 -14.93
CA TYR A 67 3.36 2.42 -14.63
C TYR A 67 4.12 1.77 -15.78
N LYS A 68 4.75 0.65 -15.55
CA LYS A 68 5.50 -0.03 -16.63
C LYS A 68 4.88 -1.40 -16.90
N PRO A 69 4.17 -1.50 -18.00
CA PRO A 69 3.51 -2.76 -18.40
C PRO A 69 4.52 -3.74 -19.00
N LEU A 70 5.75 -3.32 -19.14
CA LEU A 70 6.78 -4.23 -19.71
C LEU A 70 6.27 -4.84 -21.02
N SER A 71 5.85 -4.02 -21.94
CA SER A 71 5.34 -4.55 -23.24
C SER A 71 6.13 -3.93 -24.39
N GLN A 72 6.42 -4.70 -25.40
CA GLN A 72 7.19 -4.15 -26.56
C GLN A 72 6.54 -2.85 -27.04
N GLU A 73 5.41 -2.93 -27.66
CA GLU A 73 4.73 -1.70 -28.15
C GLU A 73 3.39 -2.07 -28.80
N GLU A 74 2.96 -1.30 -29.76
CA GLU A 74 1.65 -1.60 -30.42
C GLU A 74 1.91 -2.09 -31.86
N LEU A 75 3.01 -1.70 -32.43
CA LEU A 75 3.31 -2.13 -33.83
C LEU A 75 2.29 -1.55 -34.78
N GLN A 76 2.72 -1.14 -35.94
CA GLN A 76 1.76 -0.55 -36.94
C GLN A 76 2.44 -0.48 -38.31
N ARG A 77 3.60 0.13 -38.37
CA ARG A 77 4.31 0.24 -39.67
C ARG A 77 5.78 0.55 -39.42
N ILE A 78 6.65 0.19 -40.33
CA ILE A 78 8.10 0.47 -40.14
C ILE A 78 8.74 0.81 -41.49
ZN ZN B . -0.51 0.87 9.50
ZN ZN C . 2.32 -7.99 -1.67
N MET A 1 -27.16 -12.04 22.39
CA MET A 1 -25.68 -11.93 22.41
C MET A 1 -25.11 -12.98 23.36
N SER A 2 -25.44 -14.23 23.16
CA SER A 2 -24.92 -15.30 24.07
C SER A 2 -23.62 -15.87 23.49
N ARG A 3 -22.88 -15.06 22.77
CA ARG A 3 -21.60 -15.55 22.17
C ARG A 3 -21.91 -16.68 21.19
N SER A 4 -23.14 -16.81 20.77
CA SER A 4 -23.50 -17.89 19.81
C SER A 4 -23.02 -17.51 18.40
N PRO A 5 -23.43 -16.34 17.97
CA PRO A 5 -23.06 -15.84 16.62
C PRO A 5 -21.63 -15.30 16.62
N ASP A 6 -20.72 -16.01 16.01
CA ASP A 6 -19.30 -15.54 15.96
C ASP A 6 -19.20 -14.32 15.05
N ALA A 7 -19.17 -14.54 13.75
CA ALA A 7 -19.07 -13.40 12.80
C ALA A 7 -17.87 -12.53 13.19
N LYS A 8 -16.71 -12.84 12.69
CA LYS A 8 -15.51 -12.02 13.03
C LYS A 8 -14.30 -12.54 12.26
N GLU A 9 -14.32 -12.43 10.96
CA GLU A 9 -13.17 -12.92 10.15
C GLU A 9 -12.85 -11.91 9.05
N ASP A 10 -12.97 -10.64 9.33
CA ASP A 10 -12.67 -9.61 8.30
C ASP A 10 -12.14 -8.35 8.97
N PRO A 11 -10.97 -8.46 9.53
CA PRO A 11 -10.31 -7.34 10.23
C PRO A 11 -9.69 -6.37 9.21
N VAL A 12 -10.28 -5.22 9.04
CA VAL A 12 -9.73 -4.23 8.07
C VAL A 12 -8.82 -3.25 8.81
N GLU A 13 -7.81 -3.74 9.48
CA GLU A 13 -6.90 -2.83 10.22
C GLU A 13 -5.46 -3.05 9.73
N CYS A 14 -4.72 -1.99 9.54
CA CYS A 14 -3.32 -2.13 9.07
C CYS A 14 -2.60 -3.18 9.92
N PRO A 15 -2.19 -4.26 9.29
CA PRO A 15 -1.50 -5.37 9.97
C PRO A 15 -0.02 -5.04 10.20
N LEU A 16 0.37 -3.81 9.98
CA LEU A 16 1.80 -3.44 10.19
C LEU A 16 1.93 -2.52 11.40
N CYS A 17 0.90 -1.79 11.72
CA CYS A 17 0.97 -0.86 12.89
C CYS A 17 -0.28 -1.02 13.75
N MET A 18 -1.18 -1.88 13.34
CA MET A 18 -2.43 -2.11 14.13
C MET A 18 -3.47 -1.01 13.84
N GLU A 19 -3.04 0.18 13.54
CA GLU A 19 -4.02 1.27 13.26
C GLU A 19 -5.06 0.75 12.25
N PRO A 20 -6.30 1.04 12.52
CA PRO A 20 -7.41 0.60 11.65
C PRO A 20 -7.48 1.46 10.38
N LEU A 21 -8.17 1.00 9.38
CA LEU A 21 -8.29 1.79 8.12
C LEU A 21 -9.51 2.71 8.20
N GLU A 22 -9.89 3.30 7.10
CA GLU A 22 -11.07 4.20 7.10
C GLU A 22 -12.04 3.76 5.99
N ILE A 23 -12.84 4.66 5.51
CA ILE A 23 -13.81 4.27 4.43
C ILE A 23 -13.15 4.46 3.06
N ASP A 24 -12.63 5.62 2.79
CA ASP A 24 -11.98 5.86 1.46
C ASP A 24 -10.54 5.35 1.47
N ASP A 25 -10.10 4.77 2.55
CA ASP A 25 -8.70 4.25 2.59
C ASP A 25 -8.71 2.73 2.35
N ILE A 26 -9.81 2.10 2.62
CA ILE A 26 -9.88 0.62 2.41
C ILE A 26 -9.38 0.27 1.00
N ASN A 27 -9.44 1.20 0.09
CA ASN A 27 -8.97 0.92 -1.29
C ASN A 27 -7.56 1.48 -1.46
N PHE A 28 -6.73 1.34 -0.47
CA PHE A 28 -5.34 1.88 -0.58
C PHE A 28 -4.35 0.80 -0.12
N PHE A 29 -3.71 0.15 -1.05
CA PHE A 29 -2.73 -0.92 -0.67
C PHE A 29 -1.42 -0.68 -1.42
N PRO A 30 -0.32 -0.89 -0.73
CA PRO A 30 1.01 -0.72 -1.31
C PRO A 30 1.36 -1.92 -2.19
N CYS A 31 0.61 -2.99 -2.08
CA CYS A 31 0.89 -4.19 -2.91
C CYS A 31 -0.40 -4.64 -3.60
N THR A 32 -0.29 -5.34 -4.70
CA THR A 32 -1.52 -5.81 -5.40
C THR A 32 -2.06 -7.08 -4.76
N CYS A 33 -1.20 -7.90 -4.21
CA CYS A 33 -1.70 -9.16 -3.57
C CYS A 33 -2.91 -8.83 -2.69
N GLY A 34 -2.92 -7.69 -2.06
CA GLY A 34 -4.09 -7.33 -1.22
C GLY A 34 -3.65 -7.09 0.23
N TYR A 35 -2.40 -6.79 0.47
CA TYR A 35 -1.96 -6.54 1.87
C TYR A 35 -2.18 -5.06 2.20
N GLN A 36 -3.36 -4.58 1.89
CA GLN A 36 -3.68 -3.14 2.17
C GLN A 36 -3.21 -2.75 3.56
N ILE A 37 -2.85 -1.50 3.73
CA ILE A 37 -2.38 -1.04 5.07
C ILE A 37 -2.80 0.42 5.26
N CYS A 38 -2.25 1.08 6.24
CA CYS A 38 -2.61 2.50 6.48
C CYS A 38 -1.65 3.40 5.69
N ARG A 39 -2.05 4.61 5.38
CA ARG A 39 -1.16 5.51 4.61
C ARG A 39 0.02 5.96 5.48
N PHE A 40 -0.01 5.65 6.74
CA PHE A 40 1.12 6.06 7.63
C PHE A 40 2.22 5.01 7.59
N CYS A 41 1.90 3.82 7.14
CA CYS A 41 2.92 2.73 7.08
C CYS A 41 3.60 2.75 5.71
N TRP A 42 2.93 3.28 4.71
CA TRP A 42 3.54 3.31 3.35
C TRP A 42 4.40 4.57 3.19
N HIS A 43 4.19 5.56 4.02
CA HIS A 43 5.00 6.81 3.90
C HIS A 43 6.33 6.63 4.64
N ARG A 44 6.37 5.74 5.59
CA ARG A 44 7.64 5.53 6.36
C ARG A 44 8.48 4.46 5.66
N ILE A 45 7.86 3.45 5.13
CA ILE A 45 8.62 2.36 4.45
C ILE A 45 9.35 2.92 3.23
N ARG A 46 8.71 3.77 2.47
CA ARG A 46 9.36 4.34 1.26
C ARG A 46 10.14 5.60 1.64
N THR A 47 10.47 5.75 2.89
CA THR A 47 11.23 6.95 3.32
C THR A 47 12.54 6.51 4.00
N ASP A 48 12.49 5.50 4.82
CA ASP A 48 13.72 5.02 5.50
C ASP A 48 14.15 3.68 4.88
N GLU A 49 13.35 3.13 4.02
CA GLU A 49 13.71 1.83 3.38
C GLU A 49 12.93 1.69 2.06
N ASN A 50 12.58 0.50 1.70
CA ASN A 50 11.82 0.30 0.43
C ASN A 50 10.42 -0.19 0.76
N GLY A 51 9.42 0.29 0.04
CA GLY A 51 8.02 -0.15 0.32
C GLY A 51 7.77 -1.52 -0.30
N LEU A 52 8.30 -2.55 0.29
CA LEU A 52 8.07 -3.91 -0.26
C LEU A 52 6.86 -4.51 0.47
N CYS A 53 6.37 -5.62 -0.01
CA CYS A 53 5.20 -6.25 0.67
C CYS A 53 5.69 -7.24 1.72
N PRO A 54 5.38 -6.95 2.96
CA PRO A 54 5.76 -7.81 4.09
C PRO A 54 4.80 -9.01 4.18
N ALA A 55 3.90 -9.11 3.25
CA ALA A 55 2.93 -10.25 3.27
C ALA A 55 3.21 -11.20 2.11
N CYS A 56 3.72 -10.70 1.01
CA CYS A 56 4.00 -11.59 -0.14
C CYS A 56 5.33 -11.17 -0.80
N ARG A 57 6.15 -10.45 -0.08
CA ARG A 57 7.46 -10.00 -0.65
C ARG A 57 7.29 -9.56 -2.11
N LYS A 58 6.92 -8.34 -2.33
CA LYS A 58 6.75 -7.84 -3.73
C LYS A 58 6.84 -6.32 -3.72
N PRO A 59 7.35 -5.77 -4.79
CA PRO A 59 7.52 -4.31 -4.92
C PRO A 59 6.18 -3.63 -5.20
N TYR A 60 5.78 -2.73 -4.33
CA TYR A 60 4.48 -2.02 -4.53
C TYR A 60 4.32 -1.65 -6.00
N PRO A 61 3.09 -1.39 -6.39
CA PRO A 61 2.75 -1.03 -7.78
C PRO A 61 3.15 0.43 -8.05
N GLU A 62 3.28 0.78 -9.30
CA GLU A 62 3.66 2.19 -9.65
C GLU A 62 2.49 3.13 -9.35
N ASP A 63 1.51 3.17 -10.22
CA ASP A 63 0.35 4.06 -9.99
C ASP A 63 0.80 5.52 -10.02
N PRO A 64 1.31 5.93 -11.15
CA PRO A 64 1.80 7.31 -11.35
C PRO A 64 0.63 8.26 -11.58
N ALA A 65 -0.38 7.84 -12.29
CA ALA A 65 -1.54 8.72 -12.55
C ALA A 65 -1.19 9.71 -13.67
N VAL A 66 -1.75 9.54 -14.83
CA VAL A 66 -1.43 10.46 -15.96
C VAL A 66 -1.62 11.92 -15.51
N TYR A 67 -2.76 12.49 -15.76
CA TYR A 67 -3.00 13.91 -15.35
C TYR A 67 -1.99 14.80 -16.07
N LYS A 68 -2.40 15.43 -17.13
CA LYS A 68 -1.45 16.32 -17.88
C LYS A 68 -1.94 17.77 -17.82
N PRO A 69 -1.49 18.47 -16.81
CA PRO A 69 -1.85 19.88 -16.60
C PRO A 69 -1.03 20.78 -17.53
N LEU A 70 0.23 20.97 -17.21
CA LEU A 70 1.09 21.82 -18.07
C LEU A 70 2.12 20.95 -18.79
N SER A 71 2.70 21.45 -19.86
CA SER A 71 3.71 20.64 -20.59
C SER A 71 4.68 20.01 -19.59
N GLN A 72 5.46 19.06 -20.03
CA GLN A 72 6.44 18.41 -19.10
C GLN A 72 7.14 19.49 -18.26
N GLU A 73 7.57 19.14 -17.08
CA GLU A 73 8.27 20.15 -16.22
C GLU A 73 8.88 19.43 -15.01
N GLU A 74 10.15 19.13 -15.06
CA GLU A 74 10.80 18.45 -13.91
C GLU A 74 11.96 19.29 -13.40
N LEU A 75 11.91 20.57 -13.57
CA LEU A 75 13.02 21.44 -13.09
C LEU A 75 12.49 22.44 -12.05
N GLN A 76 11.25 22.82 -12.17
CA GLN A 76 10.68 23.78 -11.18
C GLN A 76 9.27 23.33 -10.78
N ARG A 77 8.89 23.56 -9.55
CA ARG A 77 7.53 23.15 -9.11
C ARG A 77 6.48 24.01 -9.81
N ILE A 78 5.26 23.55 -9.86
CA ILE A 78 4.20 24.34 -10.54
C ILE A 78 4.66 24.73 -11.95
ZN ZN B . -0.04 1.05 9.44
ZN ZN C . 1.89 -8.36 -1.54
N MET A 1 -35.92 -2.40 7.03
CA MET A 1 -34.76 -1.48 7.15
C MET A 1 -34.19 -1.55 8.56
N SER A 2 -33.02 -1.00 8.78
CA SER A 2 -32.42 -1.04 10.14
C SER A 2 -31.23 -0.09 10.19
N ARG A 3 -30.30 -0.34 11.10
CA ARG A 3 -29.11 0.54 11.19
C ARG A 3 -27.87 -0.24 10.76
N SER A 4 -27.27 0.14 9.67
CA SER A 4 -26.05 -0.58 9.19
C SER A 4 -25.08 -0.77 10.36
N PRO A 5 -24.49 -1.94 10.44
CA PRO A 5 -23.52 -2.27 11.50
C PRO A 5 -22.16 -1.66 11.19
N ASP A 6 -21.37 -2.31 10.37
CA ASP A 6 -20.03 -1.77 10.03
C ASP A 6 -19.82 -1.84 8.51
N ALA A 7 -20.07 -0.76 7.83
CA ALA A 7 -19.88 -0.76 6.35
C ALA A 7 -20.52 -2.02 5.75
N LYS A 8 -19.97 -2.53 4.69
CA LYS A 8 -20.55 -3.75 4.05
C LYS A 8 -19.92 -5.00 4.67
N GLU A 9 -18.79 -4.85 5.32
CA GLU A 9 -18.13 -6.04 5.93
C GLU A 9 -17.41 -5.61 7.21
N ASP A 10 -16.81 -6.54 7.91
CA ASP A 10 -16.08 -6.19 9.15
C ASP A 10 -15.11 -5.04 8.88
N PRO A 11 -14.71 -4.37 9.94
CA PRO A 11 -13.78 -3.23 9.85
C PRO A 11 -12.35 -3.74 9.69
N VAL A 12 -11.66 -3.33 8.66
CA VAL A 12 -10.26 -3.79 8.46
C VAL A 12 -9.30 -2.91 9.25
N GLU A 13 -8.20 -3.46 9.68
CA GLU A 13 -7.21 -2.64 10.44
C GLU A 13 -5.85 -2.72 9.77
N CYS A 14 -4.90 -1.93 10.20
CA CYS A 14 -3.55 -1.97 9.58
C CYS A 14 -2.71 -3.07 10.24
N PRO A 15 -2.34 -4.06 9.46
CA PRO A 15 -1.52 -5.17 9.95
C PRO A 15 -0.05 -4.76 10.01
N LEU A 16 0.23 -3.51 9.78
CA LEU A 16 1.64 -3.03 9.82
C LEU A 16 1.89 -2.24 11.11
N CYS A 17 0.94 -1.45 11.53
CA CYS A 17 1.13 -0.64 12.78
C CYS A 17 -0.04 -0.87 13.72
N MET A 18 -1.14 -1.36 13.21
CA MET A 18 -2.34 -1.62 14.06
C MET A 18 -3.14 -0.32 14.21
N GLU A 19 -4.25 -0.23 13.53
CA GLU A 19 -5.09 1.00 13.62
C GLU A 19 -6.37 0.80 12.80
N PRO A 20 -7.36 1.61 13.07
CA PRO A 20 -8.65 1.53 12.36
C PRO A 20 -8.53 2.15 10.96
N LEU A 21 -8.65 1.35 9.94
CA LEU A 21 -8.54 1.88 8.55
C LEU A 21 -9.76 2.72 8.22
N GLU A 22 -9.91 3.12 6.99
CA GLU A 22 -11.08 3.95 6.59
C GLU A 22 -11.53 3.57 5.18
N ILE A 23 -12.03 4.52 4.44
CA ILE A 23 -12.49 4.22 3.05
C ILE A 23 -11.29 4.35 2.09
N ASP A 24 -10.58 5.43 2.15
CA ASP A 24 -9.42 5.59 1.24
C ASP A 24 -8.17 4.94 1.85
N ASP A 25 -8.35 4.08 2.81
CA ASP A 25 -7.17 3.41 3.44
C ASP A 25 -7.30 1.89 3.27
N ILE A 26 -8.50 1.38 3.29
CA ILE A 26 -8.68 -0.08 3.12
C ILE A 26 -8.28 -0.48 1.70
N ASN A 27 -9.09 -0.19 0.73
CA ASN A 27 -8.74 -0.54 -0.67
C ASN A 27 -7.37 0.04 -1.01
N PHE A 28 -6.93 1.01 -0.26
CA PHE A 28 -5.59 1.61 -0.52
C PHE A 28 -4.50 0.67 -0.03
N PHE A 29 -3.98 -0.15 -0.90
CA PHE A 29 -2.90 -1.10 -0.48
C PHE A 29 -1.61 -0.75 -1.21
N PRO A 30 -0.51 -0.95 -0.55
CA PRO A 30 0.82 -0.68 -1.12
C PRO A 30 1.21 -1.80 -2.08
N CYS A 31 0.44 -2.85 -2.13
CA CYS A 31 0.78 -3.98 -3.04
C CYS A 31 -0.49 -4.51 -3.72
N THR A 32 -0.35 -5.14 -4.85
CA THR A 32 -1.54 -5.66 -5.57
C THR A 32 -1.85 -7.10 -5.13
N CYS A 33 -1.42 -7.50 -3.97
CA CYS A 33 -1.71 -8.90 -3.51
C CYS A 33 -2.83 -8.88 -2.48
N GLY A 34 -3.36 -7.73 -2.16
CA GLY A 34 -4.45 -7.66 -1.17
C GLY A 34 -3.91 -7.12 0.16
N TYR A 35 -2.73 -7.50 0.53
CA TYR A 35 -2.16 -6.99 1.81
C TYR A 35 -2.20 -5.46 1.77
N GLN A 36 -3.08 -4.86 2.51
CA GLN A 36 -3.16 -3.37 2.50
C GLN A 36 -2.65 -2.81 3.83
N ILE A 37 -2.31 -1.55 3.85
CA ILE A 37 -1.80 -0.94 5.11
C ILE A 37 -2.40 0.45 5.26
N CYS A 38 -2.00 1.17 6.28
CA CYS A 38 -2.55 2.54 6.48
C CYS A 38 -1.64 3.55 5.77
N ARG A 39 -2.14 4.72 5.50
CA ARG A 39 -1.30 5.73 4.79
C ARG A 39 -0.11 6.12 5.67
N PHE A 40 -0.18 5.85 6.94
CA PHE A 40 0.95 6.22 7.84
C PHE A 40 2.05 5.16 7.73
N CYS A 41 1.70 3.98 7.28
CA CYS A 41 2.72 2.91 7.14
C CYS A 41 3.33 2.98 5.73
N TRP A 42 2.58 3.50 4.80
CA TRP A 42 3.09 3.61 3.40
C TRP A 42 3.93 4.89 3.28
N HIS A 43 3.83 5.77 4.23
CA HIS A 43 4.59 7.05 4.17
C HIS A 43 5.99 6.82 4.76
N ARG A 44 6.30 5.61 5.14
CA ARG A 44 7.64 5.33 5.73
C ARG A 44 8.24 4.07 5.08
N ILE A 45 7.47 3.03 5.00
CA ILE A 45 7.99 1.78 4.38
C ILE A 45 8.67 2.10 3.05
N ARG A 46 8.18 3.11 2.37
CA ARG A 46 8.79 3.48 1.06
C ARG A 46 9.94 4.46 1.29
N THR A 47 9.87 5.24 2.33
CA THR A 47 10.96 6.23 2.60
C THR A 47 12.01 5.61 3.52
N ASP A 48 11.67 5.41 4.77
CA ASP A 48 12.65 4.81 5.71
C ASP A 48 13.05 3.41 5.23
N GLU A 49 12.21 2.76 4.49
CA GLU A 49 12.55 1.40 4.00
C GLU A 49 12.57 1.39 2.47
N ASN A 50 12.55 0.23 1.86
CA ASN A 50 12.57 0.16 0.38
C ASN A 50 11.15 0.36 -0.15
N GLY A 51 10.19 -0.28 0.42
CA GLY A 51 8.79 -0.13 -0.06
C GLY A 51 8.29 -1.44 -0.66
N LEU A 52 8.82 -2.54 -0.20
CA LEU A 52 8.38 -3.86 -0.76
C LEU A 52 7.21 -4.40 0.06
N CYS A 53 6.68 -5.51 -0.34
CA CYS A 53 5.53 -6.12 0.41
C CYS A 53 6.05 -7.07 1.49
N PRO A 54 5.74 -6.76 2.72
CA PRO A 54 6.15 -7.59 3.86
C PRO A 54 5.26 -8.83 3.97
N ALA A 55 4.32 -8.97 3.07
CA ALA A 55 3.42 -10.16 3.11
C ALA A 55 3.71 -11.08 1.93
N CYS A 56 3.70 -10.57 0.73
CA CYS A 56 3.98 -11.44 -0.45
C CYS A 56 5.36 -11.12 -1.02
N ARG A 57 5.98 -10.07 -0.56
CA ARG A 57 7.33 -9.70 -1.09
C ARG A 57 7.19 -9.23 -2.54
N LYS A 58 6.68 -8.05 -2.74
CA LYS A 58 6.52 -7.52 -4.12
C LYS A 58 6.69 -6.00 -4.05
N PRO A 59 7.10 -5.43 -5.15
CA PRO A 59 7.31 -3.97 -5.23
C PRO A 59 5.97 -3.23 -5.33
N TYR A 60 5.72 -2.34 -4.40
CA TYR A 60 4.43 -1.59 -4.42
C TYR A 60 4.20 -0.98 -5.81
N PRO A 61 2.96 -0.67 -6.09
CA PRO A 61 2.57 -0.06 -7.38
C PRO A 61 2.93 1.42 -7.40
N GLU A 62 2.30 2.18 -8.25
CA GLU A 62 2.61 3.64 -8.33
C GLU A 62 4.11 3.82 -8.58
N ASP A 63 4.56 3.48 -9.76
CA ASP A 63 6.01 3.63 -10.07
C ASP A 63 6.26 3.22 -11.53
N PRO A 64 7.42 3.56 -12.02
CA PRO A 64 7.83 3.25 -13.40
C PRO A 64 8.25 1.78 -13.50
N ALA A 65 9.41 1.46 -12.99
CA ALA A 65 9.88 0.04 -13.07
C ALA A 65 10.10 -0.35 -14.53
N VAL A 66 11.26 -0.85 -14.85
CA VAL A 66 11.54 -1.25 -16.25
C VAL A 66 11.74 0.00 -17.11
N TYR A 67 11.92 1.13 -16.48
CA TYR A 67 12.12 2.39 -17.24
C TYR A 67 12.77 3.43 -16.33
N LYS A 68 14.03 3.72 -16.55
CA LYS A 68 14.72 4.72 -15.68
C LYS A 68 15.50 5.72 -16.56
N PRO A 69 15.69 6.89 -16.03
CA PRO A 69 16.42 7.97 -16.73
C PRO A 69 17.93 7.73 -16.64
N LEU A 70 18.66 8.10 -17.64
CA LEU A 70 20.13 7.90 -17.61
C LEU A 70 20.83 9.24 -17.43
N SER A 71 21.59 9.40 -16.38
CA SER A 71 22.29 10.70 -16.16
C SER A 71 23.71 10.43 -15.62
N GLN A 72 24.67 11.17 -16.07
CA GLN A 72 26.07 10.95 -15.59
C GLN A 72 26.97 12.07 -16.11
N GLU A 73 28.11 12.26 -15.50
CA GLU A 73 29.03 13.33 -15.97
C GLU A 73 28.55 14.69 -15.44
N GLU A 74 27.53 15.24 -16.04
CA GLU A 74 27.01 16.56 -15.57
C GLU A 74 28.12 17.60 -15.64
N LEU A 75 27.98 18.58 -16.50
CA LEU A 75 29.03 19.63 -16.62
C LEU A 75 28.46 20.97 -16.15
N GLN A 76 27.20 21.21 -16.41
CA GLN A 76 26.58 22.49 -15.98
C GLN A 76 27.37 23.67 -16.56
N ARG A 77 27.14 24.85 -16.06
CA ARG A 77 27.88 26.04 -16.58
C ARG A 77 27.30 26.44 -17.94
N ILE A 78 28.03 27.19 -18.71
CA ILE A 78 27.53 27.62 -20.05
C ILE A 78 28.71 27.96 -20.96
ZN ZN B . -0.21 1.31 9.62
ZN ZN C . 2.03 -8.07 -1.72
N MET A 1 -28.98 20.27 9.89
CA MET A 1 -28.28 20.41 11.18
C MET A 1 -26.92 19.71 11.10
N SER A 2 -26.28 19.77 9.96
CA SER A 2 -24.95 19.11 9.81
C SER A 2 -25.11 17.60 10.01
N ARG A 3 -24.02 16.89 10.07
CA ARG A 3 -24.10 15.41 10.26
C ARG A 3 -24.94 15.11 11.50
N SER A 4 -26.10 14.54 11.32
CA SER A 4 -26.97 14.22 12.48
C SER A 4 -26.44 12.99 13.22
N PRO A 5 -26.23 11.92 12.48
CA PRO A 5 -25.72 10.66 13.03
C PRO A 5 -24.20 10.75 13.26
N ASP A 6 -23.58 9.65 13.61
CA ASP A 6 -22.11 9.67 13.85
C ASP A 6 -21.46 8.48 13.13
N ALA A 7 -20.18 8.55 12.91
CA ALA A 7 -19.49 7.42 12.22
C ALA A 7 -19.04 6.37 13.25
N LYS A 8 -19.98 5.77 13.93
CA LYS A 8 -19.62 4.75 14.95
C LYS A 8 -19.39 3.40 14.26
N GLU A 9 -18.20 2.87 14.34
CA GLU A 9 -17.93 1.56 13.69
C GLU A 9 -16.42 1.31 13.60
N ASP A 10 -16.02 0.08 13.49
CA ASP A 10 -14.55 -0.23 13.40
C ASP A 10 -14.31 -1.16 12.21
N PRO A 11 -13.92 -0.58 11.10
CA PRO A 11 -13.66 -1.32 9.86
C PRO A 11 -12.30 -2.04 9.93
N VAL A 12 -11.83 -2.53 8.82
CA VAL A 12 -10.52 -3.24 8.81
C VAL A 12 -9.50 -2.46 9.64
N GLU A 13 -8.49 -3.13 10.14
CA GLU A 13 -7.47 -2.44 10.96
C GLU A 13 -6.08 -2.73 10.38
N CYS A 14 -5.21 -1.77 10.37
CA CYS A 14 -3.84 -2.00 9.81
C CYS A 14 -3.21 -3.23 10.49
N PRO A 15 -2.80 -4.19 9.70
CA PRO A 15 -2.18 -5.42 10.21
C PRO A 15 -0.70 -5.18 10.56
N LEU A 16 -0.21 -3.98 10.39
CA LEU A 16 1.23 -3.72 10.71
C LEU A 16 1.35 -2.76 11.88
N CYS A 17 0.35 -1.94 12.13
CA CYS A 17 0.45 -0.98 13.26
C CYS A 17 -0.88 -0.91 14.02
N MET A 18 -1.83 -1.71 13.62
CA MET A 18 -3.15 -1.69 14.31
C MET A 18 -3.72 -0.27 14.28
N GLU A 19 -4.72 -0.03 13.49
CA GLU A 19 -5.32 1.33 13.42
C GLU A 19 -6.64 1.27 12.66
N PRO A 20 -7.38 2.35 12.71
CA PRO A 20 -8.68 2.45 12.03
C PRO A 20 -8.46 2.67 10.52
N LEU A 21 -8.79 1.71 9.72
CA LEU A 21 -8.59 1.85 8.25
C LEU A 21 -9.87 2.37 7.59
N GLU A 22 -9.93 3.63 7.29
CA GLU A 22 -11.15 4.18 6.63
C GLU A 22 -11.32 3.50 5.27
N ILE A 23 -12.22 3.97 4.46
CA ILE A 23 -12.43 3.33 3.13
C ILE A 23 -11.24 3.66 2.22
N ASP A 24 -10.90 4.91 2.09
CA ASP A 24 -9.77 5.29 1.21
C ASP A 24 -8.47 4.66 1.73
N ASP A 25 -8.46 4.21 2.96
CA ASP A 25 -7.22 3.58 3.51
C ASP A 25 -7.30 2.07 3.36
N ILE A 26 -8.46 1.53 3.21
CA ILE A 26 -8.59 0.04 3.06
C ILE A 26 -8.23 -0.34 1.63
N ASN A 27 -9.06 -0.02 0.68
CA ASN A 27 -8.75 -0.37 -0.73
C ASN A 27 -7.39 0.20 -1.12
N PHE A 28 -6.90 1.15 -0.37
CA PHE A 28 -5.57 1.74 -0.69
C PHE A 28 -4.46 0.81 -0.22
N PHE A 29 -4.00 -0.06 -1.09
CA PHE A 29 -2.91 -1.00 -0.70
C PHE A 29 -1.63 -0.65 -1.46
N PRO A 30 -0.52 -0.77 -0.78
CA PRO A 30 0.79 -0.48 -1.38
C PRO A 30 1.22 -1.65 -2.28
N CYS A 31 0.54 -2.75 -2.18
CA CYS A 31 0.89 -3.93 -3.02
C CYS A 31 -0.37 -4.47 -3.72
N THR A 32 -0.20 -5.26 -4.74
CA THR A 32 -1.38 -5.80 -5.46
C THR A 32 -1.82 -7.15 -4.84
N CYS A 33 -0.97 -7.77 -4.06
CA CYS A 33 -1.37 -9.08 -3.46
C CYS A 33 -2.64 -8.89 -2.61
N GLY A 34 -2.74 -7.79 -1.92
CA GLY A 34 -3.96 -7.56 -1.09
C GLY A 34 -3.58 -7.29 0.36
N TYR A 35 -2.35 -6.95 0.62
CA TYR A 35 -1.94 -6.65 2.02
C TYR A 35 -2.23 -5.18 2.32
N GLN A 36 -3.39 -4.72 1.97
CA GLN A 36 -3.74 -3.28 2.21
C GLN A 36 -3.30 -2.89 3.62
N ILE A 37 -2.83 -1.68 3.79
CA ILE A 37 -2.39 -1.23 5.13
C ILE A 37 -2.82 0.22 5.34
N CYS A 38 -2.31 0.86 6.35
CA CYS A 38 -2.70 2.28 6.61
C CYS A 38 -1.73 3.22 5.87
N ARG A 39 -1.80 4.49 6.14
CA ARG A 39 -0.88 5.45 5.43
C ARG A 39 0.40 5.62 6.25
N PHE A 40 0.28 5.80 7.54
CA PHE A 40 1.49 6.00 8.39
C PHE A 40 2.44 4.81 8.20
N CYS A 41 1.95 3.72 7.67
CA CYS A 41 2.82 2.53 7.46
C CYS A 41 3.49 2.62 6.09
N TRP A 42 2.73 2.94 5.08
CA TRP A 42 3.33 3.04 3.71
C TRP A 42 4.22 4.28 3.65
N HIS A 43 4.13 5.14 4.62
CA HIS A 43 4.98 6.37 4.62
C HIS A 43 6.38 6.04 5.12
N ARG A 44 6.61 4.81 5.50
CA ARG A 44 7.96 4.43 6.01
C ARG A 44 8.56 3.36 5.08
N ILE A 45 7.74 2.51 4.53
CA ILE A 45 8.26 1.44 3.63
C ILE A 45 8.74 2.06 2.33
N ARG A 46 8.01 3.01 1.80
CA ARG A 46 8.43 3.64 0.52
C ARG A 46 9.44 4.77 0.81
N THR A 47 9.86 4.90 2.04
CA THR A 47 10.84 5.97 2.39
C THR A 47 11.97 5.38 3.24
N ASP A 48 11.71 5.11 4.48
CA ASP A 48 12.76 4.53 5.36
C ASP A 48 13.48 3.40 4.62
N GLU A 49 12.75 2.57 3.95
CA GLU A 49 13.38 1.44 3.20
C GLU A 49 13.16 1.63 1.71
N ASN A 50 13.02 0.57 0.97
CA ASN A 50 12.81 0.70 -0.51
C ASN A 50 11.32 0.90 -0.79
N GLY A 51 10.49 0.13 -0.17
CA GLY A 51 9.01 0.26 -0.42
C GLY A 51 8.47 -1.06 -0.95
N LEU A 52 8.89 -2.16 -0.39
CA LEU A 52 8.41 -3.48 -0.86
C LEU A 52 7.21 -3.92 -0.03
N CYS A 53 6.64 -5.04 -0.36
CA CYS A 53 5.48 -5.57 0.40
C CYS A 53 5.97 -6.48 1.53
N PRO A 54 5.60 -6.16 2.75
CA PRO A 54 6.02 -6.93 3.93
C PRO A 54 5.14 -8.18 4.10
N ALA A 55 4.38 -8.54 3.10
CA ALA A 55 3.50 -9.74 3.23
C ALA A 55 3.81 -10.74 2.11
N CYS A 56 4.04 -10.26 0.92
CA CYS A 56 4.34 -11.19 -0.21
C CYS A 56 5.72 -10.87 -0.80
N ARG A 57 6.28 -9.75 -0.43
CA ARG A 57 7.62 -9.36 -0.96
C ARG A 57 7.50 -8.94 -2.43
N LYS A 58 7.01 -7.75 -2.66
CA LYS A 58 6.87 -7.26 -4.06
C LYS A 58 6.91 -5.73 -4.04
N PRO A 59 7.39 -5.16 -5.11
CA PRO A 59 7.51 -3.70 -5.23
C PRO A 59 6.13 -3.06 -5.45
N TYR A 60 5.73 -2.18 -4.57
CA TYR A 60 4.40 -1.53 -4.72
C TYR A 60 4.16 -1.15 -6.19
N PRO A 61 2.91 -1.16 -6.58
CA PRO A 61 2.51 -0.83 -7.96
C PRO A 61 2.44 0.69 -8.14
N GLU A 62 3.38 1.41 -7.60
CA GLU A 62 3.37 2.90 -7.75
C GLU A 62 4.40 3.32 -8.80
N ASP A 63 4.03 3.28 -10.05
CA ASP A 63 4.99 3.68 -11.12
C ASP A 63 4.24 4.50 -12.19
N PRO A 64 4.43 5.79 -12.17
CA PRO A 64 3.79 6.71 -13.12
C PRO A 64 4.50 6.65 -14.48
N ALA A 65 5.46 5.78 -14.63
CA ALA A 65 6.18 5.68 -15.92
C ALA A 65 7.08 6.90 -16.10
N VAL A 66 7.90 7.21 -15.12
CA VAL A 66 8.79 8.39 -15.23
C VAL A 66 10.15 8.05 -14.61
N TYR A 67 10.16 7.70 -13.35
CA TYR A 67 11.45 7.37 -12.68
C TYR A 67 11.46 5.87 -12.31
N LYS A 68 12.38 5.12 -12.86
CA LYS A 68 12.44 3.67 -12.54
C LYS A 68 13.33 2.95 -13.56
N PRO A 69 13.00 3.14 -14.82
CA PRO A 69 13.75 2.51 -15.93
C PRO A 69 15.06 3.26 -16.19
N LEU A 70 14.97 4.47 -16.68
CA LEU A 70 16.21 5.25 -16.96
C LEU A 70 17.06 4.50 -17.98
N SER A 71 16.46 3.67 -18.77
CA SER A 71 17.23 2.90 -19.80
C SER A 71 18.44 2.23 -19.12
N GLN A 72 19.56 2.90 -19.10
CA GLN A 72 20.77 2.30 -18.46
C GLN A 72 21.25 3.22 -17.33
N GLU A 73 21.55 2.66 -16.19
CA GLU A 73 22.02 3.50 -15.05
C GLU A 73 22.95 2.67 -14.16
N GLU A 74 23.75 1.82 -14.75
CA GLU A 74 24.68 0.99 -13.94
C GLU A 74 26.07 1.63 -13.94
N LEU A 75 26.88 1.32 -12.96
CA LEU A 75 28.25 1.90 -12.91
C LEU A 75 29.12 1.08 -11.95
N GLN A 76 30.39 0.98 -12.23
CA GLN A 76 31.29 0.19 -11.33
C GLN A 76 32.66 0.85 -11.29
N ARG A 77 32.74 2.12 -11.57
CA ARG A 77 34.06 2.82 -11.54
C ARG A 77 34.03 3.94 -10.50
N ILE A 78 32.93 4.62 -10.39
CA ILE A 78 32.83 5.73 -9.40
C ILE A 78 31.65 5.49 -8.46
ZN ZN B . -0.30 0.95 9.75
ZN ZN C . 2.19 -7.95 -1.53
N MET A 1 -22.98 2.15 17.11
CA MET A 1 -22.61 3.58 16.97
C MET A 1 -22.05 4.11 18.30
N SER A 2 -20.97 3.54 18.75
CA SER A 2 -20.39 4.00 20.05
C SER A 2 -19.39 5.14 19.78
N ARG A 3 -19.06 5.36 18.53
CA ARG A 3 -18.09 6.45 18.20
C ARG A 3 -17.91 6.54 16.69
N SER A 4 -17.36 5.52 16.09
CA SER A 4 -17.17 5.54 14.61
C SER A 4 -17.78 4.29 13.99
N PRO A 5 -18.01 4.34 12.70
CA PRO A 5 -18.61 3.23 11.95
C PRO A 5 -17.57 2.15 11.69
N ASP A 6 -17.82 1.25 10.78
CA ASP A 6 -16.85 0.18 10.48
C ASP A 6 -16.58 -0.63 11.77
N ALA A 7 -17.39 -1.61 12.04
CA ALA A 7 -17.20 -2.43 13.26
C ALA A 7 -18.34 -3.44 13.39
N LYS A 8 -18.66 -4.12 12.32
CA LYS A 8 -19.76 -5.13 12.38
C LYS A 8 -19.59 -6.12 11.22
N GLU A 9 -19.17 -5.66 10.08
CA GLU A 9 -19.00 -6.58 8.92
C GLU A 9 -17.71 -6.23 8.17
N ASP A 10 -16.73 -7.10 8.21
CA ASP A 10 -15.45 -6.82 7.50
C ASP A 10 -14.66 -5.75 8.27
N PRO A 11 -13.97 -6.18 9.29
CA PRO A 11 -13.15 -5.29 10.14
C PRO A 11 -11.82 -4.97 9.44
N VAL A 12 -11.72 -3.80 8.86
CA VAL A 12 -10.45 -3.42 8.18
C VAL A 12 -9.60 -2.58 9.12
N GLU A 13 -8.68 -3.19 9.82
CA GLU A 13 -7.83 -2.43 10.78
C GLU A 13 -6.35 -2.78 10.56
N CYS A 14 -5.54 -1.81 10.25
CA CYS A 14 -4.10 -2.08 10.03
C CYS A 14 -3.59 -3.02 11.14
N PRO A 15 -3.42 -4.27 10.80
CA PRO A 15 -2.95 -5.29 11.77
C PRO A 15 -1.43 -5.19 11.94
N LEU A 16 -0.79 -4.30 11.22
CA LEU A 16 0.68 -4.16 11.34
C LEU A 16 1.02 -3.05 12.34
N CYS A 17 0.13 -2.12 12.53
CA CYS A 17 0.40 -1.01 13.49
C CYS A 17 -0.84 -0.77 14.35
N MET A 18 -1.86 -1.59 14.19
CA MET A 18 -3.10 -1.40 14.99
C MET A 18 -3.67 0.00 14.73
N GLU A 19 -4.70 0.09 13.93
CA GLU A 19 -5.29 1.43 13.65
C GLU A 19 -6.55 1.24 12.79
N PRO A 20 -7.48 2.16 12.94
CA PRO A 20 -8.74 2.13 12.18
C PRO A 20 -8.53 2.64 10.75
N LEU A 21 -8.68 1.78 9.78
CA LEU A 21 -8.50 2.21 8.37
C LEU A 21 -9.57 3.23 8.00
N GLU A 22 -9.23 4.20 7.18
CA GLU A 22 -10.23 5.22 6.78
C GLU A 22 -11.08 4.68 5.62
N ILE A 23 -11.56 5.55 4.77
CA ILE A 23 -12.39 5.07 3.63
C ILE A 23 -11.47 4.74 2.45
N ASP A 24 -10.70 5.69 2.00
CA ASP A 24 -9.79 5.44 0.85
C ASP A 24 -8.66 4.51 1.28
N ASP A 25 -8.53 4.26 2.56
CA ASP A 25 -7.44 3.36 3.04
C ASP A 25 -7.92 1.91 2.99
N ILE A 26 -9.16 1.69 2.68
CA ILE A 26 -9.68 0.30 2.63
C ILE A 26 -9.07 -0.43 1.43
N ASN A 27 -9.34 0.02 0.25
CA ASN A 27 -8.76 -0.64 -0.96
C ASN A 27 -7.41 -0.01 -1.30
N PHE A 28 -6.75 0.55 -0.31
CA PHE A 28 -5.43 1.19 -0.56
C PHE A 28 -4.32 0.24 -0.12
N PHE A 29 -3.53 -0.24 -1.05
CA PHE A 29 -2.41 -1.16 -0.67
C PHE A 29 -1.17 -0.80 -1.50
N PRO A 30 -0.03 -0.97 -0.90
CA PRO A 30 1.25 -0.69 -1.56
C PRO A 30 1.59 -1.83 -2.53
N CYS A 31 0.88 -2.92 -2.44
CA CYS A 31 1.15 -4.06 -3.35
C CYS A 31 -0.17 -4.77 -3.68
N THR A 32 -0.22 -5.47 -4.78
CA THR A 32 -1.47 -6.18 -5.16
C THR A 32 -1.47 -7.60 -4.57
N CYS A 33 -1.64 -7.72 -3.28
CA CYS A 33 -1.66 -9.08 -2.66
C CYS A 33 -2.49 -9.04 -1.37
N GLY A 34 -3.29 -8.04 -1.20
CA GLY A 34 -4.14 -7.95 0.03
C GLY A 34 -3.29 -7.49 1.22
N TYR A 35 -2.11 -7.01 0.98
CA TYR A 35 -1.26 -6.52 2.11
C TYR A 35 -1.54 -5.03 2.32
N GLN A 36 -2.76 -4.61 2.04
CA GLN A 36 -3.12 -3.18 2.23
C GLN A 36 -2.78 -2.74 3.66
N ILE A 37 -2.24 -1.57 3.82
CA ILE A 37 -1.90 -1.08 5.18
C ILE A 37 -2.46 0.33 5.36
N CYS A 38 -2.21 0.94 6.48
CA CYS A 38 -2.73 2.32 6.70
C CYS A 38 -1.77 3.32 6.06
N ARG A 39 -2.20 4.54 5.86
CA ARG A 39 -1.31 5.55 5.23
C ARG A 39 -0.12 5.85 6.15
N PHE A 40 -0.27 5.58 7.42
CA PHE A 40 0.85 5.85 8.37
C PHE A 40 1.89 4.74 8.25
N CYS A 41 1.52 3.61 7.68
CA CYS A 41 2.49 2.49 7.53
C CYS A 41 3.20 2.61 6.18
N TRP A 42 2.47 2.95 5.15
CA TRP A 42 3.09 3.07 3.80
C TRP A 42 4.02 4.29 3.78
N HIS A 43 3.70 5.32 4.50
CA HIS A 43 4.56 6.53 4.51
C HIS A 43 5.92 6.20 5.13
N ARG A 44 6.06 5.04 5.71
CA ARG A 44 7.36 4.67 6.34
C ARG A 44 8.15 3.75 5.39
N ILE A 45 7.52 2.72 4.89
CA ILE A 45 8.23 1.78 3.98
C ILE A 45 8.73 2.54 2.74
N ARG A 46 7.94 3.44 2.22
CA ARG A 46 8.38 4.20 1.02
C ARG A 46 9.39 5.29 1.42
N THR A 47 9.51 5.56 2.69
CA THR A 47 10.48 6.62 3.12
C THR A 47 11.47 6.02 4.14
N ASP A 48 11.52 4.72 4.24
CA ASP A 48 12.46 4.09 5.20
C ASP A 48 12.66 2.62 4.84
N GLU A 49 12.47 2.27 3.59
CA GLU A 49 12.64 0.85 3.18
C GLU A 49 12.94 0.78 1.68
N ASN A 50 12.64 -0.32 1.05
CA ASN A 50 12.89 -0.45 -0.41
C ASN A 50 11.56 -0.37 -1.17
N GLY A 51 10.56 0.22 -0.57
CA GLY A 51 9.25 0.34 -1.27
C GLY A 51 8.80 -1.04 -1.77
N LEU A 52 9.28 -2.08 -1.16
CA LEU A 52 8.88 -3.45 -1.60
C LEU A 52 7.77 -3.98 -0.69
N CYS A 53 7.22 -5.12 -1.04
CA CYS A 53 6.12 -5.71 -0.20
C CYS A 53 6.72 -6.64 0.86
N PRO A 54 6.47 -6.33 2.11
CA PRO A 54 6.97 -7.14 3.23
C PRO A 54 6.06 -8.35 3.45
N ALA A 55 4.96 -8.43 2.74
CA ALA A 55 4.03 -9.58 2.94
C ALA A 55 4.19 -10.60 1.80
N CYS A 56 4.56 -10.17 0.62
CA CYS A 56 4.70 -11.16 -0.49
C CYS A 56 5.97 -10.86 -1.31
N ARG A 57 6.74 -9.89 -0.91
CA ARG A 57 7.98 -9.56 -1.68
C ARG A 57 7.59 -9.13 -3.11
N LYS A 58 7.22 -7.90 -3.28
CA LYS A 58 6.84 -7.42 -4.64
C LYS A 58 6.96 -5.89 -4.68
N PRO A 59 7.30 -5.38 -5.83
CA PRO A 59 7.45 -3.93 -6.03
C PRO A 59 6.09 -3.23 -6.07
N TYR A 60 5.87 -2.30 -5.19
CA TYR A 60 4.56 -1.58 -5.17
C TYR A 60 4.22 -1.09 -6.58
N PRO A 61 2.94 -1.05 -6.87
CA PRO A 61 2.45 -0.59 -8.19
C PRO A 61 2.43 0.94 -8.25
N GLU A 62 3.52 1.53 -8.69
CA GLU A 62 3.56 3.02 -8.78
C GLU A 62 3.20 3.45 -10.20
N ASP A 63 2.28 2.76 -10.83
CA ASP A 63 1.89 3.13 -12.21
C ASP A 63 0.39 2.88 -12.42
N PRO A 64 -0.18 3.59 -13.35
CA PRO A 64 -1.61 3.48 -13.67
C PRO A 64 -1.87 2.24 -14.55
N ALA A 65 -0.84 1.53 -14.91
CA ALA A 65 -1.03 0.32 -15.75
C ALA A 65 -1.29 -0.90 -14.87
N VAL A 66 -1.67 -0.68 -13.63
CA VAL A 66 -1.93 -1.81 -12.71
C VAL A 66 -0.70 -2.73 -12.66
N TYR A 67 -0.64 -3.66 -13.55
CA TYR A 67 0.53 -4.59 -13.57
C TYR A 67 0.36 -5.57 -14.74
N LYS A 68 1.45 -6.05 -15.29
CA LYS A 68 1.34 -7.01 -16.42
C LYS A 68 2.71 -7.30 -17.02
N PRO A 69 3.41 -6.26 -17.41
CA PRO A 69 4.75 -6.38 -18.01
C PRO A 69 5.80 -6.64 -16.92
N LEU A 70 6.83 -7.38 -17.23
CA LEU A 70 7.88 -7.67 -16.23
C LEU A 70 9.25 -7.80 -16.92
N SER A 71 10.31 -7.77 -16.17
CA SER A 71 11.66 -7.88 -16.78
C SER A 71 12.49 -8.90 -16.00
N GLN A 72 11.85 -9.83 -15.35
CA GLN A 72 12.60 -10.85 -14.57
C GLN A 72 13.35 -10.17 -13.42
N GLU A 73 14.57 -9.78 -13.64
CA GLU A 73 15.36 -9.11 -12.56
C GLU A 73 16.83 -9.06 -12.96
N GLU A 74 17.16 -8.26 -13.95
CA GLU A 74 18.59 -8.19 -14.39
C GLU A 74 18.66 -7.46 -15.73
N LEU A 75 19.84 -7.35 -16.29
CA LEU A 75 19.98 -6.66 -17.61
C LEU A 75 19.63 -7.63 -18.73
N GLN A 76 19.85 -7.24 -19.96
CA GLN A 76 19.54 -8.14 -21.10
C GLN A 76 20.55 -9.28 -21.15
N ARG A 77 21.79 -8.98 -21.40
CA ARG A 77 22.83 -10.05 -21.46
C ARG A 77 22.43 -11.08 -22.53
N ILE A 78 23.33 -11.96 -22.87
CA ILE A 78 23.01 -12.98 -23.91
C ILE A 78 22.04 -14.02 -23.32
ZN ZN B . -0.54 0.88 9.85
ZN ZN C . 2.48 -8.02 -1.82
N MET A 1 -18.61 13.95 16.72
CA MET A 1 -18.17 13.17 15.52
C MET A 1 -18.58 11.70 15.69
N SER A 2 -18.32 11.13 16.83
CA SER A 2 -18.70 9.71 17.05
C SER A 2 -19.88 9.64 18.02
N ARG A 3 -21.04 9.30 17.53
CA ARG A 3 -22.23 9.22 18.42
C ARG A 3 -22.39 7.78 18.93
N SER A 4 -22.86 6.90 18.09
CA SER A 4 -23.04 5.48 18.52
C SER A 4 -21.82 5.04 19.35
N PRO A 5 -22.08 4.25 20.36
CA PRO A 5 -21.03 3.74 21.26
C PRO A 5 -20.30 2.55 20.61
N ASP A 6 -19.09 2.31 21.01
CA ASP A 6 -18.32 1.18 20.41
C ASP A 6 -17.89 1.52 18.99
N ALA A 7 -17.25 2.65 18.82
CA ALA A 7 -16.79 3.05 17.44
C ALA A 7 -15.31 2.69 17.29
N LYS A 8 -14.68 3.21 16.27
CA LYS A 8 -13.22 2.92 16.06
C LYS A 8 -13.06 1.54 15.41
N GLU A 9 -13.28 0.48 16.14
CA GLU A 9 -13.12 -0.87 15.56
C GLU A 9 -14.32 -1.24 14.70
N ASP A 10 -14.08 -1.85 13.58
CA ASP A 10 -15.21 -2.24 12.67
C ASP A 10 -14.66 -2.64 11.30
N PRO A 11 -13.92 -1.74 10.69
CA PRO A 11 -13.32 -1.98 9.37
C PRO A 11 -12.05 -2.82 9.51
N VAL A 12 -11.28 -2.93 8.46
CA VAL A 12 -10.03 -3.72 8.53
C VAL A 12 -9.00 -2.94 9.35
N GLU A 13 -7.96 -3.58 9.80
CA GLU A 13 -6.94 -2.87 10.62
C GLU A 13 -5.55 -3.02 9.97
N CYS A 14 -4.73 -2.00 10.06
CA CYS A 14 -3.38 -2.08 9.47
C CYS A 14 -2.56 -3.17 10.19
N PRO A 15 -2.17 -4.19 9.47
CA PRO A 15 -1.39 -5.30 10.03
C PRO A 15 0.09 -4.90 10.17
N LEU A 16 0.40 -3.65 10.00
CA LEU A 16 1.81 -3.19 10.12
C LEU A 16 1.97 -2.39 11.41
N CYS A 17 1.05 -1.52 11.70
CA CYS A 17 1.15 -0.70 12.95
C CYS A 17 -0.08 -0.95 13.80
N MET A 18 -1.14 -1.42 13.20
CA MET A 18 -2.40 -1.70 13.95
C MET A 18 -3.19 -0.41 14.11
N GLU A 19 -4.35 -0.33 13.52
CA GLU A 19 -5.19 0.90 13.63
C GLU A 19 -6.44 0.74 12.78
N PRO A 20 -7.43 1.54 13.06
CA PRO A 20 -8.72 1.51 12.34
C PRO A 20 -8.58 2.19 10.98
N LEU A 21 -8.75 1.45 9.92
CA LEU A 21 -8.64 2.04 8.55
C LEU A 21 -9.88 2.87 8.26
N GLU A 22 -10.06 3.26 7.02
CA GLU A 22 -11.26 4.07 6.66
C GLU A 22 -11.80 3.58 5.31
N ILE A 23 -12.88 4.15 4.85
CA ILE A 23 -13.46 3.71 3.55
C ILE A 23 -12.51 4.10 2.40
N ASP A 24 -12.04 5.32 2.40
CA ASP A 24 -11.13 5.77 1.31
C ASP A 24 -9.69 5.33 1.61
N ASP A 25 -9.50 4.48 2.57
CA ASP A 25 -8.11 4.03 2.90
C ASP A 25 -8.01 2.51 2.70
N ILE A 26 -9.11 1.82 2.70
CA ILE A 26 -9.08 0.35 2.51
C ILE A 26 -8.55 0.02 1.12
N ASN A 27 -9.33 0.28 0.10
CA ASN A 27 -8.89 -0.03 -1.29
C ASN A 27 -7.47 0.48 -1.52
N PHE A 28 -7.03 1.45 -0.77
CA PHE A 28 -5.66 1.99 -0.95
C PHE A 28 -4.63 1.02 -0.36
N PHE A 29 -3.93 0.29 -1.18
CA PHE A 29 -2.90 -0.65 -0.66
C PHE A 29 -1.58 -0.43 -1.39
N PRO A 30 -0.49 -0.63 -0.69
CA PRO A 30 0.85 -0.46 -1.26
C PRO A 30 1.24 -1.71 -2.06
N CYS A 31 0.33 -2.64 -2.23
CA CYS A 31 0.67 -3.88 -3.00
C CYS A 31 -0.60 -4.47 -3.62
N THR A 32 -0.45 -5.35 -4.56
CA THR A 32 -1.65 -5.96 -5.22
C THR A 32 -2.06 -7.24 -4.48
N CYS A 33 -1.10 -7.98 -3.97
CA CYS A 33 -1.45 -9.24 -3.26
C CYS A 33 -2.66 -9.00 -2.34
N GLY A 34 -2.75 -7.83 -1.75
CA GLY A 34 -3.90 -7.54 -0.86
C GLY A 34 -3.42 -7.24 0.56
N TYR A 35 -2.17 -6.94 0.73
CA TYR A 35 -1.66 -6.64 2.10
C TYR A 35 -1.86 -5.15 2.38
N GLN A 36 -3.03 -4.65 2.09
CA GLN A 36 -3.32 -3.21 2.31
C GLN A 36 -2.92 -2.80 3.74
N ILE A 37 -2.50 -1.58 3.90
CA ILE A 37 -2.09 -1.10 5.25
C ILE A 37 -2.57 0.35 5.43
N CYS A 38 -2.06 1.05 6.41
CA CYS A 38 -2.51 2.46 6.62
C CYS A 38 -1.58 3.39 5.84
N ARG A 39 -1.88 4.66 5.80
CA ARG A 39 -1.01 5.61 5.04
C ARG A 39 0.22 5.97 5.87
N PHE A 40 0.17 5.77 7.16
CA PHE A 40 1.35 6.11 8.00
C PHE A 40 2.41 5.01 7.88
N CYS A 41 2.02 3.84 7.42
CA CYS A 41 3.01 2.74 7.28
C CYS A 41 3.59 2.75 5.87
N TRP A 42 2.91 3.36 4.93
CA TRP A 42 3.42 3.39 3.53
C TRP A 42 4.54 4.43 3.40
N HIS A 43 4.24 5.68 3.65
CA HIS A 43 5.29 6.73 3.52
C HIS A 43 6.53 6.33 4.31
N ARG A 44 6.40 5.43 5.24
CA ARG A 44 7.59 5.01 6.04
C ARG A 44 8.23 3.77 5.41
N ILE A 45 7.44 2.93 4.79
CA ILE A 45 8.02 1.71 4.17
C ILE A 45 8.75 2.08 2.87
N ARG A 46 8.06 2.73 1.96
CA ARG A 46 8.72 3.12 0.68
C ARG A 46 9.81 4.16 0.96
N THR A 47 9.88 4.66 2.16
CA THR A 47 10.91 5.67 2.48
C THR A 47 11.86 5.11 3.56
N ASP A 48 11.40 5.04 4.78
CA ASP A 48 12.27 4.51 5.86
C ASP A 48 12.81 3.13 5.47
N GLU A 49 12.10 2.42 4.63
CA GLU A 49 12.59 1.08 4.22
C GLU A 49 12.81 1.06 2.71
N ASN A 50 12.69 -0.08 2.09
CA ASN A 50 12.91 -0.16 0.61
C ASN A 50 11.61 0.20 -0.12
N GLY A 51 10.49 -0.34 0.33
CA GLY A 51 9.21 -0.04 -0.35
C GLY A 51 8.61 -1.33 -0.92
N LEU A 52 8.99 -2.45 -0.38
CA LEU A 52 8.45 -3.73 -0.90
C LEU A 52 7.29 -4.20 -0.02
N CYS A 53 6.72 -5.33 -0.35
CA CYS A 53 5.57 -5.84 0.46
C CYS A 53 6.11 -6.73 1.60
N PRO A 54 5.71 -6.42 2.81
CA PRO A 54 6.13 -7.18 4.00
C PRO A 54 5.29 -8.46 4.14
N ALA A 55 4.48 -8.76 3.17
CA ALA A 55 3.63 -9.98 3.26
C ALA A 55 3.88 -10.90 2.06
N CYS A 56 4.09 -10.34 0.90
CA CYS A 56 4.32 -11.21 -0.30
C CYS A 56 5.68 -10.89 -0.93
N ARG A 57 6.33 -9.83 -0.50
CA ARG A 57 7.65 -9.48 -1.10
C ARG A 57 7.45 -9.01 -2.54
N LYS A 58 6.75 -7.93 -2.72
CA LYS A 58 6.52 -7.39 -4.09
C LYS A 58 6.67 -5.88 -4.05
N PRO A 59 7.08 -5.32 -5.16
CA PRO A 59 7.28 -3.86 -5.26
C PRO A 59 5.94 -3.14 -5.37
N TYR A 60 5.70 -2.22 -4.47
CA TYR A 60 4.40 -1.48 -4.49
C TYR A 60 4.07 -1.06 -5.93
N PRO A 61 2.80 -0.83 -6.18
CA PRO A 61 2.31 -0.42 -7.51
C PRO A 61 2.57 1.08 -7.72
N GLU A 62 2.53 1.53 -8.95
CA GLU A 62 2.78 2.98 -9.23
C GLU A 62 1.62 3.56 -10.02
N ASP A 63 0.87 2.73 -10.70
CA ASP A 63 -0.28 3.26 -11.50
C ASP A 63 0.25 4.14 -12.63
N PRO A 64 0.68 3.51 -13.69
CA PRO A 64 1.23 4.21 -14.86
C PRO A 64 0.10 4.81 -15.72
N ALA A 65 -1.00 4.12 -15.83
CA ALA A 65 -2.12 4.66 -16.64
C ALA A 65 -1.61 5.01 -18.04
N VAL A 66 -0.95 4.08 -18.69
CA VAL A 66 -0.43 4.36 -20.06
C VAL A 66 -0.62 3.13 -20.94
N TYR A 67 -0.39 1.96 -20.39
CA TYR A 67 -0.56 0.72 -21.20
C TYR A 67 0.44 0.73 -22.36
N LYS A 68 1.64 1.22 -22.14
CA LYS A 68 2.64 1.25 -23.24
C LYS A 68 4.03 1.53 -22.67
N PRO A 69 4.57 0.56 -21.96
CA PRO A 69 5.90 0.67 -21.36
C PRO A 69 6.98 0.43 -22.42
N LEU A 70 8.21 0.67 -22.10
CA LEU A 70 9.30 0.45 -23.10
C LEU A 70 9.08 1.36 -24.31
N SER A 71 8.70 2.59 -24.07
CA SER A 71 8.46 3.52 -25.22
C SER A 71 8.65 4.96 -24.73
N GLN A 72 9.79 5.55 -25.03
CA GLN A 72 10.04 6.94 -24.58
C GLN A 72 10.90 7.67 -25.62
N GLU A 73 11.81 6.98 -26.25
CA GLU A 73 12.68 7.64 -27.27
C GLU A 73 12.67 6.82 -28.55
N GLU A 74 13.43 7.23 -29.53
CA GLU A 74 13.47 6.47 -30.81
C GLU A 74 14.54 5.38 -30.74
N LEU A 75 14.22 4.18 -31.13
CA LEU A 75 15.23 3.09 -31.07
C LEU A 75 16.49 3.51 -31.82
N GLN A 76 16.46 3.49 -33.13
CA GLN A 76 17.66 3.91 -33.90
C GLN A 76 17.43 3.63 -35.39
N ARG A 77 16.96 2.46 -35.72
CA ARG A 77 16.71 2.12 -37.14
C ARG A 77 15.81 3.20 -37.77
N ILE A 78 15.94 3.43 -39.04
CA ILE A 78 15.09 4.46 -39.70
C ILE A 78 14.40 3.86 -40.91
ZN ZN B . -0.03 1.16 9.68
ZN ZN C . 2.11 -7.89 -1.46
N MET A 1 -14.01 -4.26 24.38
CA MET A 1 -15.37 -4.83 24.22
C MET A 1 -16.22 -3.90 23.36
N SER A 2 -17.18 -4.44 22.66
CA SER A 2 -18.04 -3.58 21.80
C SER A 2 -19.49 -3.63 22.30
N ARG A 3 -19.70 -4.14 23.49
CA ARG A 3 -21.08 -4.21 24.03
C ARG A 3 -22.00 -4.88 23.00
N SER A 4 -21.61 -6.01 22.48
CA SER A 4 -22.45 -6.71 21.47
C SER A 4 -21.85 -8.08 21.15
N PRO A 5 -22.66 -8.95 20.61
CA PRO A 5 -22.25 -10.31 20.24
C PRO A 5 -21.44 -10.28 18.94
N ASP A 6 -22.01 -9.75 17.90
CA ASP A 6 -21.28 -9.69 16.60
C ASP A 6 -20.56 -8.34 16.50
N ALA A 7 -20.50 -7.77 15.32
CA ALA A 7 -19.82 -6.46 15.17
C ALA A 7 -20.14 -5.87 13.79
N LYS A 8 -19.62 -6.44 12.75
CA LYS A 8 -19.89 -5.91 11.38
C LYS A 8 -19.81 -4.39 11.40
N GLU A 9 -18.63 -3.85 11.29
CA GLU A 9 -18.47 -2.37 11.31
C GLU A 9 -17.01 -2.02 11.03
N ASP A 10 -16.68 -1.70 9.82
CA ASP A 10 -15.27 -1.36 9.49
C ASP A 10 -14.35 -2.44 10.06
N PRO A 11 -14.51 -3.64 9.56
CA PRO A 11 -13.71 -4.81 10.00
C PRO A 11 -12.34 -4.81 9.33
N VAL A 12 -11.70 -3.69 9.21
CA VAL A 12 -10.37 -3.64 8.56
C VAL A 12 -9.45 -2.70 9.33
N GLU A 13 -8.26 -3.12 9.63
CA GLU A 13 -7.31 -2.26 10.38
C GLU A 13 -5.88 -2.57 9.95
N CYS A 14 -5.11 -1.55 9.63
CA CYS A 14 -3.70 -1.79 9.21
C CYS A 14 -3.03 -2.75 10.19
N PRO A 15 -2.65 -3.91 9.72
CA PRO A 15 -1.97 -4.93 10.54
C PRO A 15 -0.48 -4.58 10.68
N LEU A 16 0.00 -3.69 9.86
CA LEU A 16 1.44 -3.30 9.92
C LEU A 16 1.72 -2.53 11.22
N CYS A 17 0.87 -1.62 11.57
CA CYS A 17 1.08 -0.84 12.81
C CYS A 17 -0.16 -0.97 13.70
N MET A 18 -1.15 -1.66 13.22
CA MET A 18 -2.39 -1.84 14.01
C MET A 18 -3.11 -0.49 14.14
N GLU A 19 -3.93 -0.16 13.18
CA GLU A 19 -4.66 1.14 13.25
C GLU A 19 -6.02 1.00 12.57
N PRO A 20 -6.86 1.98 12.78
CA PRO A 20 -8.21 2.01 12.20
C PRO A 20 -8.16 2.40 10.72
N LEU A 21 -8.48 1.49 9.84
CA LEU A 21 -8.45 1.80 8.39
C LEU A 21 -9.73 2.56 8.01
N GLU A 22 -9.60 3.67 7.33
CA GLU A 22 -10.80 4.45 6.93
C GLU A 22 -11.57 3.71 5.84
N ILE A 23 -12.35 4.42 5.07
CA ILE A 23 -13.13 3.75 3.99
C ILE A 23 -12.31 3.73 2.69
N ASP A 24 -11.75 4.86 2.31
CA ASP A 24 -10.95 4.89 1.05
C ASP A 24 -9.55 4.32 1.29
N ASP A 25 -9.17 4.15 2.53
CA ASP A 25 -7.82 3.59 2.82
C ASP A 25 -7.84 2.07 2.67
N ILE A 26 -8.99 1.47 2.77
CA ILE A 26 -9.08 -0.01 2.64
C ILE A 26 -8.54 -0.43 1.27
N ASN A 27 -9.20 -0.04 0.21
CA ASN A 27 -8.73 -0.44 -1.15
C ASN A 27 -7.32 0.10 -1.39
N PHE A 28 -6.93 1.12 -0.66
CA PHE A 28 -5.57 1.68 -0.86
C PHE A 28 -4.52 0.77 -0.22
N PHE A 29 -3.66 0.20 -1.01
CA PHE A 29 -2.61 -0.69 -0.45
C PHE A 29 -1.28 -0.42 -1.16
N PRO A 30 -0.21 -0.71 -0.49
CA PRO A 30 1.14 -0.51 -1.03
C PRO A 30 1.46 -1.64 -2.02
N CYS A 31 0.64 -2.65 -2.06
CA CYS A 31 0.89 -3.77 -3.01
C CYS A 31 -0.44 -4.30 -3.54
N THR A 32 -0.44 -4.86 -4.72
CA THR A 32 -1.72 -5.38 -5.31
C THR A 32 -1.94 -6.85 -4.94
N CYS A 33 -1.44 -7.29 -3.82
CA CYS A 33 -1.66 -8.72 -3.45
C CYS A 33 -2.75 -8.82 -2.38
N GLY A 34 -3.26 -7.71 -1.94
CA GLY A 34 -4.35 -7.74 -0.92
C GLY A 34 -3.85 -7.13 0.40
N TYR A 35 -2.69 -7.51 0.85
CA TYR A 35 -2.19 -6.94 2.14
C TYR A 35 -2.39 -5.42 2.14
N GLN A 36 -3.49 -4.96 2.71
CA GLN A 36 -3.74 -3.49 2.75
C GLN A 36 -3.28 -2.94 4.09
N ILE A 37 -2.77 -1.74 4.11
CA ILE A 37 -2.30 -1.15 5.40
C ILE A 37 -2.78 0.29 5.52
N CYS A 38 -2.25 1.03 6.45
CA CYS A 38 -2.67 2.44 6.63
C CYS A 38 -1.76 3.35 5.80
N ARG A 39 -2.06 4.61 5.75
CA ARG A 39 -1.20 5.53 4.94
C ARG A 39 0.02 5.95 5.76
N PHE A 40 -0.02 5.73 7.05
CA PHE A 40 1.14 6.12 7.90
C PHE A 40 2.23 5.03 7.83
N CYS A 41 1.88 3.87 7.34
CA CYS A 41 2.88 2.78 7.24
C CYS A 41 3.57 2.83 5.88
N TRP A 42 2.84 3.04 4.82
CA TRP A 42 3.46 3.11 3.47
C TRP A 42 4.32 4.37 3.37
N HIS A 43 4.17 5.27 4.29
CA HIS A 43 4.98 6.52 4.25
C HIS A 43 6.31 6.29 4.97
N ARG A 44 6.46 5.17 5.62
CA ARG A 44 7.74 4.89 6.35
C ARG A 44 8.51 3.80 5.61
N ILE A 45 7.84 2.93 4.91
CA ILE A 45 8.55 1.85 4.18
C ILE A 45 9.18 2.42 2.91
N ARG A 46 8.38 2.95 2.03
CA ARG A 46 8.93 3.52 0.77
C ARG A 46 9.87 4.70 1.11
N THR A 47 9.81 5.17 2.32
CA THR A 47 10.70 6.31 2.71
C THR A 47 11.90 5.78 3.50
N ASP A 48 11.69 5.40 4.73
CA ASP A 48 12.81 4.88 5.55
C ASP A 48 13.28 3.54 4.99
N GLU A 49 12.37 2.70 4.58
CA GLU A 49 12.76 1.38 4.02
C GLU A 49 12.93 1.49 2.51
N ASN A 50 12.69 0.42 1.80
CA ASN A 50 12.83 0.46 0.31
C ASN A 50 11.45 0.61 -0.32
N GLY A 51 10.52 -0.25 0.02
CA GLY A 51 9.16 -0.16 -0.57
C GLY A 51 8.73 -1.54 -1.08
N LEU A 52 8.94 -2.57 -0.29
CA LEU A 52 8.52 -3.93 -0.74
C LEU A 52 7.31 -4.39 0.08
N CYS A 53 6.69 -5.46 -0.32
CA CYS A 53 5.51 -5.97 0.42
C CYS A 53 5.97 -6.90 1.56
N PRO A 54 5.52 -6.62 2.76
CA PRO A 54 5.86 -7.43 3.94
C PRO A 54 5.00 -8.70 3.98
N ALA A 55 4.23 -8.94 2.95
CA ALA A 55 3.36 -10.15 2.95
C ALA A 55 3.71 -11.02 1.74
N CYS A 56 3.94 -10.43 0.59
CA CYS A 56 4.27 -11.25 -0.61
C CYS A 56 5.68 -10.88 -1.10
N ARG A 57 6.23 -9.81 -0.60
CA ARG A 57 7.60 -9.41 -1.02
C ARG A 57 7.60 -8.83 -2.44
N LYS A 58 6.53 -8.19 -2.85
CA LYS A 58 6.50 -7.61 -4.23
C LYS A 58 6.73 -6.10 -4.12
N PRO A 59 7.19 -5.52 -5.20
CA PRO A 59 7.46 -4.08 -5.26
C PRO A 59 6.15 -3.29 -5.41
N TYR A 60 5.85 -2.44 -4.46
CA TYR A 60 4.60 -1.63 -4.53
C TYR A 60 4.36 -1.17 -5.97
N PRO A 61 3.12 -0.84 -6.26
CA PRO A 61 2.73 -0.37 -7.60
C PRO A 61 3.14 1.09 -7.80
N GLU A 62 3.77 1.69 -6.82
CA GLU A 62 4.19 3.10 -6.97
C GLU A 62 5.68 3.15 -7.32
N ASP A 63 6.05 4.01 -8.24
CA ASP A 63 7.48 4.10 -8.62
C ASP A 63 7.88 2.84 -9.40
N PRO A 64 8.73 3.03 -10.38
CA PRO A 64 9.21 1.92 -11.23
C PRO A 64 10.30 1.12 -10.50
N ALA A 65 11.08 1.78 -9.69
CA ALA A 65 12.16 1.05 -8.96
C ALA A 65 13.17 0.51 -9.97
N VAL A 66 13.21 1.09 -11.13
CA VAL A 66 14.17 0.61 -12.17
C VAL A 66 14.43 1.74 -13.18
N TYR A 67 13.41 2.49 -13.52
CA TYR A 67 13.59 3.60 -14.49
C TYR A 67 14.00 3.02 -15.84
N LYS A 68 13.06 2.86 -16.74
CA LYS A 68 13.39 2.30 -18.08
C LYS A 68 13.07 3.33 -19.17
N PRO A 69 14.02 3.60 -20.01
CA PRO A 69 13.84 4.57 -21.11
C PRO A 69 13.09 3.93 -22.28
N LEU A 70 12.06 4.56 -22.77
CA LEU A 70 11.29 3.99 -23.91
C LEU A 70 10.87 5.12 -24.85
N SER A 71 10.81 4.85 -26.13
CA SER A 71 10.42 5.91 -27.09
C SER A 71 8.89 5.94 -27.26
N GLN A 72 8.37 7.01 -27.77
CA GLN A 72 6.89 7.11 -27.96
C GLN A 72 6.60 8.03 -29.15
N GLU A 73 5.44 7.90 -29.74
CA GLU A 73 5.11 8.77 -30.91
C GLU A 73 6.25 8.69 -31.95
N GLU A 74 6.68 9.81 -32.48
CA GLU A 74 7.78 9.76 -33.49
C GLU A 74 8.98 10.56 -32.98
N LEU A 75 9.85 9.92 -32.23
CA LEU A 75 11.05 10.64 -31.70
C LEU A 75 12.28 9.77 -31.89
N GLN A 76 12.58 9.39 -33.11
CA GLN A 76 13.78 8.54 -33.36
C GLN A 76 15.04 9.27 -32.92
N ARG A 77 15.42 10.29 -33.64
CA ARG A 77 16.67 11.05 -33.27
C ARG A 77 16.65 12.41 -33.96
N ILE A 78 16.64 13.47 -33.19
CA ILE A 78 16.63 14.83 -33.81
C ILE A 78 15.49 14.93 -34.82
ZN ZN B . -0.11 1.15 9.64
ZN ZN C . 2.05 -7.89 -1.71
N MET A 1 -34.51 -1.91 21.24
CA MET A 1 -35.70 -2.19 20.40
C MET A 1 -35.64 -3.63 19.87
N SER A 2 -34.67 -3.92 19.05
CA SER A 2 -34.55 -5.30 18.50
C SER A 2 -33.14 -5.49 17.92
N ARG A 3 -32.61 -4.49 17.29
CA ARG A 3 -31.24 -4.61 16.71
C ARG A 3 -30.39 -3.43 17.15
N SER A 4 -30.57 -2.29 16.52
CA SER A 4 -29.78 -1.10 16.91
C SER A 4 -28.29 -1.36 16.66
N PRO A 5 -27.49 -0.34 16.88
CA PRO A 5 -26.02 -0.42 16.69
C PRO A 5 -25.37 -1.15 17.86
N ASP A 6 -24.68 -2.22 17.59
CA ASP A 6 -24.01 -2.97 18.70
C ASP A 6 -22.55 -3.23 18.33
N ALA A 7 -21.71 -3.49 19.30
CA ALA A 7 -20.28 -3.74 19.01
C ALA A 7 -20.09 -5.19 18.57
N LYS A 8 -19.85 -5.41 17.31
CA LYS A 8 -19.66 -6.81 16.81
C LYS A 8 -19.38 -6.79 15.31
N GLU A 9 -18.15 -6.56 14.94
CA GLU A 9 -17.82 -6.53 13.49
C GLU A 9 -16.33 -6.82 13.30
N ASP A 10 -15.84 -6.70 12.09
CA ASP A 10 -14.39 -6.98 11.85
C ASP A 10 -13.97 -6.31 10.54
N PRO A 11 -13.72 -5.03 10.62
CA PRO A 11 -13.30 -4.22 9.45
C PRO A 11 -11.82 -4.47 9.14
N VAL A 12 -11.31 -3.84 8.12
CA VAL A 12 -9.88 -4.04 7.77
C VAL A 12 -9.00 -3.08 8.60
N GLU A 13 -7.94 -3.57 9.15
CA GLU A 13 -7.05 -2.68 9.97
C GLU A 13 -5.60 -2.89 9.56
N CYS A 14 -4.84 -1.83 9.51
CA CYS A 14 -3.41 -1.97 9.11
C CYS A 14 -2.76 -3.10 9.92
N PRO A 15 -2.28 -4.09 9.22
CA PRO A 15 -1.61 -5.26 9.85
C PRO A 15 -0.16 -4.91 10.20
N LEU A 16 0.27 -3.73 9.88
CA LEU A 16 1.69 -3.35 10.18
C LEU A 16 1.75 -2.52 11.47
N CYS A 17 0.68 -1.86 11.82
CA CYS A 17 0.70 -1.04 13.07
C CYS A 17 -0.66 -1.11 13.77
N MET A 18 -1.52 -1.99 13.32
CA MET A 18 -2.86 -2.11 13.95
C MET A 18 -3.59 -0.76 13.94
N GLU A 19 -4.71 -0.70 13.26
CA GLU A 19 -5.47 0.58 13.21
C GLU A 19 -6.64 0.44 12.23
N PRO A 20 -7.70 1.15 12.52
CA PRO A 20 -8.93 1.12 11.69
C PRO A 20 -8.76 1.98 10.44
N LEU A 21 -8.72 1.36 9.30
CA LEU A 21 -8.56 2.13 8.03
C LEU A 21 -9.89 2.79 7.67
N GLU A 22 -9.88 4.05 7.32
CA GLU A 22 -11.14 4.72 6.94
C GLU A 22 -11.75 3.98 5.74
N ILE A 23 -12.67 4.59 5.05
CA ILE A 23 -13.28 3.91 3.87
C ILE A 23 -12.31 3.98 2.69
N ASP A 24 -11.81 5.14 2.39
CA ASP A 24 -10.87 5.28 1.25
C ASP A 24 -9.46 4.83 1.68
N ASP A 25 -9.33 4.32 2.87
CA ASP A 25 -8.00 3.87 3.34
C ASP A 25 -7.91 2.34 3.26
N ILE A 26 -9.01 1.69 2.97
CA ILE A 26 -9.00 0.21 2.87
C ILE A 26 -8.40 -0.22 1.54
N ASN A 27 -9.05 0.10 0.45
CA ASN A 27 -8.51 -0.29 -0.88
C ASN A 27 -7.12 0.31 -1.06
N PHE A 28 -6.76 1.26 -0.25
CA PHE A 28 -5.40 1.88 -0.38
C PHE A 28 -4.35 0.86 0.05
N PHE A 29 -3.79 0.12 -0.87
CA PHE A 29 -2.75 -0.88 -0.48
C PHE A 29 -1.47 -0.63 -1.27
N PRO A 30 -0.35 -0.82 -0.62
CA PRO A 30 0.96 -0.63 -1.25
C PRO A 30 1.32 -1.87 -2.08
N CYS A 31 0.48 -2.85 -2.09
CA CYS A 31 0.77 -4.08 -2.89
C CYS A 31 -0.52 -4.62 -3.51
N THR A 32 -0.41 -5.44 -4.51
CA THR A 32 -1.64 -5.99 -5.17
C THR A 32 -2.05 -7.32 -4.51
N CYS A 33 -1.28 -7.81 -3.57
CA CYS A 33 -1.66 -9.10 -2.93
C CYS A 33 -2.82 -8.87 -1.95
N GLY A 34 -3.11 -7.63 -1.63
CA GLY A 34 -4.24 -7.35 -0.71
C GLY A 34 -3.71 -7.05 0.70
N TYR A 35 -2.45 -6.75 0.82
CA TYR A 35 -1.90 -6.45 2.18
C TYR A 35 -2.04 -4.95 2.45
N GLN A 36 -3.14 -4.36 2.04
CA GLN A 36 -3.34 -2.89 2.25
C GLN A 36 -2.82 -2.49 3.64
N ILE A 37 -2.32 -1.30 3.76
CA ILE A 37 -1.81 -0.83 5.07
C ILE A 37 -2.37 0.57 5.35
N CYS A 38 -1.92 1.23 6.37
CA CYS A 38 -2.45 2.59 6.67
C CYS A 38 -1.58 3.64 5.96
N ARG A 39 -1.80 4.90 6.24
CA ARG A 39 -0.99 5.96 5.57
C ARG A 39 0.30 6.20 6.35
N PHE A 40 0.26 6.06 7.64
CA PHE A 40 1.49 6.29 8.45
C PHE A 40 2.49 5.15 8.23
N CYS A 41 2.06 4.05 7.68
CA CYS A 41 2.99 2.92 7.43
C CYS A 41 3.59 3.06 6.03
N TRP A 42 2.76 3.25 5.04
CA TRP A 42 3.28 3.39 3.64
C TRP A 42 4.10 4.67 3.54
N HIS A 43 3.91 5.59 4.44
CA HIS A 43 4.68 6.87 4.39
C HIS A 43 6.12 6.62 4.86
N ARG A 44 6.34 5.58 5.60
CA ARG A 44 7.72 5.30 6.09
C ARG A 44 8.33 4.13 5.29
N ILE A 45 7.51 3.34 4.65
CA ILE A 45 8.04 2.20 3.87
C ILE A 45 8.71 2.72 2.60
N ARG A 46 8.09 3.66 1.95
CA ARG A 46 8.67 4.22 0.69
C ARG A 46 9.59 5.40 1.04
N THR A 47 10.20 5.38 2.20
CA THR A 47 11.08 6.51 2.60
C THR A 47 12.31 5.96 3.32
N ASP A 48 12.13 4.96 4.13
CA ASP A 48 13.29 4.37 4.87
C ASP A 48 13.44 2.89 4.52
N GLU A 49 12.42 2.31 3.95
CA GLU A 49 12.50 0.86 3.59
C GLU A 49 12.73 0.73 2.08
N ASN A 50 12.47 -0.42 1.52
CA ASN A 50 12.68 -0.60 0.06
C ASN A 50 11.33 -0.54 -0.67
N GLY A 51 10.31 -0.07 0.00
CA GLY A 51 8.97 0.02 -0.65
C GLY A 51 8.55 -1.38 -1.12
N LEU A 52 8.91 -2.40 -0.36
CA LEU A 52 8.52 -3.78 -0.76
C LEU A 52 7.35 -4.26 0.10
N CYS A 53 6.75 -5.36 -0.28
CA CYS A 53 5.61 -5.89 0.51
C CYS A 53 6.13 -6.86 1.57
N PRO A 54 5.88 -6.54 2.82
CA PRO A 54 6.32 -7.37 3.95
C PRO A 54 5.37 -8.55 4.14
N ALA A 55 4.43 -8.72 3.25
CA ALA A 55 3.46 -9.85 3.40
C ALA A 55 3.63 -10.84 2.25
N CYS A 56 4.06 -10.38 1.10
CA CYS A 56 4.23 -11.32 -0.04
C CYS A 56 5.51 -10.98 -0.83
N ARG A 57 6.36 -10.16 -0.27
CA ARG A 57 7.61 -9.79 -1.01
C ARG A 57 7.24 -9.35 -2.41
N LYS A 58 6.81 -8.14 -2.57
CA LYS A 58 6.42 -7.64 -3.93
C LYS A 58 6.68 -6.13 -4.00
N PRO A 59 7.04 -5.66 -5.16
CA PRO A 59 7.32 -4.24 -5.37
C PRO A 59 6.02 -3.43 -5.43
N TYR A 60 5.87 -2.49 -4.54
CA TYR A 60 4.63 -1.66 -4.51
C TYR A 60 4.30 -1.19 -5.93
N PRO A 61 3.03 -0.96 -6.17
CA PRO A 61 2.55 -0.50 -7.48
C PRO A 61 2.79 1.00 -7.65
N GLU A 62 3.30 1.40 -8.79
CA GLU A 62 3.55 2.85 -9.03
C GLU A 62 3.26 3.16 -10.51
N ASP A 63 3.70 4.29 -10.97
CA ASP A 63 3.43 4.65 -12.40
C ASP A 63 4.66 4.28 -13.25
N PRO A 64 4.41 3.62 -14.35
CA PRO A 64 5.49 3.19 -15.28
C PRO A 64 5.92 4.37 -16.14
N ALA A 65 5.20 5.46 -16.10
CA ALA A 65 5.57 6.64 -16.92
C ALA A 65 6.98 7.10 -16.56
N VAL A 66 7.10 7.97 -15.59
CA VAL A 66 8.45 8.46 -15.20
C VAL A 66 9.20 8.90 -16.45
N TYR A 67 8.47 9.25 -17.48
CA TYR A 67 9.13 9.68 -18.75
C TYR A 67 10.13 10.80 -18.46
N LYS A 68 11.30 10.72 -19.01
CA LYS A 68 12.32 11.78 -18.77
C LYS A 68 12.28 12.77 -19.95
N PRO A 69 12.18 14.04 -19.63
CA PRO A 69 12.12 15.10 -20.65
C PRO A 69 13.53 15.37 -21.20
N LEU A 70 14.31 16.15 -20.49
CA LEU A 70 15.69 16.46 -20.97
C LEU A 70 15.60 17.29 -22.25
N SER A 71 16.69 17.39 -22.97
CA SER A 71 16.67 18.19 -24.23
C SER A 71 15.53 17.71 -25.13
N GLN A 72 14.95 18.61 -25.88
CA GLN A 72 13.82 18.21 -26.77
C GLN A 72 14.37 17.78 -28.13
N GLU A 73 15.27 16.83 -28.15
CA GLU A 73 15.84 16.38 -29.44
C GLU A 73 16.63 17.52 -30.08
N GLU A 74 17.41 17.24 -31.09
CA GLU A 74 18.20 18.32 -31.74
C GLU A 74 18.21 18.10 -33.27
N LEU A 75 19.24 17.50 -33.78
CA LEU A 75 19.29 17.26 -35.26
C LEU A 75 19.26 18.60 -36.00
N GLN A 76 19.43 18.56 -37.29
CA GLN A 76 19.40 19.84 -38.08
C GLN A 76 20.77 20.54 -37.97
N ARG A 77 21.04 21.12 -36.83
CA ARG A 77 22.36 21.83 -36.66
C ARG A 77 22.50 22.90 -37.74
N ILE A 78 22.39 24.14 -37.37
CA ILE A 78 22.54 25.24 -38.37
C ILE A 78 23.80 26.04 -38.08
ZN ZN B . -0.01 1.13 9.71
ZN ZN C . 2.06 -8.10 -1.30
#